data_9IGZ
#
_entry.id   9IGZ
#
_cell.length_a   1.00
_cell.length_b   1.00
_cell.length_c   1.00
_cell.angle_alpha   90.00
_cell.angle_beta   90.00
_cell.angle_gamma   90.00
#
_symmetry.space_group_name_H-M   'P 1'
#
_entity_poly.entity_id   1
_entity_poly.type   'polypeptide(L)'
_entity_poly.pdbx_seq_one_letter_code
;GAFPSSVQIGGLFIRNTDQEYTAFRLAIFLHNTSPNASEAPFNLVPHVDNIETANSFAVTNAFCSQYSRGVFAIFGLYDK
RSVHTLTSFCSALHISLITPSFPTEGESQFVLQLRPSLRGALLSLLDHYEWNCFVFLYDTDRGYSILQAIMEKAGQNGWH
VSAICVENFNDVSYRQLLEELDRRQEKKFVIDCEIERLQNILEQIVSVGKHVKGYHYIIANLGFKDISLERFIHGGANVT
GFQLVDFNTPMVTKLMDRWKKLDQREYPGSETPPKYTSALTYDGVLVMAETFRSLRRQKIDISRRGNAGDCLANPAAPWG
QGIDMERTLKQVRIQGLTGNVQFDHYGRRVNYTMDVFELKSTGPRKVGYWNDMDKLVLIQDMPTLGNDTAAIENRTVVVT
TIMESPYVMYKKNHEMFEGNDKYEGYCVDLASEIAKHIGIKYKIAIVPDGKYGARDADTKIWNGMVGELVYGKAEIAIAP
LTITLVREEVIDFSKPFMSLGISIMIKKPQKSKPGVFSFLDPLAYEIWMCIVFAYIGVSVVLFLVSRFSPYEWHTEEPED
GKEGPSDQPPNEFGIFNSLWFSLGAFMQQGCDISPRSLSGRIVGGVWWFFTLIIISSYTANLAAFLTVERMVSPIESAED
LAKQTEIAYGTLDSGSTKEFFRRSKIAVYEKMWTYMRSAEPSVFTRTTAEGVARVRKSKGKFAFLLESTMNEYIEQRKPC
DTMKVGGNLDSKGYGVATPKGSSLRTPVNLAVLKLSEAGVLDKLKNKWWYDKGECGPKDSGSKDKTSALSLSNVAGVFYI
LVGGLGLAMLVALIEFCYKSRAEAKRMKLTFSEATRNKARLSITGSVGENGRVLTPDCPKAVHTGTAIRQSSGLAVIASD
LP
;
_entity_poly.pdbx_strand_id   D,C,B,A
#
# COMPACT_ATOMS: atom_id res chain seq x y z
N PRO A 4 23.00 28.89 -41.34
CA PRO A 4 21.71 28.45 -40.78
C PRO A 4 21.71 28.43 -39.26
N SER A 5 21.40 29.57 -38.64
CA SER A 5 21.38 29.65 -37.19
C SER A 5 20.16 28.93 -36.60
N SER A 6 19.04 28.92 -37.31
CA SER A 6 17.80 28.31 -36.84
C SER A 6 17.55 27.02 -37.61
N VAL A 7 17.25 25.96 -36.87
CA VAL A 7 16.95 24.65 -37.46
C VAL A 7 15.59 24.20 -36.94
N GLN A 8 14.67 23.91 -37.85
CA GLN A 8 13.32 23.49 -37.51
C GLN A 8 13.28 21.98 -37.31
N ILE A 9 12.81 21.56 -36.14
CA ILE A 9 12.73 20.14 -35.80
C ILE A 9 11.30 19.82 -35.38
N GLY A 10 10.73 18.77 -35.97
CA GLY A 10 9.39 18.35 -35.62
C GLY A 10 9.37 17.49 -34.36
N GLY A 11 8.28 17.59 -33.62
CA GLY A 11 8.11 16.80 -32.42
C GLY A 11 6.70 16.27 -32.24
N LEU A 12 6.58 14.96 -32.03
CA LEU A 12 5.29 14.31 -31.83
C LEU A 12 5.26 13.68 -30.45
N PHE A 13 4.16 13.92 -29.71
CA PHE A 13 4.00 13.36 -28.38
C PHE A 13 2.58 12.83 -28.23
N ILE A 14 2.46 11.63 -27.67
CA ILE A 14 1.16 10.99 -27.48
C ILE A 14 0.68 11.27 -26.06
N ARG A 15 -0.38 10.58 -25.63
CA ARG A 15 -0.95 10.83 -24.32
C ARG A 15 -0.05 10.27 -23.22
N ASN A 16 -0.18 10.86 -22.03
CA ASN A 16 0.56 10.44 -20.85
C ASN A 16 2.06 10.38 -21.12
N THR A 17 2.57 11.45 -21.73
CA THR A 17 3.99 11.60 -22.03
C THR A 17 4.49 12.97 -21.60
N ASP A 18 3.96 13.48 -20.49
CA ASP A 18 4.34 14.81 -20.02
C ASP A 18 5.83 14.87 -19.70
N GLN A 19 6.34 13.85 -19.00
CA GLN A 19 7.74 13.85 -18.61
C GLN A 19 8.66 13.88 -19.83
N GLU A 20 8.30 13.16 -20.88
CA GLU A 20 9.09 13.17 -22.10
C GLU A 20 9.14 14.55 -22.74
N TYR A 21 8.01 15.26 -22.75
CA TYR A 21 7.99 16.60 -23.33
C TYR A 21 8.90 17.56 -22.57
N THR A 22 8.87 17.50 -21.24
CA THR A 22 9.76 18.36 -20.45
C THR A 22 11.22 18.01 -20.70
N ALA A 23 11.53 16.72 -20.84
CA ALA A 23 12.90 16.33 -21.16
C ALA A 23 13.31 16.86 -22.53
N PHE A 24 12.38 16.82 -23.50
CA PHE A 24 12.67 17.38 -24.81
C PHE A 24 12.97 18.88 -24.70
N ARG A 25 12.14 19.61 -23.96
CA ARG A 25 12.37 21.04 -23.78
C ARG A 25 13.67 21.30 -23.02
N LEU A 26 13.94 20.50 -21.99
CA LEU A 26 15.18 20.67 -21.22
C LEU A 26 16.41 20.43 -22.08
N ALA A 27 16.40 19.37 -22.89
CA ALA A 27 17.55 19.06 -23.73
C ALA A 27 17.79 20.16 -24.76
N ILE A 28 16.72 20.65 -25.40
CA ILE A 28 16.89 21.69 -26.41
C ILE A 28 17.33 23.00 -25.77
N PHE A 29 16.89 23.27 -24.54
CA PHE A 29 17.33 24.47 -23.83
C PHE A 29 18.80 24.43 -23.49
N LEU A 30 19.30 23.27 -23.04
CA LEU A 30 20.72 23.15 -22.74
C LEU A 30 21.58 23.34 -23.98
N HIS A 31 21.15 22.77 -25.12
CA HIS A 31 21.90 22.99 -26.36
C HIS A 31 21.85 24.46 -26.79
N ASN A 32 20.68 25.08 -26.68
CA ASN A 32 20.56 26.47 -27.08
C ASN A 32 21.37 27.38 -26.17
N THR A 33 21.29 27.16 -24.85
CA THR A 33 22.05 27.95 -23.89
C THR A 33 23.30 27.16 -23.50
N SER A 34 24.26 27.15 -24.40
CA SER A 34 25.51 26.41 -24.22
C SER A 34 26.67 27.27 -24.69
N PRO A 35 27.87 27.04 -24.17
CA PRO A 35 29.04 27.77 -24.67
C PRO A 35 29.28 27.46 -26.15
N ASN A 36 29.81 28.45 -26.86
CA ASN A 36 30.00 28.33 -28.30
C ASN A 36 31.18 27.41 -28.61
N ALA A 37 30.92 26.11 -28.65
CA ALA A 37 31.95 25.12 -29.00
C ALA A 37 32.16 25.17 -30.51
N SER A 38 33.00 26.10 -30.94
CA SER A 38 33.28 26.31 -32.35
C SER A 38 33.97 25.10 -32.97
N PRO A 41 26.79 26.57 -32.47
CA PRO A 41 26.77 27.62 -33.49
C PRO A 41 25.41 27.73 -34.18
N PHE A 42 24.48 26.87 -33.79
CA PHE A 42 23.15 26.85 -34.38
C PHE A 42 22.12 26.62 -33.28
N ASN A 43 20.88 27.01 -33.56
CA ASN A 43 19.78 26.85 -32.62
C ASN A 43 18.72 25.93 -33.21
N LEU A 44 18.03 25.22 -32.32
CA LEU A 44 16.97 24.30 -32.70
C LEU A 44 15.64 24.90 -32.25
N VAL A 45 14.73 25.08 -33.19
CA VAL A 45 13.37 25.54 -32.91
C VAL A 45 12.42 24.35 -33.08
N PRO A 46 11.73 23.91 -32.03
CA PRO A 46 10.84 22.76 -32.15
C PRO A 46 9.41 23.15 -32.47
N HIS A 47 8.81 22.42 -33.40
CA HIS A 47 7.37 22.48 -33.64
C HIS A 47 6.78 21.20 -33.04
N VAL A 48 6.12 21.35 -31.90
CA VAL A 48 5.71 20.22 -31.08
C VAL A 48 4.20 20.09 -31.10
N ASP A 49 3.72 18.87 -31.28
CA ASP A 49 2.29 18.56 -31.26
C ASP A 49 2.06 17.44 -30.26
N ASN A 50 1.21 17.71 -29.27
CA ASN A 50 0.88 16.74 -28.21
C ASN A 50 -0.59 16.35 -28.36
N ILE A 51 -0.84 15.30 -29.12
CA ILE A 51 -2.18 14.79 -29.33
C ILE A 51 -2.50 13.77 -28.24
N GLU A 52 -3.74 13.79 -27.76
CA GLU A 52 -4.16 12.90 -26.68
C GLU A 52 -4.76 11.60 -27.18
N THR A 53 -5.54 11.66 -28.26
CA THR A 53 -6.17 10.45 -28.78
C THR A 53 -5.14 9.45 -29.29
N ALA A 54 -4.08 9.94 -29.93
CA ALA A 54 -2.99 9.11 -30.46
C ALA A 54 -3.48 8.11 -31.49
N ASN A 55 -4.53 8.46 -32.24
CA ASN A 55 -4.98 7.63 -33.35
C ASN A 55 -4.16 7.94 -34.60
N SER A 56 -4.33 7.10 -35.62
CA SER A 56 -3.55 7.26 -36.84
C SER A 56 -3.91 8.54 -37.57
N PHE A 57 -5.20 8.91 -37.57
CA PHE A 57 -5.64 10.11 -38.29
C PHE A 57 -5.03 11.37 -37.69
N ALA A 58 -5.01 11.46 -36.36
CA ALA A 58 -4.40 12.62 -35.71
C ALA A 58 -2.91 12.68 -35.99
N VAL A 59 -2.24 11.53 -35.97
CA VAL A 59 -0.81 11.49 -36.28
C VAL A 59 -0.55 11.97 -37.70
N THR A 60 -1.38 11.54 -38.65
CA THR A 60 -1.20 11.97 -40.03
C THR A 60 -1.38 13.47 -40.18
N ASN A 61 -2.40 14.04 -39.52
CA ASN A 61 -2.62 15.48 -39.58
C ASN A 61 -1.42 16.22 -39.03
N ALA A 62 -0.92 15.79 -37.86
CA ALA A 62 0.21 16.46 -37.23
C ALA A 62 1.47 16.33 -38.09
N PHE A 63 1.70 15.17 -38.69
CA PHE A 63 2.88 14.98 -39.53
C PHE A 63 2.81 15.88 -40.77
N CYS A 64 1.63 16.03 -41.35
CA CYS A 64 1.50 16.95 -42.48
C CYS A 64 1.78 18.39 -42.06
N SER A 65 1.31 18.77 -40.87
CA SER A 65 1.60 20.10 -40.37
C SER A 65 3.10 20.29 -40.17
N GLN A 66 3.78 19.28 -39.62
CA GLN A 66 5.22 19.36 -39.45
C GLN A 66 5.92 19.46 -40.81
N TYR A 67 5.47 18.67 -41.78
CA TYR A 67 6.05 18.73 -43.12
C TYR A 67 5.82 20.09 -43.76
N SER A 68 4.64 20.66 -43.55
CA SER A 68 4.35 22.00 -44.04
C SER A 68 5.14 23.07 -43.28
N ARG A 69 5.62 22.75 -42.08
CA ARG A 69 6.41 23.69 -41.29
C ARG A 69 7.90 23.62 -41.60
N GLY A 70 8.30 22.83 -42.58
CA GLY A 70 9.69 22.81 -43.03
C GLY A 70 10.68 22.26 -42.03
N VAL A 71 10.37 21.15 -41.38
CA VAL A 71 11.27 20.51 -40.44
C VAL A 71 12.17 19.53 -41.18
N PHE A 72 13.44 19.46 -40.77
CA PHE A 72 14.41 18.56 -41.38
C PHE A 72 14.38 17.18 -40.75
N ALA A 73 14.13 17.10 -39.45
CA ALA A 73 14.00 15.83 -38.74
C ALA A 73 12.83 15.94 -37.78
N ILE A 74 12.29 14.79 -37.40
CA ILE A 74 11.09 14.72 -36.57
C ILE A 74 11.36 13.77 -35.41
N PHE A 75 11.02 14.21 -34.20
CA PHE A 75 11.08 13.37 -33.01
C PHE A 75 9.66 12.97 -32.66
N GLY A 76 9.33 11.70 -32.88
CA GLY A 76 7.97 11.22 -32.72
C GLY A 76 7.88 10.05 -31.77
N LEU A 77 6.74 9.95 -31.08
CA LEU A 77 6.40 8.78 -30.28
C LEU A 77 5.22 8.08 -30.94
N TYR A 78 5.23 6.76 -30.92
CA TYR A 78 4.15 5.99 -31.51
C TYR A 78 3.88 4.74 -30.69
N ASP A 79 2.68 4.20 -30.87
CA ASP A 79 2.26 2.94 -30.28
C ASP A 79 1.94 1.96 -31.41
N LYS A 80 1.38 0.81 -31.05
CA LYS A 80 1.02 -0.18 -32.05
C LYS A 80 0.03 0.36 -33.07
N ARG A 81 -0.78 1.34 -32.67
CA ARG A 81 -1.76 1.90 -33.59
C ARG A 81 -1.10 2.78 -34.66
N SER A 82 -0.17 3.64 -34.25
CA SER A 82 0.39 4.65 -35.14
C SER A 82 1.81 4.35 -35.58
N VAL A 83 2.33 3.16 -35.29
CA VAL A 83 3.71 2.84 -35.68
C VAL A 83 3.83 2.77 -37.20
N HIS A 84 2.88 2.10 -37.85
CA HIS A 84 3.02 1.84 -39.28
C HIS A 84 2.85 3.11 -40.11
N THR A 85 1.82 3.90 -39.79
CA THR A 85 1.58 5.12 -40.56
C THR A 85 2.72 6.12 -40.42
N LEU A 86 3.26 6.29 -39.22
CA LEU A 86 4.33 7.26 -39.01
C LEU A 86 5.62 6.82 -39.69
N THR A 87 6.00 5.55 -39.51
CA THR A 87 7.22 5.05 -40.13
C THR A 87 7.15 5.09 -41.65
N SER A 88 6.01 4.68 -42.22
CA SER A 88 5.87 4.65 -43.67
C SER A 88 5.88 6.07 -44.26
N PHE A 89 5.20 7.01 -43.60
CA PHE A 89 5.20 8.39 -44.08
C PHE A 89 6.59 8.99 -44.01
N CYS A 90 7.33 8.72 -42.93
CA CYS A 90 8.68 9.24 -42.80
C CYS A 90 9.61 8.68 -43.86
N SER A 91 9.49 7.37 -44.15
CA SER A 91 10.36 6.76 -45.15
C SER A 91 10.00 7.19 -46.56
N ALA A 92 8.71 7.42 -46.83
CA ALA A 92 8.29 7.73 -48.19
C ALA A 92 8.80 9.10 -48.64
N LEU A 93 8.75 10.10 -47.77
CA LEU A 93 9.14 11.45 -48.11
C LEU A 93 10.59 11.76 -47.76
N HIS A 94 11.35 10.75 -47.33
CA HIS A 94 12.76 10.89 -46.99
C HIS A 94 12.99 11.84 -45.82
N ILE A 95 11.96 12.04 -45.00
CA ILE A 95 12.06 12.84 -43.78
C ILE A 95 12.32 11.86 -42.63
N SER A 96 13.52 11.91 -42.07
CA SER A 96 13.91 10.93 -41.09
C SER A 96 13.20 11.17 -39.76
N LEU A 97 13.09 10.10 -38.98
CA LEU A 97 12.40 10.12 -37.70
C LEU A 97 13.32 9.59 -36.62
N ILE A 98 13.29 10.22 -35.45
CA ILE A 98 14.03 9.76 -34.28
C ILE A 98 12.99 9.41 -33.21
N THR A 99 13.05 8.17 -32.73
CA THR A 99 12.04 7.71 -31.78
C THR A 99 12.68 6.98 -30.60
N PRO A 100 12.18 7.21 -29.39
CA PRO A 100 12.53 6.35 -28.25
C PRO A 100 11.56 5.20 -28.00
N SER A 101 10.60 4.98 -28.89
CA SER A 101 9.59 3.94 -28.69
C SER A 101 10.17 2.57 -29.02
N PHE A 102 9.33 1.54 -28.98
CA PHE A 102 9.77 0.18 -29.22
C PHE A 102 10.26 0.02 -30.66
N PRO A 103 11.22 -0.87 -30.88
CA PRO A 103 11.73 -1.08 -32.25
C PRO A 103 10.68 -1.73 -33.14
N THR A 104 10.85 -1.54 -34.44
CA THR A 104 9.93 -2.07 -35.43
C THR A 104 10.63 -3.10 -36.31
N GLU A 105 11.37 -4.02 -35.69
CA GLU A 105 12.13 -5.04 -36.37
C GLU A 105 11.33 -5.67 -37.52
N GLY A 106 12.02 -5.96 -38.61
CA GLY A 106 11.36 -6.34 -39.84
C GLY A 106 11.70 -5.39 -40.98
N GLU A 107 12.95 -4.91 -40.98
CA GLU A 107 13.49 -3.95 -41.94
C GLU A 107 12.85 -2.57 -41.77
N SER A 108 13.59 -1.53 -42.13
CA SER A 108 13.16 -0.16 -41.94
C SER A 108 14.12 0.78 -42.64
N GLN A 109 13.69 2.03 -42.80
CA GLN A 109 14.51 3.08 -43.40
C GLN A 109 14.08 4.42 -42.83
N PHE A 110 15.04 5.35 -42.76
CA PHE A 110 14.79 6.73 -42.33
C PHE A 110 14.19 6.80 -40.93
N VAL A 111 14.48 5.81 -40.10
CA VAL A 111 14.01 5.78 -38.72
C VAL A 111 15.14 5.29 -37.82
N LEU A 112 15.34 5.97 -36.71
CA LEU A 112 16.40 5.66 -35.76
C LEU A 112 15.76 5.32 -34.42
N GLN A 113 15.89 4.07 -33.99
CA GLN A 113 15.28 3.60 -32.75
C GLN A 113 16.25 3.84 -31.60
N LEU A 114 15.94 4.84 -30.76
CA LEU A 114 16.79 5.10 -29.60
C LEU A 114 16.68 3.97 -28.58
N ARG A 115 15.49 3.42 -28.42
CA ARG A 115 15.30 2.32 -27.47
C ARG A 115 15.97 1.06 -28.01
N PRO A 116 16.86 0.44 -27.25
CA PRO A 116 17.50 -0.80 -27.73
C PRO A 116 16.56 -1.98 -27.62
N SER A 117 16.92 -3.04 -28.37
CA SER A 117 16.14 -4.27 -28.32
C SER A 117 16.29 -4.94 -26.97
N LEU A 118 15.17 -5.47 -26.46
CA LEU A 118 15.14 -6.12 -25.16
C LEU A 118 15.05 -7.64 -25.24
N ARG A 119 14.71 -8.19 -26.40
CA ARG A 119 14.50 -9.63 -26.50
C ARG A 119 15.77 -10.39 -26.19
N GLY A 120 16.92 -9.86 -26.60
CA GLY A 120 18.18 -10.56 -26.36
C GLY A 120 18.50 -10.66 -24.88
N ALA A 121 18.36 -9.56 -24.15
CA ALA A 121 18.66 -9.56 -22.72
C ALA A 121 17.70 -10.45 -21.95
N LEU A 122 16.40 -10.38 -22.27
CA LEU A 122 15.43 -11.20 -21.56
C LEU A 122 15.64 -12.68 -21.85
N LEU A 123 15.94 -13.03 -23.09
CA LEU A 123 16.20 -14.43 -23.43
C LEU A 123 17.46 -14.94 -22.74
N SER A 124 18.51 -14.11 -22.68
CA SER A 124 19.73 -14.51 -21.97
C SER A 124 19.45 -14.72 -20.50
N LEU A 125 18.66 -13.83 -19.88
CA LEU A 125 18.32 -13.98 -18.48
C LEU A 125 17.54 -15.26 -18.22
N LEU A 126 16.57 -15.58 -19.09
CA LEU A 126 15.76 -16.78 -18.91
C LEU A 126 16.61 -18.04 -19.06
N ASP A 127 17.55 -18.05 -20.01
CA ASP A 127 18.43 -19.20 -20.15
C ASP A 127 19.32 -19.37 -18.93
N HIS A 128 19.79 -18.25 -18.35
CA HIS A 128 20.61 -18.32 -17.14
C HIS A 128 19.82 -18.88 -15.97
N TYR A 129 18.55 -18.50 -15.85
CA TYR A 129 17.73 -18.93 -14.73
C TYR A 129 17.18 -20.34 -14.89
N GLU A 130 17.37 -20.97 -16.06
CA GLU A 130 16.94 -22.35 -16.30
C GLU A 130 15.44 -22.52 -16.07
N TRP A 131 14.66 -21.51 -16.46
CA TRP A 131 13.22 -21.55 -16.29
C TRP A 131 12.57 -22.44 -17.33
N ASN A 132 11.54 -23.18 -16.92
CA ASN A 132 10.79 -24.05 -17.81
C ASN A 132 9.34 -23.62 -17.96
N CYS A 133 8.63 -23.46 -16.85
CA CYS A 133 7.23 -23.06 -16.86
C CYS A 133 7.07 -21.76 -16.10
N PHE A 134 6.44 -20.78 -16.72
CA PHE A 134 6.20 -19.49 -16.09
C PHE A 134 5.05 -18.78 -16.79
N VAL A 135 4.49 -17.80 -16.09
CA VAL A 135 3.35 -17.03 -16.59
C VAL A 135 3.89 -15.74 -17.19
N PHE A 136 3.65 -15.55 -18.49
CA PHE A 136 4.08 -14.36 -19.20
C PHE A 136 2.91 -13.40 -19.30
N LEU A 137 2.86 -12.43 -18.39
CA LEU A 137 1.85 -11.38 -18.45
C LEU A 137 2.32 -10.28 -19.39
N TYR A 138 1.47 -9.90 -20.34
CA TYR A 138 1.88 -8.95 -21.36
C TYR A 138 0.68 -8.18 -21.87
N ASP A 139 0.97 -7.09 -22.56
CA ASP A 139 -0.01 -6.31 -23.30
C ASP A 139 0.51 -6.11 -24.72
N THR A 140 -0.29 -5.45 -25.56
CA THR A 140 0.05 -5.26 -26.97
C THR A 140 0.21 -3.78 -27.30
N ASP A 141 0.57 -2.97 -26.31
CA ASP A 141 0.77 -1.55 -26.58
C ASP A 141 2.06 -1.30 -27.34
N ARG A 142 3.06 -2.15 -27.18
CA ARG A 142 4.38 -1.98 -27.78
C ARG A 142 4.69 -3.08 -28.76
N GLY A 143 3.72 -3.45 -29.59
CA GLY A 143 3.94 -4.47 -30.60
C GLY A 143 3.94 -5.87 -30.01
N TYR A 144 4.38 -6.82 -30.84
CA TYR A 144 4.36 -8.23 -30.49
C TYR A 144 5.74 -8.89 -30.62
N SER A 145 6.80 -8.10 -30.79
CA SER A 145 8.11 -8.70 -31.02
C SER A 145 8.56 -9.53 -29.83
N ILE A 146 8.37 -9.03 -28.62
CA ILE A 146 8.77 -9.78 -27.43
C ILE A 146 7.95 -11.06 -27.30
N LEU A 147 6.65 -10.96 -27.53
CA LEU A 147 5.79 -12.14 -27.41
C LEU A 147 6.16 -13.21 -28.42
N GLN A 148 6.40 -12.82 -29.67
CA GLN A 148 6.77 -13.78 -30.69
C GLN A 148 8.11 -14.43 -30.37
N ALA A 149 9.09 -13.63 -29.93
CA ALA A 149 10.40 -14.17 -29.60
C ALA A 149 10.33 -15.14 -28.43
N ILE A 150 9.56 -14.81 -27.39
CA ILE A 150 9.43 -15.67 -26.23
C ILE A 150 8.85 -17.03 -26.62
N MET A 151 7.78 -17.02 -27.42
CA MET A 151 7.15 -18.27 -27.82
C MET A 151 8.03 -19.07 -28.77
N GLU A 152 8.76 -18.39 -29.67
CA GLU A 152 9.67 -19.11 -30.55
C GLU A 152 10.77 -19.81 -29.76
N LYS A 153 11.33 -19.11 -28.77
CA LYS A 153 12.34 -19.74 -27.92
C LYS A 153 11.74 -20.89 -27.13
N ALA A 154 10.52 -20.70 -26.62
CA ALA A 154 9.86 -21.76 -25.86
C ALA A 154 9.60 -22.99 -26.72
N GLY A 155 9.14 -22.80 -27.96
CA GLY A 155 8.91 -23.92 -28.83
C GLY A 155 10.19 -24.68 -29.17
N GLN A 156 11.27 -23.95 -29.42
CA GLN A 156 12.54 -24.60 -29.71
C GLN A 156 13.15 -25.29 -28.50
N ASN A 157 12.77 -24.86 -27.30
CA ASN A 157 13.30 -25.44 -26.06
C ASN A 157 12.25 -26.21 -25.27
N GLY A 158 11.04 -26.33 -25.79
CA GLY A 158 10.01 -27.11 -25.11
C GLY A 158 9.59 -26.55 -23.77
N TRP A 159 9.37 -25.23 -23.70
CA TRP A 159 8.90 -24.61 -22.46
C TRP A 159 7.37 -24.54 -22.47
N HIS A 160 6.78 -24.78 -21.30
CA HIS A 160 5.33 -24.71 -21.14
C HIS A 160 4.96 -23.32 -20.61
N VAL A 161 5.11 -22.33 -21.49
CA VAL A 161 4.84 -20.94 -21.12
C VAL A 161 3.36 -20.66 -21.27
N SER A 162 2.75 -20.14 -20.21
CA SER A 162 1.35 -19.74 -20.22
C SER A 162 1.29 -18.23 -20.38
N ALA A 163 0.93 -17.78 -21.58
CA ALA A 163 0.88 -16.36 -21.90
C ALA A 163 -0.53 -15.83 -21.70
N ILE A 164 -0.65 -14.75 -20.94
CA ILE A 164 -1.94 -14.14 -20.65
C ILE A 164 -1.85 -12.66 -21.00
N CYS A 165 -2.82 -12.17 -21.75
CA CYS A 165 -2.90 -10.76 -22.08
C CYS A 165 -3.67 -10.01 -21.00
N VAL A 166 -3.11 -8.91 -20.53
CA VAL A 166 -3.71 -8.15 -19.44
C VAL A 166 -4.35 -6.86 -19.96
N GLU A 167 -4.73 -6.83 -21.24
CA GLU A 167 -5.41 -5.67 -21.79
C GLU A 167 -6.86 -5.63 -21.33
N ASN A 168 -7.30 -4.43 -20.94
CA ASN A 168 -8.70 -4.20 -20.55
C ASN A 168 -9.10 -5.10 -19.38
N PHE A 169 -8.28 -5.10 -18.34
CA PHE A 169 -8.59 -5.75 -17.07
C PHE A 169 -8.64 -4.70 -15.97
N ASN A 170 -9.58 -4.88 -15.04
CA ASN A 170 -9.68 -4.04 -13.86
C ASN A 170 -9.01 -4.75 -12.68
N ASP A 171 -9.10 -4.12 -11.51
CA ASP A 171 -8.46 -4.66 -10.31
C ASP A 171 -9.02 -6.03 -9.95
N VAL A 172 -10.34 -6.20 -10.07
CA VAL A 172 -10.96 -7.49 -9.78
C VAL A 172 -10.42 -8.56 -10.72
N SER A 173 -10.19 -8.21 -11.99
CA SER A 173 -9.67 -9.17 -12.95
C SER A 173 -8.28 -9.64 -12.57
N TYR A 174 -7.39 -8.73 -12.15
CA TYR A 174 -6.07 -9.14 -11.70
C TYR A 174 -6.16 -10.04 -10.48
N ARG A 175 -7.03 -9.72 -9.53
CA ARG A 175 -7.17 -10.55 -8.35
C ARG A 175 -7.65 -11.95 -8.69
N GLN A 176 -8.64 -12.06 -9.58
CA GLN A 176 -9.13 -13.36 -9.99
C GLN A 176 -8.06 -14.14 -10.75
N LEU A 177 -7.32 -13.48 -11.62
CA LEU A 177 -6.27 -14.14 -12.38
C LEU A 177 -5.16 -14.65 -11.46
N LEU A 178 -4.76 -13.84 -10.48
CA LEU A 178 -3.73 -14.26 -9.54
C LEU A 178 -4.19 -15.44 -8.71
N GLU A 179 -5.45 -15.43 -8.27
CA GLU A 179 -5.99 -16.55 -7.51
C GLU A 179 -6.01 -17.83 -8.33
N GLU A 180 -6.43 -17.73 -9.60
CA GLU A 180 -6.45 -18.91 -10.47
C GLU A 180 -5.04 -19.45 -10.68
N LEU A 181 -4.07 -18.57 -10.89
CA LEU A 181 -2.69 -19.02 -11.08
C LEU A 181 -2.13 -19.65 -9.82
N ASP A 182 -2.49 -19.10 -8.65
CA ASP A 182 -2.06 -19.69 -7.39
C ASP A 182 -2.66 -21.09 -7.22
N ARG A 183 -3.92 -21.26 -7.62
CA ARG A 183 -4.53 -22.59 -7.59
C ARG A 183 -3.79 -23.55 -8.52
N ARG A 184 -3.34 -23.05 -9.67
CA ARG A 184 -2.57 -23.87 -10.60
C ARG A 184 -1.16 -24.15 -10.10
N GLN A 185 -0.73 -23.50 -9.02
CA GLN A 185 0.58 -23.72 -8.42
C GLN A 185 1.71 -23.41 -9.38
N GLU A 186 1.71 -22.16 -9.88
CA GLU A 186 2.77 -21.65 -10.73
C GLU A 186 3.41 -20.46 -10.05
N LYS A 187 4.73 -20.50 -9.91
CA LYS A 187 5.45 -19.53 -9.08
C LYS A 187 6.16 -18.45 -9.88
N LYS A 188 6.62 -18.75 -11.09
CA LYS A 188 7.46 -17.83 -11.84
C LYS A 188 6.62 -16.96 -12.76
N PHE A 189 6.91 -15.66 -12.77
CA PHE A 189 6.17 -14.69 -13.56
C PHE A 189 7.12 -13.79 -14.33
N VAL A 190 6.72 -13.42 -15.55
CA VAL A 190 7.44 -12.46 -16.37
C VAL A 190 6.45 -11.40 -16.80
N ILE A 191 6.69 -10.16 -16.41
CA ILE A 191 5.77 -9.05 -16.65
C ILE A 191 6.36 -8.13 -17.70
N ASP A 192 5.61 -7.92 -18.79
CA ASP A 192 5.98 -7.01 -19.87
C ASP A 192 4.74 -6.19 -20.21
N CYS A 193 4.55 -5.07 -19.52
CA CYS A 193 3.35 -4.27 -19.67
C CYS A 193 3.72 -2.80 -19.73
N GLU A 194 2.71 -1.97 -19.99
CA GLU A 194 2.88 -0.53 -19.90
C GLU A 194 3.16 -0.13 -18.46
N ILE A 195 3.82 1.01 -18.29
CA ILE A 195 4.28 1.41 -16.96
C ILE A 195 3.09 1.65 -16.03
N GLU A 196 2.00 2.22 -16.55
CA GLU A 196 0.81 2.39 -15.72
C GLU A 196 0.20 1.05 -15.34
N ARG A 197 0.05 0.15 -16.32
CA ARG A 197 -0.44 -1.19 -16.03
C ARG A 197 0.51 -1.96 -15.14
N LEU A 198 1.82 -1.71 -15.26
CA LEU A 198 2.79 -2.36 -14.40
C LEU A 198 2.59 -1.98 -12.93
N GLN A 199 2.34 -0.69 -12.67
CA GLN A 199 2.05 -0.27 -11.29
C GLN A 199 0.80 -0.95 -10.77
N ASN A 200 -0.25 -1.05 -11.58
CA ASN A 200 -1.49 -1.67 -11.14
C ASN A 200 -1.29 -3.14 -10.81
N ILE A 201 -0.54 -3.87 -11.65
CA ILE A 201 -0.30 -5.29 -11.40
C ILE A 201 0.53 -5.48 -10.14
N LEU A 202 1.53 -4.62 -9.93
CA LEU A 202 2.34 -4.70 -8.72
C LEU A 202 1.50 -4.45 -7.48
N GLU A 203 0.61 -3.46 -7.53
CA GLU A 203 -0.26 -3.18 -6.39
C GLU A 203 -1.18 -4.36 -6.11
N GLN A 204 -1.74 -4.97 -7.16
CA GLN A 204 -2.59 -6.14 -6.97
C GLN A 204 -1.82 -7.31 -6.38
N ILE A 205 -0.56 -7.49 -6.81
CA ILE A 205 0.26 -8.56 -6.27
C ILE A 205 0.48 -8.37 -4.77
N VAL A 206 0.77 -7.14 -4.35
CA VAL A 206 0.94 -6.86 -2.93
C VAL A 206 -0.35 -7.10 -2.17
N SER A 207 -1.49 -6.67 -2.75
CA SER A 207 -2.77 -6.86 -2.08
C SER A 207 -3.10 -8.32 -1.90
N VAL A 208 -2.87 -9.14 -2.93
CA VAL A 208 -3.16 -10.57 -2.82
C VAL A 208 -2.23 -11.22 -1.82
N GLY A 209 -0.96 -10.82 -1.82
CA GLY A 209 0.02 -11.39 -0.91
C GLY A 209 0.96 -12.34 -1.61
N LYS A 210 1.26 -12.06 -2.88
CA LYS A 210 2.16 -12.87 -3.67
C LYS A 210 3.57 -12.31 -3.72
N HIS A 211 3.92 -11.44 -2.76
CA HIS A 211 5.24 -10.82 -2.71
C HIS A 211 6.07 -11.39 -1.56
N VAL A 212 5.94 -12.68 -1.30
CA VAL A 212 6.69 -13.36 -0.26
C VAL A 212 7.78 -14.20 -0.90
N LYS A 213 8.65 -14.76 -0.07
CA LYS A 213 9.72 -15.62 -0.55
C LYS A 213 9.13 -16.84 -1.25
N GLY A 214 9.78 -17.25 -2.34
CA GLY A 214 9.30 -18.35 -3.17
C GLY A 214 8.69 -17.92 -4.48
N TYR A 215 8.44 -16.63 -4.67
CA TYR A 215 7.90 -16.11 -5.92
C TYR A 215 8.99 -15.31 -6.63
N HIS A 216 9.14 -15.55 -7.93
CA HIS A 216 10.12 -14.85 -8.75
C HIS A 216 9.41 -14.02 -9.80
N TYR A 217 9.76 -12.74 -9.87
CA TYR A 217 9.17 -11.81 -10.83
C TYR A 217 10.27 -11.19 -11.68
N ILE A 218 10.07 -11.17 -12.98
CA ILE A 218 10.99 -10.54 -13.93
C ILE A 218 10.24 -9.40 -14.60
N ILE A 219 10.79 -8.20 -14.51
CA ILE A 219 10.19 -7.01 -15.10
C ILE A 219 10.95 -6.70 -16.38
N ALA A 220 10.24 -6.79 -17.51
CA ALA A 220 10.86 -6.66 -18.83
C ALA A 220 10.66 -5.22 -19.34
N ASN A 221 11.50 -4.33 -18.85
CA ASN A 221 11.57 -2.96 -19.34
C ASN A 221 12.93 -2.39 -18.97
N LEU A 222 13.13 -1.11 -19.31
CA LEU A 222 14.37 -0.42 -19.03
C LEU A 222 14.26 0.54 -17.86
N GLY A 223 13.16 0.49 -17.11
CA GLY A 223 12.92 1.41 -16.02
C GLY A 223 12.81 0.73 -14.67
N PHE A 224 13.68 -0.23 -14.40
CA PHE A 224 13.57 -1.01 -13.17
C PHE A 224 13.70 -0.12 -11.93
N LYS A 225 14.66 0.81 -11.95
CA LYS A 225 14.83 1.73 -10.83
C LYS A 225 13.84 2.89 -10.86
N ASP A 226 13.04 3.02 -11.92
CA ASP A 226 12.06 4.08 -12.02
C ASP A 226 10.77 3.77 -11.28
N ILE A 227 10.63 2.57 -10.72
CA ILE A 227 9.42 2.15 -10.03
C ILE A 227 9.77 1.80 -8.60
N SER A 228 8.74 1.75 -7.75
CA SER A 228 8.90 1.51 -6.33
C SER A 228 8.61 0.06 -6.00
N LEU A 229 9.50 -0.56 -5.22
CA LEU A 229 9.36 -1.96 -4.83
C LEU A 229 9.61 -2.14 -3.34
N GLU A 230 9.26 -1.14 -2.53
CA GLU A 230 9.50 -1.24 -1.09
C GLU A 230 8.74 -2.41 -0.48
N ARG A 231 7.50 -2.64 -0.93
CA ARG A 231 6.75 -3.79 -0.45
C ARG A 231 7.44 -5.10 -0.83
N PHE A 232 7.99 -5.16 -2.04
CA PHE A 232 8.71 -6.37 -2.46
C PHE A 232 10.05 -6.50 -1.74
N ILE A 233 10.69 -5.38 -1.41
CA ILE A 233 11.93 -5.43 -0.63
C ILE A 233 11.66 -6.07 0.74
N HIS A 234 10.57 -5.64 1.39
CA HIS A 234 10.24 -6.14 2.71
C HIS A 234 9.73 -7.57 2.64
N GLY A 235 8.94 -7.90 1.61
CA GLY A 235 8.41 -9.24 1.49
C GLY A 235 9.49 -10.27 1.21
N GLY A 236 10.46 -9.93 0.38
CA GLY A 236 11.57 -10.81 0.08
C GLY A 236 11.45 -11.64 -1.17
N ALA A 237 10.46 -11.37 -2.01
CA ALA A 237 10.33 -12.11 -3.27
C ALA A 237 11.46 -11.74 -4.22
N ASN A 238 11.90 -12.72 -5.01
CA ASN A 238 12.98 -12.48 -5.97
C ASN A 238 12.45 -11.64 -7.12
N VAL A 239 13.08 -10.49 -7.35
CA VAL A 239 12.71 -9.60 -8.45
C VAL A 239 13.96 -9.33 -9.28
N THR A 240 13.85 -9.52 -10.59
CA THR A 240 14.94 -9.25 -11.52
C THR A 240 14.46 -8.24 -12.56
N GLY A 241 15.33 -7.27 -12.86
CA GLY A 241 14.97 -6.24 -13.82
C GLY A 241 16.19 -5.76 -14.58
N PHE A 242 15.92 -4.97 -15.61
CA PHE A 242 16.96 -4.42 -16.47
C PHE A 242 16.94 -2.90 -16.39
N GLN A 243 18.09 -2.30 -16.08
CA GLN A 243 18.23 -0.86 -16.00
C GLN A 243 19.19 -0.40 -17.09
N LEU A 244 18.73 0.51 -17.93
CA LEU A 244 19.56 1.01 -19.02
C LEU A 244 20.38 2.22 -18.60
N VAL A 245 19.80 3.10 -17.79
CA VAL A 245 20.47 4.35 -17.41
C VAL A 245 21.43 4.07 -16.26
N ASP A 246 22.69 4.44 -16.45
CA ASP A 246 23.69 4.33 -15.40
C ASP A 246 23.70 5.61 -14.57
N PHE A 247 23.60 5.46 -13.25
CA PHE A 247 23.53 6.59 -12.34
C PHE A 247 24.90 6.97 -11.77
N ASN A 248 25.96 6.33 -12.25
CA ASN A 248 27.32 6.56 -11.74
C ASN A 248 28.23 7.10 -12.83
N THR A 249 27.72 8.05 -13.61
CA THR A 249 28.50 8.69 -14.65
C THR A 249 28.41 10.20 -14.52
N PRO A 250 29.44 10.93 -14.97
CA PRO A 250 29.40 12.41 -14.84
C PRO A 250 28.22 13.04 -15.56
N MET A 251 27.83 12.51 -16.72
CA MET A 251 26.77 13.14 -17.50
C MET A 251 25.43 13.04 -16.77
N VAL A 252 25.09 11.86 -16.26
CA VAL A 252 23.83 11.71 -15.54
C VAL A 252 23.84 12.53 -14.25
N THR A 253 25.01 12.65 -13.61
CA THR A 253 25.10 13.45 -12.39
C THR A 253 24.84 14.92 -12.66
N LYS A 254 25.44 15.46 -13.72
CA LYS A 254 25.19 16.86 -14.07
C LYS A 254 23.73 17.08 -14.45
N LEU A 255 23.15 16.17 -15.22
CA LEU A 255 21.76 16.31 -15.62
C LEU A 255 20.82 16.20 -14.42
N MET A 256 21.12 15.29 -13.49
CA MET A 256 20.31 15.18 -12.29
C MET A 256 20.40 16.44 -11.44
N ASP A 257 21.60 17.03 -11.34
CA ASP A 257 21.75 18.26 -10.59
C ASP A 257 20.92 19.38 -11.19
N ARG A 258 20.91 19.48 -12.52
CA ARG A 258 20.06 20.46 -13.19
C ARG A 258 18.59 20.07 -13.06
N TRP A 259 18.29 18.77 -13.03
CA TRP A 259 16.89 18.32 -12.96
C TRP A 259 16.24 18.72 -11.64
N LYS A 260 16.97 18.58 -10.53
CA LYS A 260 16.42 18.97 -9.23
C LYS A 260 16.17 20.48 -9.15
N LYS A 261 16.98 21.28 -9.84
CA LYS A 261 16.82 22.73 -9.83
C LYS A 261 16.01 23.17 -11.06
N LEU A 262 14.75 22.77 -11.05
CA LEU A 262 13.83 23.09 -12.14
C LEU A 262 12.49 23.51 -11.58
N ASP A 263 11.77 24.31 -12.35
CA ASP A 263 10.43 24.75 -11.96
C ASP A 263 9.44 23.62 -12.22
N GLN A 264 8.78 23.16 -11.15
CA GLN A 264 7.82 22.06 -11.28
C GLN A 264 6.64 22.46 -12.17
N ARG A 265 6.14 23.69 -12.01
CA ARG A 265 5.04 24.15 -12.84
C ARG A 265 5.43 24.23 -14.31
N GLU A 266 6.63 24.74 -14.59
CA GLU A 266 7.09 24.83 -15.98
C GLU A 266 7.54 23.47 -16.51
N TYR A 267 8.06 22.60 -15.65
CA TYR A 267 8.57 21.29 -16.04
C TYR A 267 7.87 20.23 -15.21
N PRO A 268 6.66 19.83 -15.58
CA PRO A 268 5.97 18.78 -14.84
C PRO A 268 6.75 17.47 -14.88
N GLY A 269 6.67 16.73 -13.78
CA GLY A 269 7.43 15.51 -13.64
C GLY A 269 8.82 15.69 -13.09
N SER A 270 9.28 16.93 -12.92
CA SER A 270 10.59 17.17 -12.33
C SER A 270 10.65 16.82 -10.85
N GLU A 271 9.48 16.66 -10.21
CA GLU A 271 9.43 16.24 -8.81
C GLU A 271 9.93 14.81 -8.61
N THR A 272 10.05 14.03 -9.68
CA THR A 272 10.52 12.65 -9.64
C THR A 272 11.71 12.48 -10.56
N PRO A 273 12.59 11.53 -10.28
CA PRO A 273 13.73 11.29 -11.17
C PRO A 273 13.27 10.91 -12.57
N PRO A 274 14.00 11.34 -13.60
CA PRO A 274 13.57 11.03 -14.97
C PRO A 274 13.55 9.53 -15.22
N LYS A 275 12.53 9.08 -15.96
CA LYS A 275 12.39 7.68 -16.31
C LYS A 275 13.29 7.33 -17.49
N TYR A 276 13.30 6.04 -17.86
CA TYR A 276 14.17 5.62 -18.96
C TYR A 276 13.76 6.27 -20.26
N THR A 277 12.46 6.53 -20.45
CA THR A 277 12.04 7.23 -21.66
C THR A 277 12.53 8.67 -21.68
N SER A 278 12.58 9.31 -20.50
CA SER A 278 13.12 10.67 -20.43
C SER A 278 14.60 10.69 -20.79
N ALA A 279 15.37 9.72 -20.29
CA ALA A 279 16.76 9.62 -20.70
C ALA A 279 16.88 9.34 -22.19
N LEU A 280 16.00 8.49 -22.72
CA LEU A 280 16.04 8.16 -24.14
C LEU A 280 15.75 9.38 -25.02
N THR A 281 14.76 10.18 -24.65
CA THR A 281 14.45 11.35 -25.46
C THR A 281 15.51 12.43 -25.33
N TYR A 282 16.13 12.56 -24.14
CA TYR A 282 17.27 13.44 -24.01
C TYR A 282 18.40 13.03 -24.93
N ASP A 283 18.68 11.73 -25.00
CA ASP A 283 19.70 11.23 -25.91
C ASP A 283 19.36 11.52 -27.36
N GLY A 284 18.06 11.45 -27.70
CA GLY A 284 17.66 11.71 -29.08
C GLY A 284 17.95 13.15 -29.51
N VAL A 285 17.68 14.11 -28.63
CA VAL A 285 18.01 15.49 -28.94
C VAL A 285 19.51 15.65 -29.11
N LEU A 286 20.29 14.99 -28.25
CA LEU A 286 21.74 15.03 -28.38
C LEU A 286 22.20 14.43 -29.72
N VAL A 287 21.57 13.34 -30.15
CA VAL A 287 21.93 12.74 -31.43
C VAL A 287 21.65 13.70 -32.58
N MET A 288 20.50 14.36 -32.55
CA MET A 288 20.19 15.34 -33.60
C MET A 288 21.20 16.47 -33.62
N ALA A 289 21.58 16.99 -32.44
CA ALA A 289 22.54 18.09 -32.40
C ALA A 289 23.87 17.67 -32.99
N GLU A 290 24.36 16.48 -32.64
CA GLU A 290 25.64 16.02 -33.16
C GLU A 290 25.59 15.78 -34.65
N THR A 291 24.46 15.28 -35.17
CA THR A 291 24.34 15.05 -36.60
C THR A 291 24.31 16.35 -37.38
N PHE A 292 23.65 17.38 -36.86
CA PHE A 292 23.68 18.68 -37.53
C PHE A 292 25.10 19.24 -37.55
N ARG A 293 25.84 19.05 -36.46
CA ARG A 293 27.26 19.43 -36.46
C ARG A 293 28.00 18.63 -37.53
N SER A 294 27.69 17.35 -37.67
CA SER A 294 28.34 16.52 -38.67
C SER A 294 27.99 16.98 -40.08
N LEU A 295 26.72 17.33 -40.31
CA LEU A 295 26.35 17.89 -41.61
C LEU A 295 27.12 19.18 -41.88
N ARG A 296 27.27 20.02 -40.86
CA ARG A 296 28.07 21.24 -41.02
C ARG A 296 29.52 20.90 -41.33
N ARG A 297 30.06 19.87 -40.66
CA ARG A 297 31.44 19.47 -40.92
C ARG A 297 31.58 18.86 -42.32
N GLN A 298 30.58 18.11 -42.77
CA GLN A 298 30.64 17.47 -44.07
C GLN A 298 30.38 18.42 -45.22
N LYS A 299 30.22 19.72 -44.94
CA LYS A 299 30.00 20.75 -45.96
C LYS A 299 28.76 20.44 -46.80
N ILE A 300 27.72 19.91 -46.15
CA ILE A 300 26.47 19.58 -46.80
C ILE A 300 25.42 20.58 -46.32
N ASP A 301 25.13 21.57 -47.16
CA ASP A 301 24.14 22.58 -46.81
C ASP A 301 22.74 21.97 -46.81
N ILE A 302 21.91 22.39 -45.85
CA ILE A 302 20.56 21.89 -45.70
C ILE A 302 19.58 23.02 -46.00
N SER A 303 18.52 22.70 -46.72
CA SER A 303 17.47 23.66 -47.02
C SER A 303 16.22 22.91 -47.45
N ARG A 304 15.06 23.45 -47.07
CA ARG A 304 13.80 22.80 -47.41
C ARG A 304 13.39 22.99 -48.86
N ARG A 305 13.90 24.03 -49.52
CA ARG A 305 13.64 24.28 -50.94
C ARG A 305 12.16 24.37 -51.24
N ASN A 307 8.84 24.18 -51.24
CA ASN A 307 8.44 22.81 -50.93
C ASN A 307 6.95 22.72 -50.60
N ALA A 308 6.48 23.72 -49.85
CA ALA A 308 5.07 23.86 -49.48
C ALA A 308 4.68 22.82 -48.45
N GLY A 309 3.38 22.55 -48.34
CA GLY A 309 2.90 21.60 -47.35
C GLY A 309 2.00 20.53 -47.94
N ASP A 310 2.08 20.34 -49.25
CA ASP A 310 1.35 19.28 -49.92
C ASP A 310 1.92 17.91 -49.58
N CYS A 311 1.83 17.51 -48.30
CA CYS A 311 2.28 16.18 -47.90
C CYS A 311 1.70 15.07 -48.75
N LEU A 312 0.53 15.30 -49.36
CA LEU A 312 -0.10 14.34 -50.27
C LEU A 312 0.08 14.74 -51.73
N ALA A 313 1.22 15.33 -52.07
CA ALA A 313 1.50 15.70 -53.45
C ALA A 313 1.58 14.45 -54.34
N ASN A 314 0.89 14.48 -55.46
CA ASN A 314 0.86 13.36 -56.40
C ASN A 314 1.55 13.77 -57.68
N PRO A 315 2.64 13.10 -58.08
CA PRO A 315 3.29 11.97 -57.40
C PRO A 315 4.14 12.44 -56.23
N ALA A 316 4.65 11.51 -55.42
CA ALA A 316 5.42 11.88 -54.24
C ALA A 316 6.70 12.62 -54.65
N ALA A 317 7.12 13.55 -53.78
CA ALA A 317 8.30 14.37 -54.01
C ALA A 317 9.23 14.21 -52.81
N PRO A 318 9.98 13.11 -52.76
CA PRO A 318 10.88 12.90 -51.61
C PRO A 318 11.98 13.94 -51.57
N TRP A 319 12.44 14.22 -50.35
CA TRP A 319 13.51 15.20 -50.15
C TRP A 319 14.81 14.69 -50.75
N GLY A 320 15.50 15.57 -51.48
CA GLY A 320 16.72 15.17 -52.16
C GLY A 320 17.90 14.93 -51.24
N GLN A 321 17.91 15.55 -50.07
CA GLN A 321 19.00 15.40 -49.11
C GLN A 321 18.65 14.41 -48.00
N GLY A 322 17.54 13.69 -48.13
CA GLY A 322 17.14 12.75 -47.09
C GLY A 322 18.09 11.59 -46.95
N ILE A 323 18.62 11.09 -48.06
CA ILE A 323 19.51 9.93 -48.02
C ILE A 323 20.79 10.27 -47.26
N ASP A 324 21.39 11.42 -47.55
CA ASP A 324 22.60 11.83 -46.85
C ASP A 324 22.32 12.09 -45.37
N MET A 325 21.18 12.69 -45.07
CA MET A 325 20.82 12.93 -43.67
C MET A 325 20.66 11.62 -42.91
N GLU A 326 19.97 10.65 -43.51
CA GLU A 326 19.80 9.35 -42.85
C GLU A 326 21.14 8.66 -42.66
N ARG A 327 22.01 8.72 -43.67
CA ARG A 327 23.33 8.12 -43.54
C ARG A 327 24.13 8.76 -42.42
N THR A 328 24.10 10.09 -42.34
CA THR A 328 24.83 10.77 -41.28
C THR A 328 24.25 10.46 -39.90
N LEU A 329 22.91 10.37 -39.80
CA LEU A 329 22.30 10.00 -38.53
C LEU A 329 22.76 8.64 -38.05
N LYS A 330 22.85 7.68 -38.96
CA LYS A 330 23.31 6.34 -38.62
C LYS A 330 24.82 6.25 -38.42
N GLN A 331 25.58 7.28 -38.81
CA GLN A 331 27.03 7.26 -38.72
C GLN A 331 27.56 8.05 -37.53
N VAL A 332 26.78 8.19 -36.48
CA VAL A 332 27.17 8.97 -35.30
C VAL A 332 27.28 8.06 -34.10
N ARG A 333 28.42 8.13 -33.40
CA ARG A 333 28.64 7.44 -32.14
C ARG A 333 28.83 8.49 -31.06
N ILE A 334 27.94 8.50 -30.06
CA ILE A 334 27.94 9.50 -29.02
C ILE A 334 27.79 8.80 -27.67
N GLN A 335 28.08 9.55 -26.60
CA GLN A 335 27.92 9.07 -25.23
C GLN A 335 26.79 9.85 -24.57
N GLY A 336 25.81 9.11 -24.05
CA GLY A 336 24.66 9.73 -23.41
C GLY A 336 24.21 9.01 -22.17
N LEU A 337 23.02 9.34 -21.67
CA LEU A 337 22.53 8.78 -20.42
C LEU A 337 22.40 7.26 -20.49
N THR A 338 22.10 6.73 -21.68
CA THR A 338 21.95 5.30 -21.87
C THR A 338 23.25 4.59 -22.23
N GLY A 339 24.37 5.33 -22.29
CA GLY A 339 25.64 4.73 -22.61
C GLY A 339 26.16 5.14 -23.98
N ASN A 340 26.72 4.19 -24.71
CA ASN A 340 27.26 4.47 -26.04
C ASN A 340 26.12 4.38 -27.05
N VAL A 341 25.52 5.52 -27.35
CA VAL A 341 24.47 5.58 -28.35
C VAL A 341 25.12 5.46 -29.72
N GLN A 342 24.94 4.30 -30.37
CA GLN A 342 25.53 4.06 -31.68
C GLN A 342 24.63 3.10 -32.44
N PHE A 343 24.17 3.52 -33.62
CA PHE A 343 23.27 2.73 -34.43
C PHE A 343 24.03 2.07 -35.58
N ASP A 344 23.44 0.99 -36.09
CA ASP A 344 23.97 0.30 -37.26
C ASP A 344 23.34 0.89 -38.52
N HIS A 345 23.48 0.20 -39.64
CA HIS A 345 22.87 0.66 -40.89
C HIS A 345 21.38 0.37 -40.94
N TYR A 346 20.86 -0.41 -40.00
CA TYR A 346 19.43 -0.72 -39.98
C TYR A 346 18.63 0.38 -39.29
N GLY A 347 19.20 1.00 -38.26
CA GLY A 347 18.51 1.97 -37.44
C GLY A 347 18.39 1.60 -35.97
N ARG A 348 18.58 0.32 -35.64
CA ARG A 348 18.48 -0.11 -34.26
C ARG A 348 19.75 0.26 -33.50
N ARG A 349 19.71 0.05 -32.18
CA ARG A 349 20.86 0.33 -31.33
C ARG A 349 21.76 -0.90 -31.27
N VAL A 350 23.07 -0.67 -31.45
CA VAL A 350 24.07 -1.72 -31.35
C VAL A 350 25.18 -1.23 -30.44
N ASN A 351 25.96 -2.18 -29.93
CA ASN A 351 27.07 -1.88 -29.02
C ASN A 351 26.56 -1.13 -27.78
N TYR A 352 25.48 -1.64 -27.20
CA TYR A 352 24.87 -1.06 -26.02
C TYR A 352 24.96 -2.02 -24.85
N THR A 353 24.97 -1.46 -23.64
CA THR A 353 25.06 -2.23 -22.42
C THR A 353 23.95 -1.81 -21.47
N MET A 354 23.40 -2.77 -20.73
CA MET A 354 22.35 -2.52 -19.76
C MET A 354 22.61 -3.32 -18.51
N ASP A 355 22.39 -2.71 -17.35
CA ASP A 355 22.65 -3.37 -16.08
C ASP A 355 21.47 -4.27 -15.68
N VAL A 356 21.78 -5.32 -14.93
CA VAL A 356 20.79 -6.27 -14.44
C VAL A 356 20.76 -6.16 -12.92
N PHE A 357 19.60 -5.85 -12.38
CA PHE A 357 19.43 -5.59 -10.95
C PHE A 357 18.57 -6.67 -10.32
N GLU A 358 19.05 -7.26 -9.23
CA GLU A 358 18.30 -8.22 -8.44
C GLU A 358 17.94 -7.59 -7.10
N LEU A 359 16.67 -7.72 -6.71
CA LEU A 359 16.19 -7.10 -5.49
C LEU A 359 16.53 -7.95 -4.28
N LYS A 360 17.13 -7.33 -3.27
CA LYS A 360 17.48 -7.99 -2.01
C LYS A 360 17.01 -7.12 -0.85
N SER A 361 17.28 -7.59 0.37
CA SER A 361 16.86 -6.87 1.56
C SER A 361 17.53 -5.50 1.63
N THR A 362 18.82 -5.43 1.28
CA THR A 362 19.50 -4.14 1.26
C THR A 362 18.92 -3.21 0.20
N GLY A 363 18.37 -3.77 -0.87
CA GLY A 363 17.79 -2.99 -1.94
C GLY A 363 18.17 -3.51 -3.30
N PRO A 364 17.95 -2.70 -4.33
CA PRO A 364 18.31 -3.12 -5.69
C PRO A 364 19.82 -3.10 -5.91
N ARG A 365 20.42 -4.27 -5.98
CA ARG A 365 21.86 -4.40 -6.16
C ARG A 365 22.15 -5.02 -7.51
N LYS A 366 23.02 -4.38 -8.29
CA LYS A 366 23.39 -4.91 -9.59
C LYS A 366 24.11 -6.25 -9.45
N VAL A 367 23.69 -7.21 -10.27
CA VAL A 367 24.27 -8.54 -10.25
C VAL A 367 25.13 -8.79 -11.47
N GLY A 368 24.99 -8.01 -12.53
CA GLY A 368 25.77 -8.18 -13.73
C GLY A 368 25.32 -7.20 -14.79
N TYR A 369 25.80 -7.41 -16.01
CA TYR A 369 25.43 -6.56 -17.13
C TYR A 369 25.18 -7.43 -18.35
N TRP A 370 24.56 -6.83 -19.36
CA TRP A 370 24.27 -7.49 -20.63
C TRP A 370 24.73 -6.59 -21.76
N ASN A 371 25.49 -7.15 -22.69
CA ASN A 371 25.96 -6.43 -23.86
C ASN A 371 25.77 -7.28 -25.11
N ASP A 372 25.75 -6.61 -26.26
CA ASP A 372 25.47 -7.29 -27.52
C ASP A 372 26.53 -8.30 -27.89
N MET A 373 27.77 -8.14 -27.40
CA MET A 373 28.86 -9.02 -27.80
C MET A 373 28.99 -10.24 -26.88
N ASP A 374 29.14 -10.00 -25.57
CA ASP A 374 29.35 -11.06 -24.61
C ASP A 374 28.06 -11.58 -23.99
N LYS A 375 26.91 -11.13 -24.47
CA LYS A 375 25.59 -11.56 -23.98
C LYS A 375 25.51 -11.19 -22.50
N LEU A 376 25.17 -12.11 -21.60
CA LEU A 376 25.01 -11.80 -20.19
C LEU A 376 26.28 -12.17 -19.44
N VAL A 377 26.88 -11.19 -18.77
CA VAL A 377 28.04 -11.39 -17.92
C VAL A 377 27.65 -11.00 -16.50
N LEU A 378 27.66 -11.96 -15.59
CA LEU A 378 27.26 -11.73 -14.21
C LEU A 378 28.48 -11.60 -13.32
N ILE A 379 28.32 -10.82 -12.24
CA ILE A 379 29.39 -10.62 -11.28
C ILE A 379 29.41 -11.77 -10.30
N GLN A 380 30.58 -12.39 -10.16
CA GLN A 380 30.73 -13.52 -9.24
C GLN A 380 31.86 -13.27 -8.24
N PRO B 4 26.09 31.36 52.62
CA PRO B 4 24.89 30.59 52.90
C PRO B 4 25.09 29.57 54.02
N SER B 5 24.45 29.80 55.16
CA SER B 5 24.56 28.90 56.30
C SER B 5 23.24 28.22 56.67
N SER B 6 22.10 28.82 56.35
CA SER B 6 20.79 28.25 56.61
C SER B 6 20.12 28.00 55.26
N VAL B 7 20.34 26.81 54.69
CA VAL B 7 19.83 26.46 53.38
C VAL B 7 18.46 25.80 53.55
N GLN B 8 17.44 26.39 52.94
CA GLN B 8 16.10 25.84 53.00
C GLN B 8 15.92 24.77 51.93
N ILE B 9 15.38 23.62 52.32
CA ILE B 9 15.03 22.55 51.40
C ILE B 9 13.58 22.14 51.66
N GLY B 10 13.01 21.41 50.71
CA GLY B 10 11.64 20.95 50.80
C GLY B 10 11.57 19.45 51.03
N GLY B 11 10.55 19.03 51.78
CA GLY B 11 10.33 17.63 52.05
C GLY B 11 8.89 17.22 51.84
N LEU B 12 8.67 16.21 51.01
CA LEU B 12 7.32 15.73 50.69
C LEU B 12 7.24 14.25 51.04
N PHE B 13 6.38 13.92 52.00
CA PHE B 13 6.21 12.54 52.44
C PHE B 13 4.72 12.18 52.37
N ILE B 14 4.46 10.88 52.22
CA ILE B 14 3.10 10.38 52.06
C ILE B 14 2.75 9.48 53.24
N ARG B 15 1.53 8.94 53.22
CA ARG B 15 1.07 8.10 54.32
C ARG B 15 1.91 6.82 54.41
N ASN B 16 1.97 6.28 55.63
CA ASN B 16 2.72 5.05 55.92
C ASN B 16 4.20 5.22 55.62
N THR B 17 4.76 6.36 56.00
CA THR B 17 6.18 6.66 55.83
C THR B 17 6.76 7.24 57.11
N ASP B 18 6.37 6.68 58.26
CA ASP B 18 6.89 7.17 59.53
C ASP B 18 8.38 6.87 59.66
N GLN B 19 8.79 5.66 59.31
CA GLN B 19 10.20 5.29 59.41
C GLN B 19 11.06 6.14 58.46
N GLU B 20 10.58 6.37 57.24
CA GLU B 20 11.33 7.19 56.30
C GLU B 20 11.48 8.62 56.80
N TYR B 21 10.41 9.19 57.36
CA TYR B 21 10.49 10.54 57.90
C TYR B 21 11.46 10.61 59.07
N THR B 22 11.45 9.61 59.94
CA THR B 22 12.38 9.58 61.06
C THR B 22 13.82 9.51 60.57
N ALA B 23 14.10 8.66 59.57
CA ALA B 23 15.44 8.55 59.04
C ALA B 23 15.89 9.86 58.39
N PHE B 24 14.97 10.52 57.66
CA PHE B 24 15.30 11.80 57.06
C PHE B 24 15.64 12.84 58.12
N ARG B 25 14.85 12.88 59.20
CA ARG B 25 15.13 13.81 60.29
C ARG B 25 16.47 13.51 60.93
N LEU B 26 16.77 12.23 61.15
CA LEU B 26 18.03 11.85 61.78
C LEU B 26 19.22 12.24 60.90
N ALA B 27 19.12 12.03 59.58
CA ALA B 27 20.21 12.40 58.69
C ALA B 27 20.46 13.91 58.73
N ILE B 28 19.39 14.71 58.74
CA ILE B 28 19.54 16.15 58.82
C ILE B 28 20.21 16.54 60.13
N PHE B 29 19.82 15.91 61.23
CA PHE B 29 20.39 16.23 62.53
C PHE B 29 21.88 15.93 62.58
N LEU B 30 22.29 14.78 62.02
CA LEU B 30 23.72 14.48 61.95
C LEU B 30 24.46 15.47 61.07
N HIS B 31 23.85 15.88 59.96
CA HIS B 31 24.45 16.91 59.12
C HIS B 31 24.56 18.24 59.87
N ASN B 32 23.66 18.49 60.82
CA ASN B 32 23.74 19.71 61.61
C ASN B 32 24.88 19.67 62.62
N THR B 33 25.31 18.47 63.03
CA THR B 33 26.35 18.30 64.04
C THR B 33 27.58 17.64 63.44
N SER B 34 27.96 18.04 62.23
CA SER B 34 29.13 17.50 61.55
C SER B 34 30.00 18.68 61.09
N PRO B 35 30.88 19.17 61.95
CA PRO B 35 31.70 20.34 61.59
C PRO B 35 32.62 20.08 60.41
N ASN B 36 33.48 19.07 60.54
CA ASN B 36 34.45 18.70 59.51
C ASN B 36 35.17 19.93 58.95
N ALA B 37 35.08 20.12 57.63
CA ALA B 37 35.69 21.26 56.97
C ALA B 37 34.79 22.49 57.07
N ALA B 40 31.54 25.25 53.24
CA ALA B 40 30.76 26.19 54.05
C ALA B 40 29.91 25.45 55.07
N PRO B 41 29.79 26.01 56.28
CA PRO B 41 28.93 25.38 57.30
C PRO B 41 27.46 25.70 57.09
N PHE B 42 26.86 25.07 56.09
CA PHE B 42 25.44 25.26 55.80
C PHE B 42 24.63 24.22 56.56
N ASN B 43 23.57 24.68 57.23
CA ASN B 43 22.66 23.80 57.95
C ASN B 43 21.37 23.64 57.15
N LEU B 44 20.99 22.39 56.91
CA LEU B 44 19.81 22.10 56.10
C LEU B 44 18.57 22.19 56.99
N VAL B 45 17.68 23.12 56.68
CA VAL B 45 16.39 23.25 57.36
C VAL B 45 15.31 22.76 56.40
N PRO B 46 14.58 21.69 56.74
CA PRO B 46 13.55 21.19 55.84
C PRO B 46 12.19 21.81 56.10
N HIS B 47 11.52 22.27 55.03
CA HIS B 47 10.12 22.68 55.13
C HIS B 47 9.22 21.51 54.76
N VAL B 48 9.31 20.47 55.60
CA VAL B 48 8.62 19.21 55.31
C VAL B 48 7.11 19.43 55.35
N ASP B 49 6.42 18.89 54.35
CA ASP B 49 4.96 18.97 54.25
C ASP B 49 4.43 17.56 54.04
N ASN B 50 4.18 16.85 55.14
CA ASN B 50 3.63 15.50 55.06
C ASN B 50 2.18 15.56 54.61
N ILE B 51 1.82 14.71 53.66
CA ILE B 51 0.47 14.62 53.13
C ILE B 51 -0.07 13.22 53.38
N GLU B 52 -1.32 13.14 53.84
CA GLU B 52 -1.93 11.86 54.16
C GLU B 52 -2.70 11.27 52.99
N THR B 53 -3.44 12.11 52.26
CA THR B 53 -4.27 11.61 51.16
C THR B 53 -3.42 11.00 50.06
N ALA B 54 -2.27 11.61 49.75
CA ALA B 54 -1.35 11.16 48.72
C ALA B 54 -1.98 11.18 47.33
N ASN B 55 -3.03 11.99 47.14
CA ASN B 55 -3.62 12.17 45.82
C ASN B 55 -2.94 13.33 45.09
N SER B 56 -3.33 13.50 43.83
CA SER B 56 -2.65 14.49 42.99
C SER B 56 -2.88 15.91 43.49
N PHE B 57 -4.08 16.20 44.02
CA PHE B 57 -4.37 17.55 44.48
C PHE B 57 -3.49 17.94 45.66
N ALA B 58 -3.33 17.03 46.63
CA ALA B 58 -2.47 17.33 47.78
C ALA B 58 -1.02 17.51 47.36
N VAL B 59 -0.56 16.70 46.41
CA VAL B 59 0.82 16.82 45.92
C VAL B 59 1.03 18.20 45.30
N THR B 60 0.09 18.63 44.45
CA THR B 60 0.21 19.95 43.84
C THR B 60 0.18 21.06 44.89
N ASN B 61 -0.73 20.95 45.87
CA ASN B 61 -0.85 21.98 46.89
C ASN B 61 0.43 22.11 47.70
N ALA B 62 0.97 20.99 48.16
CA ALA B 62 2.21 21.03 48.94
C ALA B 62 3.37 21.52 48.10
N PHE B 63 3.45 21.09 46.85
CA PHE B 63 4.55 21.50 45.98
C PHE B 63 4.54 23.00 45.74
N CYS B 64 3.36 23.58 45.49
CA CYS B 64 3.27 25.02 45.27
C CYS B 64 3.60 25.79 46.54
N SER B 65 3.14 25.30 47.70
CA SER B 65 3.48 25.95 48.96
C SER B 65 4.98 25.94 49.19
N GLN B 66 5.64 24.82 48.91
CA GLN B 66 7.09 24.75 49.05
C GLN B 66 7.77 25.67 48.05
N TYR B 67 7.27 25.72 46.81
CA TYR B 67 7.83 26.62 45.81
C TYR B 67 7.75 28.08 46.25
N SER B 68 6.67 28.44 46.94
CA SER B 68 6.54 29.80 47.46
C SER B 68 7.65 30.14 48.44
N ARG B 69 8.28 29.14 49.05
CA ARG B 69 9.36 29.37 50.01
C ARG B 69 10.74 29.31 49.37
N GLY B 70 10.84 28.92 48.10
CA GLY B 70 12.11 28.89 47.40
C GLY B 70 13.11 27.93 48.02
N VAL B 71 12.84 26.62 47.90
CA VAL B 71 13.66 25.62 48.57
C VAL B 71 14.77 25.07 47.70
N PHE B 72 14.77 25.36 46.40
CA PHE B 72 15.86 25.02 45.47
C PHE B 72 15.92 23.52 45.20
N ALA B 73 15.15 22.74 45.95
CA ALA B 73 15.13 21.28 45.84
C ALA B 73 14.08 20.72 46.80
N ILE B 74 13.46 19.60 46.43
CA ILE B 74 12.49 18.93 47.28
C ILE B 74 12.85 17.44 47.34
N PHE B 75 12.92 16.90 48.56
CA PHE B 75 13.06 15.46 48.76
C PHE B 75 11.67 14.87 48.88
N GLY B 76 11.20 14.22 47.81
CA GLY B 76 9.83 13.77 47.75
C GLY B 76 9.65 12.27 47.69
N LEU B 77 8.45 11.80 48.05
CA LEU B 77 8.07 10.41 47.88
C LEU B 77 6.72 10.37 47.19
N TYR B 78 6.58 9.51 46.18
CA TYR B 78 5.36 9.45 45.40
C TYR B 78 4.95 8.00 45.17
N ASP B 79 3.71 7.83 44.76
CA ASP B 79 3.14 6.54 44.39
C ASP B 79 2.68 6.60 42.93
N LYS B 80 1.98 5.55 42.50
CA LYS B 80 1.53 5.48 41.11
C LYS B 80 0.58 6.61 40.76
N ARG B 81 -0.14 7.15 41.74
CA ARG B 81 -1.14 8.18 41.48
C ARG B 81 -0.59 9.59 41.54
N SER B 82 0.67 9.76 41.93
CA SER B 82 1.24 11.09 42.10
C SER B 82 2.56 11.28 41.36
N VAL B 83 3.13 10.24 40.76
CA VAL B 83 4.42 10.36 40.08
C VAL B 83 4.31 11.33 38.91
N HIS B 84 3.24 11.22 38.12
CA HIS B 84 3.11 12.03 36.92
C HIS B 84 2.88 13.51 37.23
N THR B 85 2.49 13.84 38.46
CA THR B 85 2.31 15.23 38.85
C THR B 85 3.60 15.83 39.41
N LEU B 86 4.22 15.15 40.36
CA LEU B 86 5.44 15.67 40.99
C LEU B 86 6.56 15.80 39.96
N THR B 87 6.78 14.76 39.16
CA THR B 87 7.84 14.80 38.16
C THR B 87 7.60 15.88 37.12
N SER B 88 6.35 16.03 36.68
CA SER B 88 6.04 17.04 35.67
C SER B 88 6.30 18.45 36.19
N PHE B 89 5.85 18.74 37.41
CA PHE B 89 6.09 20.06 37.99
C PHE B 89 7.57 20.34 38.16
N CYS B 90 8.33 19.35 38.66
CA CYS B 90 9.76 19.54 38.87
C CYS B 90 10.50 19.72 37.56
N SER B 91 10.11 18.98 36.52
CA SER B 91 10.75 19.14 35.22
C SER B 91 10.44 20.49 34.61
N ALA B 92 9.19 20.96 34.74
CA ALA B 92 8.82 22.24 34.14
C ALA B 92 9.34 23.43 34.94
N LEU B 93 9.41 23.31 36.25
CA LEU B 93 9.82 24.43 37.10
C LEU B 93 11.32 24.41 37.40
N HIS B 94 12.06 23.48 36.82
CA HIS B 94 13.52 23.45 36.89
C HIS B 94 14.02 23.24 38.32
N ILE B 95 13.28 22.49 39.13
CA ILE B 95 13.70 22.14 40.49
C ILE B 95 14.03 20.65 40.50
N SER B 96 15.22 20.32 41.01
CA SER B 96 15.64 18.93 41.12
C SER B 96 14.75 18.18 42.11
N LEU B 97 14.46 16.92 41.79
CA LEU B 97 13.54 16.10 42.59
C LEU B 97 14.24 14.81 42.99
N ILE B 98 14.65 14.71 44.25
CA ILE B 98 15.28 13.51 44.76
C ILE B 98 14.22 12.64 45.41
N THR B 99 14.04 11.43 44.88
CA THR B 99 12.99 10.53 45.37
C THR B 99 13.56 9.14 45.61
N PRO B 100 13.33 8.55 46.78
CA PRO B 100 13.68 7.14 47.00
C PRO B 100 12.60 6.15 46.61
N SER B 101 11.57 6.58 45.89
CA SER B 101 10.48 5.70 45.49
C SER B 101 10.86 4.94 44.21
N PHE B 102 9.87 4.30 43.60
CA PHE B 102 10.12 3.48 42.44
C PHE B 102 10.64 4.33 41.28
N PRO B 103 11.61 3.84 40.52
CA PRO B 103 12.09 4.59 39.36
C PRO B 103 11.05 4.64 38.25
N THR B 104 11.15 5.67 37.43
CA THR B 104 10.25 5.87 36.29
C THR B 104 10.92 5.41 35.02
N GLU B 105 10.26 4.50 34.30
CA GLU B 105 10.81 3.98 33.06
C GLU B 105 10.58 4.94 31.90
N GLU B 107 13.16 8.50 29.49
CA GLU B 107 13.83 9.80 29.58
C GLU B 107 13.12 10.70 30.59
N SER B 108 13.92 11.40 31.40
CA SER B 108 13.39 12.28 32.42
C SER B 108 14.44 13.32 32.77
N GLN B 109 13.99 14.41 33.40
CA GLN B 109 14.86 15.52 33.75
C GLN B 109 14.56 15.97 35.18
N PHE B 110 15.59 16.55 35.82
CA PHE B 110 15.47 17.14 37.15
C PHE B 110 14.98 16.13 38.19
N VAL B 111 15.31 14.85 38.00
CA VAL B 111 14.88 13.79 38.91
C VAL B 111 16.08 12.92 39.25
N LEU B 112 16.19 12.55 40.52
CA LEU B 112 17.21 11.60 40.98
C LEU B 112 16.50 10.48 41.70
N GLN B 113 16.43 9.31 41.06
CA GLN B 113 15.78 8.13 41.64
C GLN B 113 16.83 7.34 42.40
N LEU B 114 16.78 7.43 43.73
CA LEU B 114 17.77 6.75 44.57
C LEU B 114 17.58 5.24 44.55
N ARG B 115 16.35 4.77 44.42
CA ARG B 115 16.09 3.34 44.43
C ARG B 115 16.61 2.70 43.15
N PRO B 116 17.45 1.68 43.22
CA PRO B 116 17.94 1.03 42.00
C PRO B 116 16.82 0.24 41.32
N SER B 117 16.95 0.10 40.01
CA SER B 117 15.97 -0.64 39.22
C SER B 117 16.06 -2.12 39.53
N LEU B 118 15.01 -2.68 40.13
CA LEU B 118 14.99 -4.08 40.52
C LEU B 118 14.76 -5.01 39.33
N ARG B 119 14.44 -4.47 38.16
CA ARG B 119 14.11 -5.30 37.01
C ARG B 119 15.28 -6.19 36.62
N GLY B 120 16.49 -5.61 36.53
CA GLY B 120 17.64 -6.37 36.09
C GLY B 120 18.00 -7.52 37.01
N ALA B 121 18.02 -7.25 38.32
CA ALA B 121 18.36 -8.29 39.28
C ALA B 121 17.35 -9.43 39.26
N LEU B 122 16.06 -9.12 39.19
CA LEU B 122 15.04 -10.16 39.17
C LEU B 122 15.16 -11.03 37.91
N LEU B 123 15.40 -10.40 36.75
CA LEU B 123 15.54 -11.15 35.52
C LEU B 123 16.74 -12.08 35.57
N SER B 124 17.87 -11.60 36.11
CA SER B 124 19.06 -12.42 36.21
C SER B 124 18.84 -13.61 37.15
N LEU B 125 18.16 -13.37 38.28
CA LEU B 125 17.89 -14.46 39.21
C LEU B 125 16.98 -15.51 38.58
N LEU B 126 15.96 -15.08 37.84
CA LEU B 126 15.08 -16.03 37.17
C LEU B 126 15.85 -16.86 36.14
N ASP B 127 16.75 -16.22 35.39
CA ASP B 127 17.55 -16.95 34.41
C ASP B 127 18.46 -17.96 35.09
N HIS B 128 19.08 -17.58 36.22
CA HIS B 128 19.96 -18.50 36.92
C HIS B 128 19.21 -19.71 37.47
N TYR B 129 18.02 -19.48 38.02
CA TYR B 129 17.24 -20.57 38.59
C TYR B 129 16.49 -21.37 37.53
N GLU B 130 16.56 -20.96 36.27
CA GLU B 130 15.96 -21.70 35.15
C GLU B 130 14.47 -21.89 35.35
N TRP B 131 13.80 -20.84 35.86
CA TRP B 131 12.36 -20.90 36.07
C TRP B 131 11.64 -20.79 34.74
N ASN B 132 10.67 -21.68 34.51
CA ASN B 132 9.87 -21.69 33.30
C ASN B 132 8.40 -21.38 33.53
N CYS B 133 7.80 -21.95 34.58
CA CYS B 133 6.42 -21.68 34.94
C CYS B 133 6.36 -21.24 36.39
N PHE B 134 5.67 -20.13 36.64
CA PHE B 134 5.53 -19.62 38.00
C PHE B 134 4.34 -18.67 38.04
N VAL B 135 4.03 -18.19 39.23
CA VAL B 135 2.98 -17.20 39.43
C VAL B 135 3.63 -15.89 39.84
N PHE B 136 2.88 -14.80 39.65
CA PHE B 136 3.40 -13.44 39.80
C PHE B 136 2.45 -12.63 40.68
N LEU B 137 2.26 -13.07 41.93
CA LEU B 137 1.47 -12.29 42.87
C LEU B 137 2.07 -10.90 42.99
N TYR B 138 1.34 -9.89 42.54
CA TYR B 138 1.89 -8.55 42.43
C TYR B 138 0.79 -7.52 42.70
N ASP B 139 1.22 -6.29 42.92
CA ASP B 139 0.35 -5.14 42.99
C ASP B 139 0.87 -4.07 42.04
N THR B 140 0.12 -2.98 41.91
CA THR B 140 0.46 -1.91 40.99
C THR B 140 0.93 -0.66 41.71
N ASP B 141 1.20 -0.74 43.02
CA ASP B 141 1.56 0.44 43.79
C ASP B 141 2.85 1.07 43.29
N ARG B 142 3.84 0.25 42.97
CA ARG B 142 5.14 0.73 42.50
C ARG B 142 5.22 0.85 40.99
N GLY B 143 4.13 0.63 40.28
CA GLY B 143 4.08 0.80 38.84
C GLY B 143 4.27 -0.50 38.10
N TYR B 144 3.98 -0.45 36.79
CA TYR B 144 4.07 -1.60 35.91
C TYR B 144 5.43 -1.66 35.21
N SER B 145 6.49 -1.69 36.02
CA SER B 145 7.84 -1.82 35.50
C SER B 145 8.34 -3.26 35.58
N ILE B 146 8.17 -3.91 36.72
CA ILE B 146 8.56 -5.31 36.86
C ILE B 146 7.61 -6.20 36.06
N LEU B 147 6.31 -5.90 36.12
CA LEU B 147 5.31 -6.74 35.46
C LEU B 147 5.52 -6.77 33.96
N GLN B 148 5.73 -5.60 33.34
CA GLN B 148 5.95 -5.55 31.91
C GLN B 148 7.19 -6.32 31.50
N ALA B 149 8.28 -6.18 32.27
CA ALA B 149 9.50 -6.90 31.96
C ALA B 149 9.31 -8.40 32.07
N ILE B 150 8.60 -8.86 33.10
CA ILE B 150 8.36 -10.29 33.26
C ILE B 150 7.52 -10.83 32.11
N MET B 151 6.46 -10.10 31.74
CA MET B 151 5.62 -10.55 30.63
C MET B 151 6.39 -10.55 29.32
N GLU B 152 7.19 -9.50 29.07
CA GLU B 152 7.97 -9.45 27.84
C GLU B 152 9.02 -10.54 27.80
N LYS B 153 9.70 -10.79 28.92
CA LYS B 153 10.68 -11.86 28.99
C LYS B 153 10.02 -13.23 28.79
N ALA B 154 8.84 -13.41 29.39
CA ALA B 154 8.10 -14.67 29.19
C ALA B 154 7.71 -14.86 27.74
N GLY B 155 7.26 -13.80 27.08
CA GLY B 155 6.91 -13.91 25.66
C GLY B 155 8.09 -14.24 24.79
N GLN B 156 9.25 -13.67 25.08
CA GLN B 156 10.46 -13.94 24.33
C GLN B 156 11.11 -15.27 24.70
N ASN B 157 10.69 -15.90 25.80
CA ASN B 157 11.25 -17.16 26.23
C ASN B 157 10.23 -18.29 26.32
N GLY B 158 8.96 -18.03 26.01
CA GLY B 158 7.96 -19.07 26.05
C GLY B 158 7.67 -19.60 27.43
N TRP B 159 7.53 -18.72 28.41
CA TRP B 159 7.24 -19.13 29.78
C TRP B 159 5.75 -19.28 30.01
N HIS B 160 5.39 -20.15 30.96
CA HIS B 160 4.01 -20.34 31.37
C HIS B 160 3.78 -19.54 32.65
N VAL B 161 3.64 -18.24 32.50
CA VAL B 161 3.50 -17.31 33.62
C VAL B 161 2.01 -17.11 33.90
N SER B 162 1.69 -16.94 35.18
CA SER B 162 0.32 -16.64 35.63
C SER B 162 0.37 -15.39 36.51
N ALA B 163 0.12 -14.23 35.89
CA ALA B 163 0.15 -12.97 36.63
C ALA B 163 -1.14 -12.81 37.41
N ILE B 164 -1.03 -12.55 38.71
CA ILE B 164 -2.18 -12.46 39.60
C ILE B 164 -2.08 -11.14 40.35
N CYS B 165 -3.04 -10.24 40.11
CA CYS B 165 -3.13 -9.00 40.87
C CYS B 165 -3.78 -9.30 42.22
N VAL B 166 -3.24 -8.70 43.28
CA VAL B 166 -3.76 -8.94 44.62
C VAL B 166 -4.16 -7.63 45.27
N GLU B 167 -4.49 -6.63 44.45
CA GLU B 167 -5.01 -5.38 45.00
C GLU B 167 -6.43 -5.58 45.50
N ASN B 168 -6.76 -4.92 46.62
CA ASN B 168 -8.09 -4.96 47.20
C ASN B 168 -8.51 -6.39 47.53
N PHE B 169 -7.62 -7.12 48.20
CA PHE B 169 -7.86 -8.50 48.58
C PHE B 169 -8.06 -8.58 50.09
N ASN B 170 -9.10 -9.30 50.51
CA ASN B 170 -9.36 -9.59 51.90
C ASN B 170 -9.05 -11.06 52.18
N ASP B 171 -9.22 -11.47 53.44
CA ASP B 171 -8.86 -12.82 53.86
C ASP B 171 -9.57 -13.86 53.01
N VAL B 172 -10.82 -13.61 52.64
CA VAL B 172 -11.54 -14.51 51.74
C VAL B 172 -10.86 -14.54 50.38
N SER B 173 -10.43 -13.38 49.88
CA SER B 173 -9.76 -13.32 48.58
C SER B 173 -8.46 -14.11 48.59
N TYR B 174 -7.65 -13.95 49.63
CA TYR B 174 -6.40 -14.72 49.70
C TYR B 174 -6.69 -16.21 49.82
N ARG B 175 -7.71 -16.58 50.60
CA ARG B 175 -8.06 -17.98 50.72
C ARG B 175 -8.52 -18.56 49.38
N GLN B 176 -9.34 -17.82 48.64
CA GLN B 176 -9.78 -18.28 47.33
C GLN B 176 -8.62 -18.36 46.36
N LEU B 177 -7.72 -17.38 46.39
CA LEU B 177 -6.54 -17.42 45.53
C LEU B 177 -5.64 -18.60 45.87
N LEU B 178 -5.45 -18.87 47.16
CA LEU B 178 -4.62 -20.00 47.57
C LEU B 178 -5.24 -21.33 47.13
N GLU B 179 -6.56 -21.45 47.25
CA GLU B 179 -7.22 -22.68 46.80
C GLU B 179 -7.06 -22.88 45.30
N GLU B 180 -7.18 -21.80 44.52
CA GLU B 180 -6.98 -21.90 43.07
C GLU B 180 -5.56 -22.30 42.74
N LEU B 181 -4.58 -21.75 43.46
CA LEU B 181 -3.19 -22.13 43.23
C LEU B 181 -2.95 -23.59 43.58
N ASP B 182 -3.56 -24.07 44.67
CA ASP B 182 -3.46 -25.48 45.01
C ASP B 182 -4.08 -26.36 43.94
N ARG B 183 -5.21 -25.94 43.40
CA ARG B 183 -5.83 -26.68 42.29
C ARG B 183 -4.91 -26.72 41.07
N ARG B 184 -4.25 -25.60 40.78
CA ARG B 184 -3.27 -25.57 39.70
C ARG B 184 -1.94 -26.16 40.10
N GLN B 185 -1.73 -26.44 41.40
CA GLN B 185 -0.50 -27.06 41.90
C GLN B 185 0.73 -26.25 41.52
N GLU B 186 0.63 -24.93 41.62
CA GLU B 186 1.77 -24.07 41.32
C GLU B 186 2.80 -24.16 42.44
N LYS B 187 4.06 -24.36 42.05
CA LYS B 187 5.14 -24.57 43.01
C LYS B 187 6.08 -23.38 43.15
N LYS B 188 6.18 -22.54 42.14
CA LYS B 188 7.13 -21.43 42.13
C LYS B 188 6.37 -20.10 42.16
N PHE B 189 6.73 -19.24 43.11
CA PHE B 189 6.03 -17.98 43.36
C PHE B 189 7.00 -16.82 43.23
N VAL B 190 6.52 -15.72 42.67
CA VAL B 190 7.23 -14.44 42.69
C VAL B 190 6.29 -13.42 43.31
N ILE B 191 6.74 -12.77 44.38
CA ILE B 191 5.91 -11.88 45.16
C ILE B 191 6.46 -10.46 45.04
N ASP B 192 5.65 -9.55 44.51
CA ASP B 192 6.04 -8.15 44.33
C ASP B 192 4.91 -7.27 44.85
N CYS B 193 4.97 -6.92 46.13
CA CYS B 193 3.92 -6.14 46.76
C CYS B 193 4.53 -5.16 47.75
N GLU B 194 3.68 -4.30 48.30
CA GLU B 194 4.11 -3.39 49.35
C GLU B 194 4.39 -4.17 50.64
N ILE B 195 5.11 -3.52 51.56
CA ILE B 195 5.61 -4.22 52.74
C ILE B 195 4.46 -4.77 53.57
N GLU B 196 3.43 -3.97 53.80
CA GLU B 196 2.28 -4.44 54.56
C GLU B 196 1.59 -5.60 53.86
N ARG B 197 1.45 -5.52 52.53
CA ARG B 197 0.88 -6.63 51.78
C ARG B 197 1.77 -7.87 51.83
N LEU B 198 3.08 -7.69 51.91
CA LEU B 198 3.99 -8.83 52.06
C LEU B 198 3.71 -9.58 53.35
N GLN B 199 3.54 -8.85 54.46
CA GLN B 199 3.21 -9.52 55.73
C GLN B 199 1.89 -10.26 55.63
N ASN B 200 0.89 -9.64 55.00
CA ASN B 200 -0.41 -10.29 54.85
C ASN B 200 -0.30 -11.56 54.03
N ILE B 201 0.42 -11.50 52.91
CA ILE B 201 0.59 -12.68 52.07
C ILE B 201 1.37 -13.77 52.79
N LEU B 202 2.45 -13.39 53.47
CA LEU B 202 3.27 -14.37 54.16
C LEU B 202 2.52 -15.05 55.31
N GLU B 203 1.77 -14.28 56.09
CA GLU B 203 1.02 -14.87 57.20
C GLU B 203 -0.09 -15.78 56.68
N GLN B 204 -0.77 -15.37 55.60
CA GLN B 204 -1.81 -16.23 55.03
C GLN B 204 -1.22 -17.52 54.47
N ILE B 205 -0.05 -17.43 53.84
CA ILE B 205 0.60 -18.62 53.28
C ILE B 205 1.01 -19.58 54.41
N VAL B 206 1.61 -19.05 55.46
CA VAL B 206 2.06 -19.93 56.55
C VAL B 206 0.86 -20.53 57.28
N SER B 207 -0.27 -19.82 57.30
CA SER B 207 -1.47 -20.37 57.94
C SER B 207 -2.10 -21.48 57.09
N VAL B 208 -2.16 -21.27 55.77
CA VAL B 208 -2.83 -22.24 54.91
C VAL B 208 -2.00 -23.50 54.75
N GLY B 209 -0.68 -23.40 54.89
CA GLY B 209 0.16 -24.58 54.88
C GLY B 209 1.03 -24.77 53.66
N LYS B 210 1.57 -23.68 53.12
CA LYS B 210 2.55 -23.73 52.04
C LYS B 210 3.84 -22.99 52.43
N HIS B 211 4.29 -23.21 53.66
CA HIS B 211 5.51 -22.61 54.16
C HIS B 211 6.69 -23.59 54.17
N VAL B 212 6.57 -24.71 53.48
CA VAL B 212 7.61 -25.73 53.45
C VAL B 212 8.73 -25.32 52.51
N LYS B 213 9.87 -26.02 52.60
CA LYS B 213 11.00 -25.70 51.74
C LYS B 213 10.79 -26.16 50.30
N GLY B 214 9.82 -27.03 50.05
CA GLY B 214 9.58 -27.48 48.68
C GLY B 214 9.10 -26.36 47.78
N TYR B 215 8.30 -25.46 48.30
CA TYR B 215 7.81 -24.33 47.53
C TYR B 215 8.85 -23.22 47.50
N HIS B 216 9.11 -22.69 46.31
CA HIS B 216 10.13 -21.66 46.11
C HIS B 216 9.44 -20.31 46.01
N TYR B 217 9.85 -19.36 46.85
CA TYR B 217 9.28 -18.03 46.89
C TYR B 217 10.38 -17.01 46.63
N ILE B 218 10.20 -16.17 45.62
CA ILE B 218 11.11 -15.06 45.33
C ILE B 218 10.43 -13.77 45.77
N ILE B 219 11.07 -13.06 46.68
CA ILE B 219 10.53 -11.81 47.22
C ILE B 219 11.17 -10.67 46.45
N ALA B 220 10.38 -10.01 45.60
CA ALA B 220 10.89 -8.96 44.72
C ALA B 220 10.88 -7.62 45.46
N ASN B 221 11.89 -7.44 46.30
CA ASN B 221 12.08 -6.18 47.01
C ASN B 221 13.54 -6.06 47.41
N LEU B 222 13.90 -4.87 47.88
CA LEU B 222 15.26 -4.59 48.34
C LEU B 222 15.38 -4.66 49.85
N GLY B 223 14.32 -5.06 50.56
CA GLY B 223 14.33 -5.10 52.00
C GLY B 223 14.14 -6.50 52.54
N PHE B 224 14.84 -7.47 51.94
CA PHE B 224 14.64 -8.87 52.31
C PHE B 224 14.85 -9.10 53.81
N LYS B 225 15.90 -8.52 54.37
CA LYS B 225 16.15 -8.65 55.80
C LYS B 225 15.25 -7.77 56.64
N ASP B 226 14.56 -6.80 56.04
CA ASP B 226 13.67 -5.92 56.78
C ASP B 226 12.35 -6.58 57.15
N ILE B 227 12.05 -7.75 56.62
CA ILE B 227 10.81 -8.46 56.87
C ILE B 227 11.13 -9.77 57.56
N SER B 228 10.39 -10.09 58.62
CA SER B 228 10.65 -11.27 59.42
C SER B 228 10.11 -12.52 58.73
N LEU B 229 10.99 -13.49 58.49
CA LEU B 229 10.62 -14.74 57.86
C LEU B 229 10.95 -15.94 58.76
N GLU B 230 10.85 -15.74 60.08
CA GLU B 230 11.30 -16.76 61.03
C GLU B 230 10.49 -18.06 60.89
N ARG B 231 9.22 -17.95 60.51
CA ARG B 231 8.38 -19.13 60.39
C ARG B 231 8.85 -20.05 59.26
N PHE B 232 9.46 -19.49 58.22
CA PHE B 232 9.84 -20.30 57.07
C PHE B 232 11.02 -21.21 57.36
N ILE B 233 11.90 -20.84 58.29
CA ILE B 233 13.02 -21.71 58.64
C ILE B 233 12.52 -23.02 59.21
N HIS B 234 11.57 -22.97 60.13
CA HIS B 234 10.98 -24.19 60.66
C HIS B 234 10.23 -24.95 59.58
N GLY B 235 9.50 -24.25 58.73
CA GLY B 235 8.77 -24.86 57.64
C GLY B 235 9.63 -25.12 56.41
N ASN B 238 12.94 -22.82 50.79
CA ASN B 238 13.56 -22.17 49.65
C ASN B 238 12.92 -20.81 49.40
N VAL B 239 13.49 -19.77 50.02
CA VAL B 239 13.04 -18.40 49.85
C VAL B 239 14.25 -17.53 49.49
N THR B 240 14.16 -16.83 48.38
CA THR B 240 15.24 -15.97 47.90
C THR B 240 14.77 -14.52 47.88
N GLY B 241 15.72 -13.60 48.05
CA GLY B 241 15.40 -12.19 48.04
C GLY B 241 16.64 -11.36 47.79
N PHE B 242 16.41 -10.05 47.66
CA PHE B 242 17.47 -9.10 47.37
C PHE B 242 17.62 -8.13 48.54
N GLN B 243 18.86 -7.91 48.95
CA GLN B 243 19.19 -6.95 50.00
C GLN B 243 20.06 -5.86 49.41
N LEU B 244 19.68 -4.60 49.63
CA LEU B 244 20.37 -3.48 49.01
C LEU B 244 21.54 -2.97 49.85
N VAL B 245 21.35 -2.81 51.15
CA VAL B 245 22.34 -2.22 52.04
C VAL B 245 23.07 -3.33 52.79
N ASP B 246 24.39 -3.24 52.85
CA ASP B 246 25.21 -4.20 53.55
C ASP B 246 25.37 -3.76 55.01
N PHE B 247 25.19 -4.71 55.93
CA PHE B 247 25.27 -4.43 57.36
C PHE B 247 26.68 -4.63 57.92
N ASN B 248 27.65 -4.92 57.07
CA ASN B 248 29.02 -5.21 57.48
C ASN B 248 29.99 -4.16 56.96
N THR B 249 29.62 -2.89 57.04
CA THR B 249 30.48 -1.80 56.64
C THR B 249 30.60 -0.79 57.78
N PRO B 250 31.72 -0.07 57.84
CA PRO B 250 31.89 0.89 58.95
C PRO B 250 30.82 1.97 59.02
N MET B 251 30.33 2.45 57.88
CA MET B 251 29.36 3.55 57.90
C MET B 251 28.00 3.08 58.40
N VAL B 252 27.55 1.89 58.01
CA VAL B 252 26.30 1.37 58.55
C VAL B 252 26.45 1.04 60.03
N THR B 253 27.67 0.68 60.46
CA THR B 253 27.92 0.47 61.88
C THR B 253 27.73 1.76 62.66
N LYS B 254 28.21 2.89 62.11
CA LYS B 254 27.96 4.17 62.76
C LYS B 254 26.47 4.49 62.80
N LEU B 255 25.75 4.20 61.72
CA LEU B 255 24.32 4.44 61.72
C LEU B 255 23.61 3.59 62.76
N MET B 256 24.05 2.34 62.92
CA MET B 256 23.43 1.47 63.93
C MET B 256 23.71 1.94 65.35
N ASP B 257 24.98 2.25 65.66
CA ASP B 257 25.28 2.63 67.03
C ASP B 257 24.78 4.03 67.37
N ARG B 258 24.38 4.81 66.37
CA ARG B 258 23.62 6.02 66.61
C ARG B 258 22.11 5.77 66.57
N TRP B 259 21.67 4.68 65.94
CA TRP B 259 20.25 4.35 65.89
C TRP B 259 19.75 3.73 67.18
N LYS B 260 20.64 3.19 68.01
CA LYS B 260 20.23 2.57 69.27
C LYS B 260 19.64 3.59 70.24
N LYS B 261 19.84 4.88 70.01
CA LYS B 261 19.22 5.90 70.84
C LYS B 261 17.71 5.85 70.68
N LEU B 262 17.02 5.32 71.69
CA LEU B 262 15.60 5.03 71.58
C LEU B 262 14.79 6.24 72.06
N ASP B 263 14.86 7.31 71.26
CA ASP B 263 14.02 8.49 71.46
C ASP B 263 12.77 8.39 70.61
N GLN B 264 12.01 7.31 70.85
CA GLN B 264 10.79 7.06 70.09
C GLN B 264 9.75 8.16 70.27
N ARG B 265 9.84 8.94 71.34
CA ARG B 265 8.94 10.07 71.50
C ARG B 265 9.17 11.11 70.41
N GLU B 266 10.43 11.31 70.01
CA GLU B 266 10.77 12.25 68.96
C GLU B 266 11.20 11.60 67.66
N TYR B 267 11.56 10.31 67.70
CA TYR B 267 12.00 9.57 66.51
C TYR B 267 11.21 8.27 66.43
N PRO B 268 9.96 8.33 65.95
CA PRO B 268 9.16 7.12 65.88
C PRO B 268 9.74 6.11 64.89
N GLY B 269 9.59 4.84 65.23
CA GLY B 269 10.09 3.75 64.41
C GLY B 269 11.53 3.38 64.63
N SER B 270 12.25 4.10 65.50
CA SER B 270 13.65 3.82 65.75
C SER B 270 13.87 2.54 66.53
N GLU B 271 12.81 1.93 67.06
CA GLU B 271 12.95 0.70 67.83
C GLU B 271 13.43 -0.47 67.00
N THR B 272 13.25 -0.43 65.68
CA THR B 272 13.65 -1.49 64.78
C THR B 272 14.76 -1.03 63.85
N PRO B 273 15.56 -1.97 63.33
CA PRO B 273 16.59 -1.58 62.38
C PRO B 273 15.98 -0.92 61.15
N PRO B 274 16.67 0.06 60.57
CA PRO B 274 16.07 0.83 59.48
C PRO B 274 15.77 -0.04 58.27
N LYS B 275 14.66 0.26 57.61
CA LYS B 275 14.29 -0.43 56.39
C LYS B 275 15.08 0.12 55.21
N TYR B 276 14.96 -0.56 54.06
CA TYR B 276 15.72 -0.16 52.88
C TYR B 276 15.32 1.23 52.42
N THR B 277 14.04 1.60 52.57
CA THR B 277 13.61 2.95 52.22
C THR B 277 14.25 3.98 53.13
N SER B 278 14.40 3.65 54.43
CA SER B 278 15.07 4.56 55.35
C SER B 278 16.52 4.80 54.95
N ALA B 279 17.23 3.74 54.55
CA ALA B 279 18.61 3.90 54.10
C ALA B 279 18.67 4.78 52.86
N LEU B 280 17.72 4.61 51.94
CA LEU B 280 17.70 5.45 50.74
C LEU B 280 17.45 6.91 51.09
N THR B 281 16.57 7.17 52.06
CA THR B 281 16.34 8.55 52.48
C THR B 281 17.60 9.15 53.10
N TYR B 282 18.29 8.38 53.94
CA TYR B 282 19.54 8.86 54.52
C TYR B 282 20.56 9.16 53.44
N ASP B 283 20.67 8.28 52.44
CA ASP B 283 21.62 8.49 51.34
C ASP B 283 21.26 9.73 50.53
N GLY B 284 19.97 9.99 50.34
CA GLY B 284 19.55 11.19 49.63
C GLY B 284 19.97 12.47 50.34
N VAL B 285 19.90 12.47 51.67
CA VAL B 285 20.38 13.62 52.44
C VAL B 285 21.87 13.86 52.18
N LEU B 286 22.66 12.79 52.19
CA LEU B 286 24.08 12.92 51.90
C LEU B 286 24.32 13.44 50.49
N VAL B 287 23.52 12.99 49.52
CA VAL B 287 23.68 13.48 48.15
C VAL B 287 23.42 14.99 48.09
N MET B 288 22.36 15.45 48.75
CA MET B 288 22.07 16.88 48.77
C MET B 288 23.16 17.67 49.47
N ALA B 289 23.66 17.15 50.59
CA ALA B 289 24.75 17.82 51.29
C ALA B 289 26.01 17.88 50.45
N GLU B 290 26.36 16.77 49.80
CA GLU B 290 27.58 16.74 48.98
C GLU B 290 27.50 17.68 47.79
N THR B 291 26.34 17.74 47.14
CA THR B 291 26.20 18.60 45.96
C THR B 291 26.15 20.08 46.34
N PHE B 292 25.62 20.40 47.52
CA PHE B 292 25.69 21.78 48.00
C PHE B 292 27.13 22.19 48.26
N ARG B 293 27.94 21.27 48.80
CA ARG B 293 29.37 21.53 48.94
C ARG B 293 30.02 21.76 47.58
N SER B 294 29.62 20.99 46.56
CA SER B 294 30.18 21.16 45.24
C SER B 294 29.81 22.53 44.65
N LEU B 295 28.55 22.94 44.80
CA LEU B 295 28.14 24.26 44.31
C LEU B 295 28.88 25.37 45.04
N ARG B 296 29.05 25.25 46.35
CA ARG B 296 29.80 26.24 47.11
C ARG B 296 31.26 26.26 46.68
N ARG B 297 31.83 25.09 46.40
CA ARG B 297 33.21 25.02 45.94
C ARG B 297 33.37 25.71 44.60
N GLN B 298 32.40 25.54 43.70
CA GLN B 298 32.44 26.17 42.39
C GLN B 298 32.13 27.67 42.45
N LYS B 299 31.93 28.22 43.65
CA LYS B 299 31.67 29.65 43.85
C LYS B 299 30.44 30.10 43.06
N ILE B 300 29.40 29.30 43.07
CA ILE B 300 28.15 29.62 42.41
C ILE B 300 27.15 29.99 43.50
N ASP B 301 26.80 31.28 43.57
CA ASP B 301 25.87 31.78 44.58
C ASP B 301 24.46 31.41 44.17
N ILE B 302 23.91 30.37 44.79
CA ILE B 302 22.57 29.89 44.46
C ILE B 302 21.55 30.79 45.13
N SER B 303 20.64 31.35 44.33
CA SER B 303 19.59 32.22 44.85
C SER B 303 18.47 32.26 43.82
N ARG B 304 17.22 32.31 44.33
CA ARG B 304 15.98 32.32 43.54
C ARG B 304 16.10 31.72 42.14
N GLY B 309 9.39 33.69 43.14
CA GLY B 309 8.31 33.40 42.23
C GLY B 309 7.23 32.52 42.83
N ASP B 310 6.17 32.27 42.06
CA ASP B 310 5.07 31.43 42.51
C ASP B 310 4.68 30.46 41.40
N CYS B 311 4.07 29.36 41.80
CA CYS B 311 3.63 28.35 40.85
C CYS B 311 2.46 28.87 40.02
N LEU B 312 2.24 28.23 38.87
CA LEU B 312 1.16 28.57 37.95
C LEU B 312 1.24 30.04 37.52
N ALA B 313 2.45 30.51 37.26
CA ALA B 313 2.67 31.89 36.84
C ALA B 313 2.11 32.15 35.44
N PRO B 315 5.09 32.08 32.48
CA PRO B 315 4.26 30.87 32.44
C PRO B 315 5.00 29.65 33.02
N ALA B 316 6.32 29.66 32.92
CA ALA B 316 7.14 28.56 33.41
C ALA B 316 8.10 28.97 34.53
N ALA B 317 8.52 30.22 34.57
CA ALA B 317 9.47 30.72 35.57
C ALA B 317 10.73 29.86 35.63
N PRO B 318 11.52 29.82 34.56
CA PRO B 318 12.71 28.96 34.56
C PRO B 318 13.74 29.45 35.56
N TRP B 319 14.53 28.50 36.08
CA TRP B 319 15.60 28.78 37.01
C TRP B 319 16.93 28.61 36.29
N GLY B 320 17.65 29.71 36.11
CA GLY B 320 18.92 29.65 35.39
C GLY B 320 19.94 28.78 36.09
N GLN B 321 20.05 28.91 37.42
CA GLN B 321 20.96 28.08 38.17
C GLN B 321 20.48 26.65 38.33
N GLY B 322 19.22 26.37 37.97
CA GLY B 322 18.69 25.02 38.13
C GLY B 322 19.36 23.99 37.24
N ILE B 323 19.75 24.39 36.04
CA ILE B 323 20.33 23.42 35.10
C ILE B 323 21.69 22.95 35.58
N ASP B 324 22.56 23.89 35.99
CA ASP B 324 23.87 23.52 36.48
C ASP B 324 23.76 22.75 37.79
N MET B 325 22.84 23.17 38.67
CA MET B 325 22.60 22.44 39.91
C MET B 325 22.10 21.02 39.63
N GLU B 326 21.19 20.88 38.66
CA GLU B 326 20.71 19.55 38.28
C GLU B 326 21.84 18.66 37.76
N ARG B 327 22.74 19.23 36.94
CA ARG B 327 23.86 18.46 36.43
C ARG B 327 24.80 18.03 37.55
N THR B 328 25.04 18.91 38.52
CA THR B 328 25.90 18.55 39.65
C THR B 328 25.32 17.40 40.45
N LEU B 329 24.00 17.39 40.65
CA LEU B 329 23.36 16.23 41.26
C LEU B 329 23.59 14.97 40.44
N LYS B 330 23.45 15.08 39.13
CA LYS B 330 23.56 13.91 38.26
C LYS B 330 24.98 13.40 38.10
N GLN B 331 25.99 14.16 38.55
CA GLN B 331 27.38 13.72 38.47
C GLN B 331 28.01 13.44 39.83
N VAL B 332 27.21 13.30 40.88
CA VAL B 332 27.76 13.01 42.20
C VAL B 332 28.16 11.54 42.26
N ARG B 333 29.16 11.24 43.08
CA ARG B 333 29.62 9.87 43.27
C ARG B 333 30.21 9.76 44.67
N ILE B 334 29.43 9.16 45.58
CA ILE B 334 29.83 9.01 46.97
C ILE B 334 29.73 7.53 47.34
N GLN B 335 30.14 7.21 48.56
CA GLN B 335 30.02 5.88 49.13
C GLN B 335 29.02 5.97 50.29
N GLY B 336 27.76 5.65 50.00
CA GLY B 336 26.70 5.71 50.99
C GLY B 336 26.25 4.34 51.44
N LEU B 337 25.12 4.32 52.14
CA LEU B 337 24.57 3.07 52.67
C LEU B 337 24.31 2.06 51.56
N THR B 338 23.88 2.54 50.38
CA THR B 338 23.64 1.68 49.23
C THR B 338 24.86 1.52 48.34
N GLY B 339 26.06 1.70 48.89
CA GLY B 339 27.28 1.48 48.13
C GLY B 339 27.71 2.68 47.31
N ASN B 340 28.18 2.42 46.10
CA ASN B 340 28.70 3.46 45.22
C ASN B 340 27.51 4.23 44.64
N VAL B 341 27.10 5.28 45.35
CA VAL B 341 25.97 6.10 44.92
C VAL B 341 26.44 6.98 43.76
N GLN B 342 25.99 6.66 42.55
CA GLN B 342 26.33 7.45 41.38
C GLN B 342 25.17 7.39 40.40
N PHE B 343 24.91 8.49 39.71
CA PHE B 343 23.82 8.60 38.77
C PHE B 343 24.34 8.89 37.37
N ASP B 344 23.63 8.37 36.37
CA ASP B 344 23.95 8.66 34.98
C ASP B 344 23.29 9.97 34.57
N HIS B 345 23.28 10.25 33.27
CA HIS B 345 22.66 11.47 32.77
C HIS B 345 21.14 11.41 32.71
N TYR B 346 20.55 10.24 33.00
CA TYR B 346 19.10 10.10 33.01
C TYR B 346 18.51 10.16 34.41
N GLY B 347 19.33 10.29 35.45
CA GLY B 347 18.85 10.34 36.80
C GLY B 347 18.73 8.99 37.49
N ARG B 348 18.90 7.90 36.76
CA ARG B 348 18.82 6.58 37.36
C ARG B 348 20.08 6.28 38.16
N ARG B 349 20.09 5.12 38.81
CA ARG B 349 21.24 4.68 39.60
C ARG B 349 22.16 3.83 38.73
N VAL B 350 23.46 4.11 38.79
CA VAL B 350 24.47 3.36 38.07
C VAL B 350 25.59 2.98 39.04
N ASN B 351 26.34 1.95 38.67
CA ASN B 351 27.46 1.45 39.47
C ASN B 351 26.99 1.06 40.87
N TYR B 352 25.94 0.24 40.92
CA TYR B 352 25.35 -0.22 42.17
C TYR B 352 25.34 -1.74 42.20
N THR B 353 25.31 -2.29 43.41
CA THR B 353 25.26 -3.73 43.60
C THR B 353 24.33 -4.06 44.76
N MET B 354 23.78 -5.27 44.73
CA MET B 354 22.89 -5.75 45.77
C MET B 354 23.14 -7.23 46.00
N ASP B 355 23.08 -7.66 47.26
CA ASP B 355 23.33 -9.05 47.60
C ASP B 355 22.09 -9.89 47.40
N VAL B 356 22.29 -11.16 47.08
CA VAL B 356 21.21 -12.13 46.91
C VAL B 356 21.27 -13.11 48.07
N PHE B 357 20.24 -13.09 48.91
CA PHE B 357 20.16 -13.93 50.09
C PHE B 357 19.15 -15.04 49.89
N GLU B 358 19.57 -16.28 50.15
CA GLU B 358 18.69 -17.44 50.14
C GLU B 358 18.58 -17.98 51.56
N LEU B 359 17.35 -18.27 51.98
CA LEU B 359 17.12 -18.70 53.35
C LEU B 359 17.59 -20.12 53.56
N LYS B 360 18.26 -20.35 54.70
CA LYS B 360 18.74 -21.68 55.05
C LYS B 360 18.33 -22.05 56.47
N SER B 361 18.81 -23.19 56.95
CA SER B 361 18.45 -23.65 58.29
C SER B 361 18.96 -22.68 59.35
N THR B 362 20.19 -22.18 59.18
CA THR B 362 20.75 -21.23 60.13
C THR B 362 20.18 -19.83 59.96
N GLY B 363 19.45 -19.58 58.87
CA GLY B 363 18.90 -18.27 58.61
C GLY B 363 19.24 -17.82 57.20
N PRO B 364 19.18 -16.50 56.97
CA PRO B 364 19.55 -15.98 55.65
C PRO B 364 21.04 -16.18 55.39
N ARG B 365 21.35 -16.59 54.16
CA ARG B 365 22.73 -16.79 53.74
C ARG B 365 22.95 -16.10 52.40
N LYS B 366 24.10 -15.46 52.26
CA LYS B 366 24.44 -14.77 51.02
C LYS B 366 24.97 -15.77 50.01
N VAL B 367 24.27 -15.90 48.88
CA VAL B 367 24.71 -16.78 47.81
C VAL B 367 25.56 -16.02 46.80
N GLY B 368 25.16 -14.81 46.45
CA GLY B 368 25.91 -14.01 45.52
C GLY B 368 25.45 -12.57 45.57
N TYR B 369 25.87 -11.80 44.59
CA TYR B 369 25.47 -10.41 44.47
C TYR B 369 25.32 -10.04 43.00
N TRP B 370 24.47 -9.05 42.76
CA TRP B 370 24.11 -8.62 41.40
C TRP B 370 24.50 -7.17 41.22
N ASN B 371 25.22 -6.86 40.15
CA ASN B 371 25.57 -5.49 39.81
C ASN B 371 25.34 -5.27 38.33
N ASP B 372 25.27 -4.00 37.94
CA ASP B 372 24.88 -3.64 36.58
C ASP B 372 25.96 -3.93 35.55
N MET B 373 27.19 -4.23 35.96
CA MET B 373 28.26 -4.50 35.00
C MET B 373 28.60 -5.97 34.86
N ASP B 374 28.48 -6.77 35.92
CA ASP B 374 28.76 -8.20 35.85
C ASP B 374 27.50 -9.06 36.00
N LYS B 375 26.32 -8.45 35.98
CA LYS B 375 25.04 -9.14 36.14
C LYS B 375 25.09 -9.89 37.47
N LEU B 376 24.72 -11.16 37.53
CA LEU B 376 24.70 -11.91 38.78
C LEU B 376 25.90 -12.85 38.86
N VAL B 377 26.65 -12.75 39.95
CA VAL B 377 27.80 -13.60 40.21
C VAL B 377 27.58 -14.31 41.55
N LEU B 378 27.75 -15.63 41.56
CA LEU B 378 27.44 -16.43 42.73
C LEU B 378 28.72 -16.99 43.33
N ILE B 379 28.73 -17.11 44.67
CA ILE B 379 29.87 -17.64 45.39
C ILE B 379 29.87 -19.15 45.28
N GLN B 380 31.00 -19.70 44.83
CA GLN B 380 31.15 -21.15 44.69
C GLN B 380 32.55 -21.55 45.13
N ASP B 381 32.68 -22.83 45.49
CA ASP B 381 33.97 -23.37 45.92
C ASP B 381 34.61 -24.19 44.82
N PRO C 4 -30.47 32.24 33.24
CA PRO C 4 -29.10 31.99 32.78
C PRO C 4 -29.05 31.58 31.31
N SER C 5 -28.99 32.56 30.41
CA SER C 5 -28.94 32.26 28.98
C SER C 5 -27.58 31.72 28.57
N SER C 6 -26.50 32.17 29.22
CA SER C 6 -25.15 31.77 28.88
C SER C 6 -24.63 30.82 29.94
N VAL C 7 -24.06 29.70 29.51
CA VAL C 7 -23.48 28.70 30.40
C VAL C 7 -22.04 28.46 29.97
N GLN C 8 -21.11 28.64 30.90
CA GLN C 8 -19.68 28.48 30.62
C GLN C 8 -19.28 27.03 30.82
N ILE C 9 -18.67 26.44 29.79
CA ILE C 9 -18.25 25.04 29.82
C ILE C 9 -16.77 24.98 29.46
N GLY C 10 -16.00 24.27 30.28
CA GLY C 10 -14.58 24.11 30.00
C GLY C 10 -14.32 22.99 29.02
N GLY C 11 -13.25 23.16 28.23
CA GLY C 11 -12.87 22.14 27.27
C GLY C 11 -11.37 21.94 27.19
N LEU C 12 -10.93 20.68 27.31
CA LEU C 12 -9.52 20.33 27.24
C LEU C 12 -9.30 19.39 26.07
N PHE C 13 -8.28 19.68 25.27
CA PHE C 13 -7.93 18.86 24.12
C PHE C 13 -6.43 18.66 24.07
N ILE C 14 -6.01 17.42 23.83
CA ILE C 14 -4.58 17.08 23.76
C ILE C 14 -4.14 17.09 22.31
N ARG C 15 -2.94 16.59 22.04
CA ARG C 15 -2.40 16.61 20.70
C ARG C 15 -3.10 15.60 19.81
N ASN C 16 -3.08 15.87 18.51
CA ASN C 16 -3.66 15.00 17.48
C ASN C 16 -5.12 14.66 17.81
N THR C 17 -5.89 15.69 18.15
CA THR C 17 -7.30 15.58 18.44
C THR C 17 -8.10 16.63 17.68
N ASP C 18 -7.67 16.95 16.46
CA ASP C 18 -8.34 17.98 15.68
C ASP C 18 -9.79 17.60 15.40
N GLN C 19 -10.03 16.35 15.00
CA GLN C 19 -11.38 15.92 14.66
C GLN C 19 -12.32 16.05 15.86
N GLU C 20 -11.82 15.74 17.06
CA GLU C 20 -12.63 15.86 18.26
C GLU C 20 -13.03 17.31 18.52
N TYR C 21 -12.10 18.25 18.32
CA TYR C 21 -12.41 19.65 18.53
C TYR C 21 -13.50 20.14 17.58
N THR C 22 -13.42 19.75 16.31
CA THR C 22 -14.47 20.15 15.36
C THR C 22 -15.80 19.54 15.73
N ALA C 23 -15.81 18.29 16.21
CA ALA C 23 -17.05 17.68 16.66
C ALA C 23 -17.61 18.42 17.85
N PHE C 24 -16.74 18.86 18.77
CA PHE C 24 -17.19 19.67 19.90
C PHE C 24 -17.84 20.95 19.42
N ARG C 25 -17.18 21.65 18.49
CA ARG C 25 -17.74 22.89 17.96
C ARG C 25 -19.03 22.63 17.20
N LEU C 26 -19.08 21.55 16.42
CA LEU C 26 -20.29 21.23 15.67
C LEU C 26 -21.46 20.92 16.60
N ALA C 27 -21.22 20.14 17.65
CA ALA C 27 -22.29 19.80 18.58
C ALA C 27 -22.83 21.04 19.30
N ILE C 28 -21.92 21.90 19.76
CA ILE C 28 -22.35 23.11 20.48
C ILE C 28 -23.07 24.06 19.53
N PHE C 29 -22.68 24.09 18.26
CA PHE C 29 -23.36 24.95 17.29
C PHE C 29 -24.78 24.47 17.01
N LEU C 30 -24.98 23.15 16.89
CA LEU C 30 -26.32 22.62 16.67
C LEU C 30 -27.23 22.93 17.85
N HIS C 31 -26.72 22.78 19.08
CA HIS C 31 -27.53 23.12 20.24
C HIS C 31 -27.84 24.61 20.27
N ASN C 32 -26.85 25.45 19.99
CA ASN C 32 -27.08 26.90 20.00
C ASN C 32 -28.05 27.31 18.92
N THR C 33 -27.88 26.79 17.71
CA THR C 33 -28.77 27.10 16.58
C THR C 33 -29.79 25.96 16.45
N SER C 34 -30.75 25.96 17.36
CA SER C 34 -31.78 24.92 17.41
C SER C 34 -33.13 25.58 17.68
N PRO C 35 -34.22 24.94 17.27
CA PRO C 35 -35.55 25.47 17.61
C PRO C 35 -35.75 25.51 19.12
N ASN C 36 -36.52 26.49 19.57
CA ASN C 36 -36.73 26.71 21.00
C ASN C 36 -37.66 25.64 21.57
N ALA C 37 -37.11 24.49 21.94
CA ALA C 37 -37.88 23.42 22.56
C ALA C 37 -38.15 23.79 24.01
N SER C 38 -39.20 24.58 24.21
CA SER C 38 -39.56 25.08 25.53
C SER C 38 -39.97 23.94 26.46
N PRO C 41 -33.33 26.89 25.38
CA PRO C 41 -33.59 28.14 26.09
C PRO C 41 -32.32 28.74 26.69
N PHE C 42 -31.20 28.06 26.51
CA PHE C 42 -29.92 28.51 27.04
C PHE C 42 -28.83 28.24 26.00
N ASN C 43 -27.73 28.97 26.14
CA ASN C 43 -26.60 28.85 25.24
C ASN C 43 -25.37 28.39 26.01
N LEU C 44 -24.50 27.66 25.31
CA LEU C 44 -23.25 27.14 25.88
C LEU C 44 -22.09 27.90 25.26
N VAL C 45 -21.28 28.53 26.09
CA VAL C 45 -20.06 29.21 25.66
C VAL C 45 -18.87 28.37 26.10
N PRO C 46 -18.06 27.86 25.18
CA PRO C 46 -16.93 27.02 25.56
C PRO C 46 -15.64 27.81 25.72
N HIS C 47 -14.91 27.50 26.79
CA HIS C 47 -13.53 27.95 26.97
C HIS C 47 -12.64 26.75 26.70
N VAL C 48 -12.00 26.74 25.54
CA VAL C 48 -11.31 25.57 25.02
C VAL C 48 -9.81 25.81 25.03
N ASP C 49 -9.06 24.82 25.50
CA ASP C 49 -7.61 24.87 25.52
C ASP C 49 -7.07 23.63 24.82
N ASN C 50 -6.29 23.82 23.77
CA ASN C 50 -5.71 22.72 23.00
C ASN C 50 -4.19 22.74 23.19
N ILE C 51 -3.72 22.01 24.19
CA ILE C 51 -2.30 21.90 24.48
C ILE C 51 -1.72 20.75 23.68
N GLU C 52 -0.50 20.93 23.18
CA GLU C 52 0.14 19.93 22.35
C GLU C 52 1.03 18.97 23.15
N THR C 53 1.73 19.48 24.15
CA THR C 53 2.61 18.64 24.95
C THR C 53 1.83 17.59 25.72
N ALA C 54 0.66 17.96 26.25
CA ALA C 54 -0.22 17.06 27.00
C ALA C 54 0.47 16.50 28.25
N ASN C 55 1.38 17.28 28.84
CA ASN C 55 1.97 16.89 30.11
C ASN C 55 1.06 17.30 31.27
N SER C 56 1.40 16.82 32.46
CA SER C 56 0.57 17.10 33.63
C SER C 56 0.60 18.57 34.00
N PHE C 57 1.76 19.23 33.85
CA PHE C 57 1.87 20.63 34.23
C PHE C 57 1.00 21.51 33.35
N ALA C 58 1.01 21.26 32.04
CA ALA C 58 0.17 22.03 31.13
C ALA C 58 -1.32 21.81 31.42
N VAL C 59 -1.69 20.57 31.74
CA VAL C 59 -3.08 20.26 32.08
C VAL C 59 -3.50 21.03 33.33
N THR C 60 -2.62 21.05 34.34
CA THR C 60 -2.93 21.77 35.58
C THR C 60 -3.11 23.27 35.33
N ASN C 61 -2.24 23.85 34.52
CA ASN C 61 -2.38 25.28 34.19
C ASN C 61 -3.71 25.55 33.49
N ALA C 62 -4.04 24.72 32.51
CA ALA C 62 -5.29 24.92 31.77
C ALA C 62 -6.50 24.74 32.65
N PHE C 63 -6.46 23.73 33.54
CA PHE C 63 -7.59 23.51 34.44
C PHE C 63 -7.79 24.67 35.40
N CYS C 64 -6.68 25.25 35.89
CA CYS C 64 -6.81 26.43 36.75
C CYS C 64 -7.41 27.59 35.98
N SER C 65 -7.01 27.77 34.71
CA SER C 65 -7.60 28.82 33.90
C SER C 65 -9.09 28.59 33.70
N GLN C 66 -9.49 27.33 33.45
CA GLN C 66 -10.91 27.03 33.31
C GLN C 66 -11.65 27.31 34.62
N TYR C 67 -11.06 26.92 35.74
CA TYR C 67 -11.67 27.17 37.04
C TYR C 67 -11.79 28.67 37.30
N SER C 68 -10.77 29.43 36.92
CA SER C 68 -10.83 30.88 37.04
C SER C 68 -11.82 31.51 36.06
N ARG C 69 -12.18 30.80 35.00
CA ARG C 69 -13.14 31.28 34.02
C ARG C 69 -14.58 30.94 34.37
N GLY C 70 -14.81 30.35 35.55
CA GLY C 70 -16.17 30.12 36.01
C GLY C 70 -16.97 29.11 35.23
N VAL C 71 -16.37 27.98 34.88
CA VAL C 71 -17.08 26.93 34.16
C VAL C 71 -17.74 25.99 35.16
N PHE C 72 -18.94 25.52 34.80
CA PHE C 72 -19.69 24.60 35.67
C PHE C 72 -19.32 23.15 35.41
N ALA C 73 -19.02 22.80 34.17
CA ALA C 73 -18.57 21.47 33.80
C ALA C 73 -17.42 21.60 32.81
N ILE C 74 -16.61 20.55 32.72
CA ILE C 74 -15.41 20.55 31.89
C ILE C 74 -15.41 19.30 31.03
N PHE C 75 -15.15 19.48 29.74
CA PHE C 75 -14.96 18.37 28.81
C PHE C 75 -13.47 18.24 28.53
N GLY C 76 -12.86 17.20 29.05
CA GLY C 76 -11.43 17.02 28.97
C GLY C 76 -11.03 15.69 28.36
N LEU C 77 -9.89 15.70 27.68
CA LEU C 77 -9.24 14.49 27.20
C LEU C 77 -7.96 14.28 27.99
N TYR C 78 -7.65 13.03 28.30
CA TYR C 78 -6.44 12.71 29.04
C TYR C 78 -5.85 11.40 28.57
N ASP C 79 -4.57 11.23 28.83
CA ASP C 79 -3.84 9.99 28.58
C ASP C 79 -3.33 9.45 29.91
N LYS C 80 -2.50 8.40 29.84
CA LYS C 80 -1.96 7.80 31.05
C LYS C 80 -1.16 8.82 31.86
N ARG C 81 -0.59 9.83 31.20
CA ARG C 81 0.21 10.82 31.92
C ARG C 81 -0.68 11.76 32.74
N SER C 82 -1.78 12.24 32.16
CA SER C 82 -2.59 13.29 32.77
C SER C 82 -3.91 12.78 33.32
N VAL C 83 -4.13 11.47 33.36
CA VAL C 83 -5.40 10.94 33.86
C VAL C 83 -5.55 11.24 35.35
N HIS C 84 -4.49 11.00 36.13
CA HIS C 84 -4.61 11.08 37.58
C HIS C 84 -4.76 12.52 38.05
N THR C 85 -3.95 13.43 37.51
CA THR C 85 -4.03 14.83 37.92
C THR C 85 -5.37 15.45 37.57
N LEU C 86 -5.89 15.19 36.37
CA LEU C 86 -7.15 15.80 35.97
C LEU C 86 -8.32 15.24 36.78
N THR C 87 -8.39 13.93 36.93
CA THR C 87 -9.48 13.32 37.70
C THR C 87 -9.46 13.76 39.16
N SER C 88 -8.28 13.79 39.78
CA SER C 88 -8.19 14.18 41.18
C SER C 88 -8.55 15.64 41.38
N PHE C 89 -8.09 16.52 40.49
CA PHE C 89 -8.43 17.93 40.60
C PHE C 89 -9.92 18.15 40.41
N CYS C 90 -10.54 17.44 39.46
CA CYS C 90 -11.97 17.58 39.24
C CYS C 90 -12.77 17.11 40.45
N SER C 91 -12.35 15.99 41.05
CA SER C 91 -13.10 15.46 42.20
C SER C 91 -12.89 16.32 43.45
N ALA C 92 -11.70 16.90 43.61
CA ALA C 92 -11.41 17.65 44.83
C ALA C 92 -12.25 18.91 44.93
N LEU C 93 -12.39 19.64 43.83
CA LEU C 93 -13.11 20.92 43.82
C LEU C 93 -14.58 20.76 43.45
N HIS C 94 -15.06 19.53 43.32
CA HIS C 94 -16.46 19.24 43.00
C HIS C 94 -16.86 19.77 41.63
N ILE C 95 -15.88 20.00 40.76
CA ILE C 95 -16.14 20.40 39.38
C ILE C 95 -16.12 19.14 38.53
N SER C 96 -17.28 18.76 38.01
CA SER C 96 -17.39 17.48 37.32
C SER C 96 -16.72 17.55 35.95
N LEU C 97 -16.32 16.37 35.47
CA LEU C 97 -15.63 16.22 34.21
C LEU C 97 -16.37 15.23 33.33
N ILE C 98 -16.44 15.53 32.04
CA ILE C 98 -17.01 14.62 31.05
C ILE C 98 -15.90 14.26 30.08
N THR C 99 -15.63 12.96 29.92
CA THR C 99 -14.52 12.53 29.10
C THR C 99 -14.94 11.40 28.17
N PRO C 100 -14.45 11.42 26.92
CA PRO C 100 -14.55 10.23 26.05
C PRO C 100 -13.34 9.33 26.07
N SER C 101 -12.38 9.56 26.97
CA SER C 101 -11.14 8.78 27.01
C SER C 101 -11.40 7.44 27.69
N PHE C 102 -10.33 6.67 27.89
CA PHE C 102 -10.46 5.35 28.48
C PHE C 102 -10.92 5.45 29.93
N PRO C 103 -11.67 4.45 30.41
CA PRO C 103 -12.15 4.48 31.80
C PRO C 103 -11.01 4.35 32.79
N THR C 104 -11.26 4.83 34.01
CA THR C 104 -10.27 4.80 35.08
C THR C 104 -10.73 3.89 36.22
N GLU C 105 -11.22 2.70 35.86
CA GLU C 105 -11.74 1.73 36.82
C GLU C 105 -10.85 1.63 38.05
N GLY C 106 -11.49 1.47 39.20
CA GLY C 106 -10.79 1.59 40.48
C GLY C 106 -11.38 2.69 41.33
N GLU C 107 -12.71 2.84 41.25
CA GLU C 107 -13.49 3.87 41.96
C GLU C 107 -13.20 5.26 41.41
N SER C 108 -14.17 6.16 41.52
CA SER C 108 -14.06 7.50 40.96
C SER C 108 -15.25 8.33 41.43
N GLN C 109 -15.12 9.64 41.27
CA GLN C 109 -16.19 10.58 41.59
C GLN C 109 -16.08 11.80 40.68
N PHE C 110 -17.23 12.42 40.40
CA PHE C 110 -17.30 13.66 39.63
C PHE C 110 -16.69 13.51 38.24
N VAL C 111 -16.70 12.29 37.70
CA VAL C 111 -16.19 12.04 36.35
C VAL C 111 -17.15 11.07 35.66
N LEU C 112 -17.46 11.38 34.40
CA LEU C 112 -18.40 10.59 33.60
C LEU C 112 -17.65 10.09 32.38
N GLN C 113 -17.46 8.77 32.29
CA GLN C 113 -16.72 8.16 31.19
C GLN C 113 -17.69 7.86 30.05
N LEU C 114 -17.60 8.65 28.97
CA LEU C 114 -18.44 8.40 27.81
C LEU C 114 -18.04 7.10 27.12
N ARG C 115 -16.74 6.83 27.06
CA ARG C 115 -16.28 5.60 26.42
C ARG C 115 -16.63 4.40 27.29
N PRO C 116 -17.33 3.41 26.74
CA PRO C 116 -17.68 2.23 27.53
C PRO C 116 -16.48 1.31 27.70
N SER C 117 -16.60 0.43 28.70
CA SER C 117 -15.56 -0.55 28.96
C SER C 117 -15.50 -1.57 27.82
N LEU C 118 -14.27 -1.93 27.44
CA LEU C 118 -14.05 -2.86 26.34
C LEU C 118 -13.60 -4.23 26.81
N ARG C 119 -13.17 -4.38 28.07
CA ARG C 119 -12.63 -5.66 28.52
C ARG C 119 -13.69 -6.76 28.46
N GLY C 120 -14.93 -6.42 28.77
CA GLY C 120 -15.98 -7.44 28.73
C GLY C 120 -16.22 -7.99 27.35
N ALA C 121 -16.33 -7.11 26.35
CA ALA C 121 -16.57 -7.54 24.98
C ALA C 121 -15.40 -8.35 24.44
N LEU C 122 -14.17 -7.90 24.68
CA LEU C 122 -13.01 -8.61 24.18
C LEU C 122 -12.87 -9.98 24.85
N LEU C 123 -13.11 -10.06 26.15
CA LEU C 123 -13.06 -11.35 26.84
C LEU C 123 -14.13 -12.30 26.34
N SER C 124 -15.34 -11.78 26.11
CA SER C 124 -16.40 -12.62 25.56
C SER C 124 -16.04 -13.14 24.18
N LEU C 125 -15.47 -12.29 23.34
CA LEU C 125 -15.06 -12.71 22.01
C LEU C 125 -13.98 -13.78 22.07
N LEU C 126 -13.00 -13.62 22.95
CA LEU C 126 -11.93 -14.60 23.06
C LEU C 126 -12.46 -15.94 23.55
N ASP C 127 -13.39 -15.93 24.50
CA ASP C 127 -13.98 -17.18 24.97
C ASP C 127 -14.77 -17.86 23.85
N HIS C 128 -15.47 -17.08 23.02
CA HIS C 128 -16.21 -17.66 21.90
C HIS C 128 -15.27 -18.29 20.89
N TYR C 129 -14.12 -17.66 20.64
CA TYR C 129 -13.19 -18.16 19.63
C TYR C 129 -12.33 -19.32 20.14
N GLU C 130 -12.40 -19.64 21.43
CA GLU C 130 -11.66 -20.77 22.01
C GLU C 130 -10.16 -20.63 21.78
N TRP C 131 -9.65 -19.40 21.87
CA TRP C 131 -8.24 -19.14 21.67
C TRP C 131 -7.44 -19.56 22.90
N ASN C 132 -6.25 -20.11 22.66
CA ASN C 132 -5.34 -20.51 23.72
C ASN C 132 -4.03 -19.74 23.70
N CYS C 133 -3.35 -19.70 22.57
CA CYS C 133 -2.08 -18.99 22.43
C CYS C 133 -2.21 -17.93 21.36
N PHE C 134 -1.85 -16.70 21.69
CA PHE C 134 -1.91 -15.60 20.74
C PHE C 134 -0.98 -14.49 21.20
N VAL C 135 -0.64 -13.62 20.26
CA VAL C 135 0.26 -12.49 20.51
C VAL C 135 -0.59 -11.26 20.78
N PHE C 136 -0.43 -10.69 21.97
CA PHE C 136 -1.17 -9.49 22.37
C PHE C 136 -0.25 -8.29 22.18
N LEU C 137 -0.41 -7.60 21.05
CA LEU C 137 0.33 -6.37 20.81
C LEU C 137 -0.42 -5.21 21.45
N TYR C 138 0.28 -4.41 22.24
CA TYR C 138 -0.38 -3.35 23.00
C TYR C 138 0.59 -2.21 23.26
N ASP C 139 0.03 -1.08 23.65
CA ASP C 139 0.78 0.07 24.14
C ASP C 139 0.18 0.51 25.47
N THR C 140 0.78 1.52 26.09
CA THR C 140 0.35 1.97 27.41
C THR C 140 -0.17 3.41 27.36
N ASP C 141 -0.68 3.84 26.20
CA ASP C 141 -1.22 5.19 26.11
C ASP C 141 -2.56 5.32 26.82
N ARG C 142 -3.32 4.24 26.91
CA ARG C 142 -4.66 4.24 27.49
C ARG C 142 -4.73 3.38 28.73
N GLY C 143 -3.73 3.48 29.59
CA GLY C 143 -3.73 2.72 30.83
C GLY C 143 -3.37 1.27 30.63
N TYR C 144 -3.60 0.48 31.69
CA TYR C 144 -3.25 -0.92 31.70
C TYR C 144 -4.42 -1.82 32.04
N SER C 145 -5.66 -1.30 32.04
CA SER C 145 -6.80 -2.11 32.46
C SER C 145 -6.99 -3.31 31.54
N ILE C 146 -6.89 -3.10 30.23
CA ILE C 146 -7.06 -4.20 29.28
C ILE C 146 -5.97 -5.24 29.46
N LEU C 147 -4.72 -4.78 29.62
CA LEU C 147 -3.61 -5.71 29.78
C LEU C 147 -3.76 -6.55 31.04
N GLN C 148 -4.11 -5.91 32.16
CA GLN C 148 -4.29 -6.65 33.40
C GLN C 148 -5.42 -7.65 33.29
N ALA C 149 -6.54 -7.25 32.70
CA ALA C 149 -7.69 -8.15 32.56
C ALA C 149 -7.34 -9.34 31.68
N ILE C 150 -6.64 -9.11 30.57
CA ILE C 150 -6.27 -10.19 29.66
C ILE C 150 -5.39 -11.22 30.36
N MET C 151 -4.39 -10.75 31.10
CA MET C 151 -3.49 -11.67 31.79
C MET C 151 -4.19 -12.39 32.94
N GLU C 152 -5.09 -11.70 33.65
CA GLU C 152 -5.82 -12.36 34.73
C GLU C 152 -6.70 -13.47 34.17
N LYS C 153 -7.39 -13.21 33.05
CA LYS C 153 -8.20 -14.25 32.42
C LYS C 153 -7.31 -15.40 31.94
N ALA C 154 -6.16 -15.06 31.36
CA ALA C 154 -5.23 -16.09 30.88
C ALA C 154 -4.71 -16.96 32.01
N GLY C 155 -4.36 -16.35 33.14
CA GLY C 155 -3.89 -17.13 34.27
C GLY C 155 -4.97 -18.05 34.83
N GLN C 156 -6.20 -17.56 34.92
CA GLN C 156 -7.30 -18.39 35.41
C GLN C 156 -7.68 -19.49 34.43
N ASN C 157 -7.38 -19.31 33.14
CA ASN C 157 -7.71 -20.30 32.12
C ASN C 157 -6.49 -20.97 31.52
N GLY C 158 -5.30 -20.67 32.02
CA GLY C 158 -4.09 -21.33 31.53
C GLY C 158 -3.77 -21.05 30.07
N TRP C 159 -3.87 -19.79 29.66
CA TRP C 159 -3.52 -19.40 28.30
C TRP C 159 -2.06 -18.98 28.23
N HIS C 160 -1.39 -19.36 27.15
CA HIS C 160 0.01 -18.99 26.93
C HIS C 160 0.06 -17.74 26.06
N VAL C 161 -0.34 -16.62 26.65
CA VAL C 161 -0.41 -15.35 25.93
C VAL C 161 0.96 -14.70 25.95
N SER C 162 1.47 -14.34 24.78
CA SER C 162 2.73 -13.63 24.64
C SER C 162 2.41 -12.16 24.42
N ALA C 163 2.63 -11.34 25.45
CA ALA C 163 2.33 -9.92 25.39
C ALA C 163 3.59 -9.14 25.02
N ILE C 164 3.47 -8.28 24.01
CA ILE C 164 4.58 -7.48 23.51
C ILE C 164 4.13 -6.03 23.48
N CYS C 165 4.94 -5.14 24.06
CA CYS C 165 4.68 -3.72 24.02
C CYS C 165 5.29 -3.13 22.75
N VAL C 166 4.49 -2.35 22.02
CA VAL C 166 4.93 -1.76 20.76
C VAL C 166 5.23 -0.27 20.92
N GLU C 167 5.55 0.17 22.13
CA GLU C 167 5.92 1.56 22.35
C GLU C 167 7.33 1.83 21.84
N ASN C 168 7.49 2.95 21.14
CA ASN C 168 8.80 3.40 20.66
C ASN C 168 9.44 2.36 19.76
N PHE C 169 8.67 1.89 18.78
CA PHE C 169 9.17 1.04 17.71
C PHE C 169 9.00 1.73 16.37
N ASN C 170 10.00 1.57 15.50
CA ASN C 170 9.93 2.07 14.13
C ASN C 170 9.49 0.95 13.19
N ASP C 171 9.47 1.26 11.90
CA ASP C 171 9.00 0.29 10.91
C ASP C 171 9.88 -0.96 10.90
N VAL C 172 11.20 -0.77 11.01
CA VAL C 172 12.12 -1.92 11.04
C VAL C 172 11.82 -2.80 12.25
N SER C 173 11.47 -2.19 13.37
CA SER C 173 11.16 -2.98 14.58
C SER C 173 9.94 -3.85 14.36
N TYR C 174 8.88 -3.31 13.75
CA TYR C 174 7.70 -4.12 13.48
C TYR C 174 8.04 -5.26 12.53
N ARG C 175 8.84 -4.99 11.50
CA ARG C 175 9.21 -6.04 10.55
C ARG C 175 9.99 -7.15 11.24
N GLN C 176 10.95 -6.78 12.09
CA GLN C 176 11.73 -7.79 12.81
C GLN C 176 10.86 -8.59 13.76
N LEU C 177 9.95 -7.90 14.47
CA LEU C 177 9.05 -8.59 15.40
C LEU C 177 8.14 -9.56 14.67
N LEU C 178 7.58 -9.14 13.53
CA LEU C 178 6.70 -10.03 12.77
C LEU C 178 7.47 -11.24 12.26
N GLU C 179 8.70 -11.04 11.79
CA GLU C 179 9.50 -12.16 11.32
C GLU C 179 9.81 -13.14 12.45
N GLU C 180 10.15 -12.62 13.64
CA GLU C 180 10.42 -13.51 14.77
C GLU C 180 9.18 -14.30 15.16
N LEU C 181 8.02 -13.64 15.17
CA LEU C 181 6.78 -14.34 15.52
C LEU C 181 6.42 -15.38 14.47
N ASP C 182 6.67 -15.09 13.19
CA ASP C 182 6.44 -16.07 12.14
C ASP C 182 7.36 -17.27 12.31
N ARG C 183 8.61 -17.04 12.71
CA ARG C 183 9.52 -18.14 13.00
C ARG C 183 9.00 -18.97 14.16
N ARG C 184 8.41 -18.32 15.16
CA ARG C 184 7.82 -19.04 16.29
C ARG C 184 6.53 -19.76 15.93
N GLN C 185 6.00 -19.53 14.73
CA GLN C 185 4.80 -20.21 14.24
C GLN C 185 3.59 -19.93 15.14
N GLU C 186 3.29 -18.64 15.29
CA GLU C 186 2.11 -18.18 16.02
C GLU C 186 1.23 -17.39 15.07
N LYS C 187 -0.04 -17.78 14.98
CA LYS C 187 -0.94 -17.26 13.96
C LYS C 187 -1.92 -16.22 14.47
N LYS C 188 -2.32 -16.28 15.73
CA LYS C 188 -3.40 -15.44 16.25
C LYS C 188 -2.80 -14.19 16.89
N PHE C 189 -3.40 -13.03 16.58
CA PHE C 189 -2.93 -11.74 17.07
C PHE C 189 -4.09 -10.93 17.61
N VAL C 190 -3.83 -10.18 18.67
CA VAL C 190 -4.78 -9.24 19.25
C VAL C 190 -4.08 -7.89 19.36
N ILE C 191 -4.61 -6.89 18.67
CA ILE C 191 -3.98 -5.58 18.58
C ILE C 191 -4.80 -4.59 19.39
N ASP C 192 -4.16 -3.94 20.36
CA ASP C 192 -4.77 -2.88 21.19
C ASP C 192 -3.77 -1.74 21.26
N CYS C 193 -3.83 -0.82 20.31
CA CYS C 193 -2.86 0.26 20.21
C CYS C 193 -3.56 1.56 19.90
N GLU C 194 -2.79 2.64 19.91
CA GLU C 194 -3.29 3.94 19.46
C GLU C 194 -3.61 3.87 17.96
N ILE C 195 -4.52 4.74 17.53
CA ILE C 195 -5.01 4.67 16.16
C ILE C 195 -3.89 4.93 15.17
N GLU C 196 -2.98 5.86 15.49
CA GLU C 196 -1.84 6.09 14.61
C GLU C 196 -0.92 4.88 14.57
N ARG C 197 -0.60 4.32 15.73
CA ARG C 197 0.22 3.10 15.78
C ARG C 197 -0.50 1.92 15.15
N LEU C 198 -1.83 1.89 15.25
CA LEU C 198 -2.59 0.83 14.61
C LEU C 198 -2.43 0.86 13.09
N GLN C 199 -2.50 2.05 12.49
CA GLN C 199 -2.27 2.17 11.05
C GLN C 199 -0.87 1.68 10.67
N ASN C 200 0.13 2.06 11.46
CA ASN C 200 1.50 1.65 11.15
C ASN C 200 1.67 0.14 11.22
N ILE C 201 1.09 -0.50 12.24
CA ILE C 201 1.20 -1.95 12.37
C ILE C 201 0.47 -2.65 11.22
N LEU C 202 -0.69 -2.13 10.84
CA LEU C 202 -1.42 -2.72 9.71
C LEU C 202 -0.62 -2.61 8.41
N GLU C 203 0.00 -1.45 8.19
CA GLU C 203 0.82 -1.28 6.99
C GLU C 203 2.00 -2.23 6.99
N GLN C 204 2.65 -2.40 8.14
CA GLN C 204 3.77 -3.34 8.24
C GLN C 204 3.31 -4.77 7.99
N ILE C 205 2.12 -5.13 8.48
CA ILE C 205 1.59 -6.48 8.27
C ILE C 205 1.38 -6.73 6.77
N VAL C 206 0.82 -5.75 6.07
CA VAL C 206 0.63 -5.89 4.63
C VAL C 206 1.98 -6.01 3.92
N SER C 207 2.95 -5.19 4.33
CA SER C 207 4.26 -5.23 3.69
C SER C 207 4.94 -6.57 3.88
N VAL C 208 4.88 -7.13 5.10
CA VAL C 208 5.50 -8.42 5.35
C VAL C 208 4.78 -9.52 4.58
N GLY C 209 3.45 -9.44 4.51
CA GLY C 209 2.67 -10.44 3.81
C GLY C 209 1.95 -11.37 4.76
N LYS C 210 1.56 -10.85 5.92
CA LYS C 210 0.85 -11.62 6.92
C LYS C 210 -0.66 -11.42 6.87
N HIS C 211 -1.18 -10.93 5.73
CA HIS C 211 -2.60 -10.68 5.56
C HIS C 211 -3.23 -11.70 4.63
N VAL C 212 -2.79 -12.95 4.70
CA VAL C 212 -3.33 -14.03 3.89
C VAL C 212 -4.21 -14.91 4.77
N LYS C 213 -4.90 -15.86 4.12
CA LYS C 213 -5.75 -16.79 4.85
C LYS C 213 -4.91 -17.61 5.81
N GLY C 214 -5.47 -17.87 6.99
CA GLY C 214 -4.77 -18.58 8.05
C GLY C 214 -4.33 -17.70 9.19
N TYR C 215 -4.39 -16.38 9.05
CA TYR C 215 -4.04 -15.44 10.10
C TYR C 215 -5.30 -14.77 10.62
N HIS C 216 -5.43 -14.69 11.93
CA HIS C 216 -6.57 -14.07 12.58
C HIS C 216 -6.12 -12.84 13.36
N TYR C 217 -6.75 -11.70 13.11
CA TYR C 217 -6.43 -10.46 13.79
C TYR C 217 -7.68 -9.92 14.47
N ILE C 218 -7.53 -9.51 15.73
CA ILE C 218 -8.60 -8.90 16.50
C ILE C 218 -8.17 -7.48 16.84
N ILE C 219 -8.98 -6.50 16.45
CA ILE C 219 -8.70 -5.11 16.70
C ILE C 219 -9.54 -4.65 17.88
N ALA C 220 -8.88 -4.30 18.98
CA ALA C 220 -9.56 -3.98 20.24
C ALA C 220 -9.72 -2.46 20.35
N ASN C 221 -10.74 -1.94 19.68
CA ASN C 221 -11.13 -0.55 19.81
C ASN C 221 -12.57 -0.43 19.34
N LEU C 222 -13.08 0.81 19.35
CA LEU C 222 -14.45 1.07 18.93
C LEU C 222 -14.53 1.72 17.56
N GLY C 223 -13.42 1.74 16.82
CA GLY C 223 -13.38 2.38 15.52
C GLY C 223 -13.06 1.42 14.38
N PHE C 224 -13.67 0.24 14.40
CA PHE C 224 -13.35 -0.77 13.40
C PHE C 224 -13.65 -0.29 11.99
N LYS C 225 -14.79 0.36 11.79
CA LYS C 225 -15.13 0.89 10.48
C LYS C 225 -14.45 2.21 10.18
N ASP C 226 -13.75 2.80 11.15
CA ASP C 226 -13.04 4.06 10.95
C ASP C 226 -11.69 3.88 10.27
N ILE C 227 -11.26 2.64 10.03
CA ILE C 227 -9.96 2.37 9.44
C ILE C 227 -10.17 1.58 8.15
N SER C 228 -9.13 1.57 7.32
CA SER C 228 -9.19 0.94 6.00
C SER C 228 -8.55 -0.44 6.06
N LEU C 229 -9.24 -1.43 5.49
CA LEU C 229 -8.76 -2.81 5.46
C LEU C 229 -8.92 -3.42 4.07
N GLU C 230 -8.78 -2.60 3.03
CA GLU C 230 -8.95 -3.12 1.67
C GLU C 230 -7.91 -4.20 1.37
N ARG C 231 -6.67 -4.01 1.81
CA ARG C 231 -5.65 -5.03 1.63
C ARG C 231 -6.02 -6.32 2.34
N PHE C 232 -6.58 -6.21 3.55
CA PHE C 232 -7.01 -7.39 4.28
C PHE C 232 -8.26 -8.01 3.67
N ILE C 233 -9.14 -7.20 3.08
CA ILE C 233 -10.30 -7.75 2.38
C ILE C 233 -9.84 -8.62 1.21
N HIS C 234 -8.87 -8.13 0.45
CA HIS C 234 -8.39 -8.87 -0.72
C HIS C 234 -7.55 -10.07 -0.30
N GLY C 235 -6.75 -9.92 0.75
CA GLY C 235 -5.91 -11.03 1.20
C GLY C 235 -6.72 -12.18 1.76
N GLY C 236 -7.78 -11.87 2.51
CA GLY C 236 -8.66 -12.89 3.05
C GLY C 236 -8.38 -13.32 4.47
N ALA C 237 -7.52 -12.61 5.20
CA ALA C 237 -7.26 -12.95 6.58
C ALA C 237 -8.46 -12.62 7.45
N ASN C 238 -8.70 -13.45 8.47
CA ASN C 238 -9.82 -13.23 9.37
C ASN C 238 -9.55 -12.02 10.26
N VAL C 239 -10.43 -11.03 10.21
CA VAL C 239 -10.32 -9.83 11.03
C VAL C 239 -11.63 -9.66 11.79
N THR C 240 -11.52 -9.48 13.11
CA THR C 240 -12.67 -9.24 13.97
C THR C 240 -12.48 -7.92 14.70
N GLY C 241 -13.55 -7.14 14.77
CA GLY C 241 -13.49 -5.84 15.42
C GLY C 241 -14.81 -5.49 16.06
N PHE C 242 -14.77 -4.41 16.85
CA PHE C 242 -15.94 -3.93 17.58
C PHE C 242 -16.27 -2.53 17.11
N GLN C 243 -17.52 -2.32 16.70
CA GLN C 243 -18.00 -1.01 16.25
C GLN C 243 -19.07 -0.54 17.20
N LEU C 244 -18.87 0.65 17.78
CA LEU C 244 -19.83 1.20 18.72
C LEU C 244 -20.89 2.04 18.02
N VAL C 245 -20.52 2.79 17.00
CA VAL C 245 -21.44 3.70 16.34
C VAL C 245 -22.27 2.92 15.33
N ASP C 246 -23.59 3.02 15.46
CA ASP C 246 -24.50 2.40 14.50
C ASP C 246 -24.78 3.39 13.37
N PHE C 247 -24.61 2.93 12.13
CA PHE C 247 -24.79 3.77 10.96
C PHE C 247 -26.18 3.65 10.36
N ASN C 248 -27.09 2.93 11.00
CA ASN C 248 -28.44 2.70 10.50
C ASN C 248 -29.48 3.27 11.45
N THR C 249 -29.25 4.47 11.95
CA THR C 249 -30.19 5.16 12.81
C THR C 249 -30.45 6.56 12.28
N PRO C 250 -31.64 7.12 12.56
CA PRO C 250 -31.94 8.47 12.07
C PRO C 250 -30.97 9.53 12.57
N MET C 251 -30.50 9.42 13.81
CA MET C 251 -29.64 10.46 14.36
C MET C 251 -28.29 10.50 13.64
N VAL C 252 -27.67 9.34 13.45
CA VAL C 252 -26.39 9.32 12.75
C VAL C 252 -26.56 9.76 11.30
N THR C 253 -27.70 9.43 10.68
CA THR C 253 -27.94 9.84 9.29
C THR C 253 -28.03 11.36 9.17
N LYS C 254 -28.78 11.99 10.07
CA LYS C 254 -28.89 13.44 10.05
C LYS C 254 -27.54 14.10 10.30
N LEU C 255 -26.77 13.57 11.27
CA LEU C 255 -25.48 14.14 11.58
C LEU C 255 -24.50 13.95 10.42
N MET C 256 -24.54 12.80 9.76
CA MET C 256 -23.69 12.57 8.61
C MET C 256 -24.06 13.52 7.46
N ASP C 257 -25.35 13.76 7.26
CA ASP C 257 -25.77 14.69 6.21
C ASP C 257 -25.24 16.08 6.49
N ARG C 258 -25.31 16.52 7.75
CA ARG C 258 -24.72 17.81 8.12
C ARG C 258 -23.19 17.76 8.05
N TRP C 259 -22.59 16.60 8.34
CA TRP C 259 -21.15 16.50 8.34
C TRP C 259 -20.57 16.70 6.94
N LYS C 260 -21.20 16.10 5.93
CA LYS C 260 -20.71 16.26 4.56
C LYS C 260 -20.82 17.71 4.09
N LYS C 261 -21.82 18.45 4.58
CA LYS C 261 -22.02 19.84 4.19
C LYS C 261 -21.38 20.76 5.23
N LEU C 262 -20.04 20.69 5.30
CA LEU C 262 -19.27 21.49 6.24
C LEU C 262 -18.05 22.05 5.54
N ASP C 263 -17.55 23.17 6.06
CA ASP C 263 -16.34 23.79 5.53
C ASP C 263 -15.12 23.04 6.04
N GLN C 264 -14.34 22.50 5.11
CA GLN C 264 -13.16 21.73 5.49
C GLN C 264 -12.14 22.61 6.21
N ARG C 265 -11.94 23.83 5.72
CA ARG C 265 -11.00 24.74 6.37
C ARG C 265 -11.45 25.09 7.78
N GLU C 266 -12.75 25.36 7.96
CA GLU C 266 -13.26 25.69 9.29
C GLU C 266 -13.38 24.45 10.17
N TYR C 267 -13.66 23.29 9.57
CA TYR C 267 -13.86 22.04 10.31
C TYR C 267 -12.90 21.00 9.74
N PRO C 268 -11.64 21.02 10.18
CA PRO C 268 -10.69 19.99 9.70
C PRO C 268 -11.14 18.60 10.11
N GLY C 269 -10.86 17.63 9.23
CA GLY C 269 -11.30 16.28 9.43
C GLY C 269 -12.68 15.98 8.90
N SER C 270 -13.41 16.99 8.42
CA SER C 270 -14.73 16.75 7.83
C SER C 270 -14.65 16.03 6.50
N GLU C 271 -13.46 15.98 5.89
CA GLU C 271 -13.27 15.25 4.65
C GLU C 271 -13.40 13.74 4.83
N THR C 272 -13.37 13.25 6.07
CA THR C 272 -13.49 11.85 6.40
C THR C 272 -14.65 11.64 7.37
N PRO C 273 -15.27 10.47 7.37
CA PRO C 273 -16.35 10.19 8.33
C PRO C 273 -15.85 10.31 9.75
N PRO C 274 -16.68 10.80 10.67
CA PRO C 274 -16.25 10.96 12.06
C PRO C 274 -15.87 9.63 12.69
N LYS C 275 -14.81 9.65 13.48
CA LYS C 275 -14.36 8.44 14.16
C LYS C 275 -15.18 8.21 15.43
N TYR C 276 -14.91 7.10 16.12
CA TYR C 276 -15.68 6.78 17.31
C TYR C 276 -15.48 7.82 18.40
N THR C 277 -14.29 8.43 18.47
CA THR C 277 -14.08 9.49 19.45
C THR C 277 -14.89 10.73 19.10
N SER C 278 -15.06 11.01 17.81
CA SER C 278 -15.90 12.13 17.40
C SER C 278 -17.36 11.90 17.79
N ALA C 279 -17.85 10.68 17.58
CA ALA C 279 -19.21 10.36 18.04
C ALA C 279 -19.30 10.45 19.56
N LEU C 280 -18.26 10.00 20.26
CA LEU C 280 -18.27 10.04 21.73
C LEU C 280 -18.30 11.47 22.25
N THR C 281 -17.51 12.37 21.66
CA THR C 281 -17.50 13.75 22.13
C THR C 281 -18.80 14.47 21.76
N TYR C 282 -19.38 14.15 20.61
CA TYR C 282 -20.70 14.67 20.28
C TYR C 282 -21.73 14.25 21.31
N ASP C 283 -21.70 12.99 21.72
CA ASP C 283 -22.61 12.50 22.76
C ASP C 283 -22.38 13.23 24.07
N GLY C 284 -21.12 13.56 24.38
CA GLY C 284 -20.84 14.26 25.63
C GLY C 284 -21.47 15.64 25.69
N VAL C 285 -21.41 16.39 24.58
CA VAL C 285 -22.06 17.68 24.54
C VAL C 285 -23.57 17.52 24.71
N LEU C 286 -24.13 16.50 24.07
CA LEU C 286 -25.56 16.21 24.24
C LEU C 286 -25.91 15.89 25.68
N VAL C 287 -25.05 15.13 26.38
CA VAL C 287 -25.30 14.81 27.78
C VAL C 287 -25.30 16.07 28.63
N MET C 288 -24.33 16.96 28.39
CA MET C 288 -24.29 18.21 29.15
C MET C 288 -25.54 19.05 28.91
N ALA C 289 -26.00 19.14 27.65
CA ALA C 289 -27.19 19.92 27.36
C ALA C 289 -28.41 19.37 28.08
N GLU C 290 -28.58 18.04 28.05
CA GLU C 290 -29.73 17.44 28.71
C GLU C 290 -29.68 17.63 30.22
N THR C 291 -28.47 17.55 30.80
CA THR C 291 -28.35 17.73 32.25
C THR C 291 -28.66 19.15 32.67
N PHE C 292 -28.24 20.15 31.88
CA PHE C 292 -28.61 21.52 32.19
C PHE C 292 -30.11 21.72 32.12
N ARG C 293 -30.75 21.09 31.13
CA ARG C 293 -32.21 21.10 31.09
C ARG C 293 -32.79 20.47 32.34
N SER C 294 -32.18 19.36 32.79
CA SER C 294 -32.66 18.69 34.00
C SER C 294 -32.46 19.57 35.23
N LEU C 295 -31.32 20.26 35.33
CA LEU C 295 -31.14 21.21 36.42
C LEU C 295 -32.20 22.29 36.37
N ARG C 296 -32.52 22.78 35.17
CA ARG C 296 -33.58 23.78 35.05
C ARG C 296 -34.92 23.19 35.47
N ARG C 297 -35.18 21.93 35.12
CA ARG C 297 -36.44 21.29 35.52
C ARG C 297 -36.48 21.06 37.02
N GLN C 298 -35.34 20.71 37.62
CA GLN C 298 -35.27 20.42 39.04
C GLN C 298 -35.30 21.68 39.89
N LYS C 299 -35.43 22.85 39.29
CA LYS C 299 -35.49 24.13 40.01
C LYS C 299 -34.24 24.35 40.85
N ILE C 300 -33.09 23.93 40.32
CA ILE C 300 -31.81 24.08 41.01
C ILE C 300 -31.03 25.15 40.26
N ASP C 301 -31.00 26.36 40.79
CA ASP C 301 -30.26 27.45 40.18
C ASP C 301 -28.76 27.21 40.29
N ILE C 302 -28.04 27.56 39.23
CA ILE C 302 -26.60 27.38 39.17
C ILE C 302 -25.93 28.74 39.14
N SER C 303 -24.84 28.89 39.90
CA SER C 303 -24.05 30.11 39.91
C SER C 303 -22.68 29.80 40.46
N ARG C 304 -21.66 30.48 39.93
CA ARG C 304 -20.29 30.25 40.38
C ARG C 304 -20.00 30.90 41.72
N ARG C 305 -20.75 31.93 42.10
CA ARG C 305 -20.61 32.59 43.40
C ARG C 305 -19.20 33.10 43.63
N ASN C 307 -15.93 33.71 43.56
CA ASN C 307 -15.22 32.44 43.62
C ASN C 307 -13.74 32.62 43.27
N ALA C 308 -13.49 33.48 42.27
CA ALA C 308 -12.15 33.86 41.84
C ALA C 308 -11.47 32.70 41.10
N GLY C 309 -10.15 32.72 41.03
CA GLY C 309 -9.42 31.71 40.30
C GLY C 309 -8.32 31.06 41.11
N ASP C 310 -8.40 31.20 42.43
CA ASP C 310 -7.46 30.55 43.34
C ASP C 310 -7.68 29.05 43.37
N CYS C 311 -7.46 28.37 42.24
CA CYS C 311 -7.57 26.91 42.19
C CYS C 311 -6.76 26.22 43.29
N LEU C 312 -5.70 26.87 43.78
CA LEU C 312 -4.89 26.36 44.89
C LEU C 312 -5.21 27.06 46.21
N ALA C 313 -6.46 27.43 46.41
CA ALA C 313 -6.86 28.07 47.67
C ALA C 313 -6.69 27.11 48.83
N ASN C 314 -6.05 27.59 49.90
CA ASN C 314 -5.79 26.79 51.08
C ASN C 314 -6.60 27.33 52.25
N PRO C 315 -7.51 26.55 52.84
CA PRO C 315 -7.85 25.16 52.49
C PRO C 315 -8.75 25.10 51.26
N ALA C 316 -9.00 23.91 50.73
CA ALA C 316 -9.81 23.76 49.53
C ALA C 316 -11.23 24.25 49.76
N ALA C 317 -11.82 24.80 48.71
CA ALA C 317 -13.17 25.36 48.75
C ALA C 317 -14.00 24.68 47.66
N PRO C 318 -14.48 23.46 47.91
CA PRO C 318 -15.26 22.76 46.89
C PRO C 318 -16.58 23.45 46.61
N TRP C 319 -17.04 23.29 45.38
CA TRP C 319 -18.30 23.91 44.97
C TRP C 319 -19.47 23.28 45.72
N GLY C 320 -20.37 24.13 46.21
CA GLY C 320 -21.48 23.64 47.01
C GLY C 320 -22.54 22.90 46.23
N GLN C 321 -22.66 23.18 44.93
CA GLN C 321 -23.65 22.53 44.08
C GLN C 321 -23.05 21.40 43.26
N GLY C 322 -21.80 21.02 43.53
CA GLY C 322 -21.16 19.98 42.74
C GLY C 322 -21.79 18.61 42.94
N ILE C 323 -22.23 18.32 44.17
CA ILE C 323 -22.81 17.00 44.44
C ILE C 323 -24.12 16.82 43.67
N ASP C 324 -24.98 17.85 43.68
CA ASP C 324 -26.23 17.76 42.93
C ASP C 324 -25.97 17.68 41.43
N MET C 325 -24.99 18.45 40.94
CA MET C 325 -24.66 18.39 39.52
C MET C 325 -24.17 17.01 39.11
N GLU C 326 -23.29 16.41 39.92
CA GLU C 326 -22.79 15.07 39.61
C GLU C 326 -23.92 14.05 39.64
N ARG C 327 -24.81 14.16 40.63
CA ARG C 327 -25.96 13.25 40.71
C ARG C 327 -26.84 13.38 39.48
N THR C 328 -27.13 14.61 39.06
CA THR C 328 -27.96 14.81 37.88
C THR C 328 -27.28 14.29 36.61
N LEU C 329 -25.96 14.50 36.49
CA LEU C 329 -25.23 13.98 35.35
C LEU C 329 -25.36 12.47 35.25
N LYS C 330 -25.24 11.77 36.39
CA LYS C 330 -25.35 10.33 36.40
C LYS C 330 -26.79 9.83 36.28
N GLN C 331 -27.78 10.72 36.42
CA GLN C 331 -29.19 10.34 36.38
C GLN C 331 -29.86 10.64 35.04
N VAL C 332 -29.09 10.70 33.97
CA VAL C 332 -29.62 11.04 32.64
C VAL C 332 -29.47 9.83 31.72
N ARG C 333 -30.57 9.47 31.06
CA ARG C 333 -30.58 8.44 30.03
C ARG C 333 -30.98 9.11 28.71
N ILE C 334 -30.09 9.06 27.73
CA ILE C 334 -30.30 9.73 26.46
C ILE C 334 -29.94 8.76 25.33
N GLN C 335 -30.35 9.12 24.12
CA GLN C 335 -30.06 8.37 22.91
C GLN C 335 -29.12 9.19 22.04
N GLY C 336 -27.98 8.60 21.69
CA GLY C 336 -26.99 9.28 20.88
C GLY C 336 -26.33 8.39 19.86
N LEU C 337 -25.24 8.87 19.25
CA LEU C 337 -24.59 8.13 18.17
C LEU C 337 -24.12 6.75 18.63
N THR C 338 -23.73 6.63 19.90
CA THR C 338 -23.25 5.37 20.44
C THR C 338 -24.36 4.51 21.02
N GLY C 339 -25.62 4.94 20.92
CA GLY C 339 -26.73 4.16 21.42
C GLY C 339 -27.37 4.78 22.66
N ASN C 340 -27.72 3.94 23.63
CA ASN C 340 -28.34 4.41 24.86
C ASN C 340 -27.26 4.85 25.82
N VAL C 341 -26.95 6.15 25.80
CA VAL C 341 -25.97 6.71 26.72
C VAL C 341 -26.63 6.79 28.10
N GLN C 342 -26.19 5.92 29.01
CA GLN C 342 -26.75 5.88 30.36
C GLN C 342 -25.67 5.40 31.31
N PHE C 343 -25.36 6.21 32.32
CA PHE C 343 -24.32 5.88 33.28
C PHE C 343 -24.94 5.38 34.58
N ASP C 344 -24.14 4.63 35.34
CA ASP C 344 -24.52 4.16 36.66
C ASP C 344 -24.09 5.19 37.70
N HIS C 345 -24.10 4.79 38.98
CA HIS C 345 -23.66 5.69 40.04
C HIS C 345 -22.15 5.78 40.12
N TYR C 346 -21.42 4.94 39.39
CA TYR C 346 -19.96 4.98 39.40
C TYR C 346 -19.42 6.02 38.44
N GLY C 347 -20.08 6.20 37.29
CA GLY C 347 -19.63 7.07 36.24
C GLY C 347 -19.37 6.38 34.92
N ARG C 348 -19.25 5.05 34.92
CA ARG C 348 -19.00 4.31 33.70
C ARG C 348 -20.29 4.16 32.90
N ARG C 349 -20.17 3.64 31.68
CA ARG C 349 -21.33 3.40 30.83
C ARG C 349 -21.91 2.03 31.12
N VAL C 350 -23.23 1.98 31.26
CA VAL C 350 -23.96 0.73 31.47
C VAL C 350 -25.13 0.69 30.50
N ASN C 351 -25.65 -0.51 30.28
CA ASN C 351 -26.76 -0.73 29.35
C ASN C 351 -26.40 -0.21 27.96
N TYR C 352 -25.21 -0.60 27.48
CA TYR C 352 -24.72 -0.20 26.18
C TYR C 352 -24.54 -1.43 25.30
N THR C 353 -24.65 -1.21 23.98
CA THR C 353 -24.51 -2.27 23.00
C THR C 353 -23.49 -1.85 21.95
N MET C 354 -22.72 -2.82 21.46
CA MET C 354 -21.72 -2.57 20.43
C MET C 354 -21.75 -3.72 19.43
N ASP C 355 -21.64 -3.39 18.14
CA ASP C 355 -21.69 -4.39 17.10
C ASP C 355 -20.33 -5.05 16.91
N VAL C 356 -20.36 -6.31 16.47
CA VAL C 356 -19.15 -7.08 16.21
C VAL C 356 -19.09 -7.37 14.72
N PHE C 357 -18.02 -6.93 14.06
CA PHE C 357 -17.88 -7.03 12.62
C PHE C 357 -16.76 -7.99 12.26
N GLU C 358 -17.06 -8.94 11.37
CA GLU C 358 -16.07 -9.86 10.83
C GLU C 358 -15.83 -9.53 9.37
N LEU C 359 -14.56 -9.46 8.98
CA LEU C 359 -14.20 -9.08 7.63
C LEU C 359 -14.30 -10.27 6.69
N LYS C 360 -14.99 -10.08 5.56
CA LYS C 360 -15.13 -11.10 4.54
C LYS C 360 -14.83 -10.48 3.17
N SER C 361 -14.95 -11.30 2.13
CA SER C 361 -14.68 -10.81 0.77
C SER C 361 -15.66 -9.72 0.38
N THR C 362 -16.93 -9.86 0.74
CA THR C 362 -17.90 -8.81 0.45
C THR C 362 -17.59 -7.53 1.22
N GLY C 363 -16.96 -7.66 2.39
CA GLY C 363 -16.61 -6.51 3.20
C GLY C 363 -16.91 -6.73 4.66
N PRO C 364 -16.91 -5.65 5.44
CA PRO C 364 -17.22 -5.79 6.87
C PRO C 364 -18.68 -6.07 7.11
N ARG C 365 -19.00 -7.30 7.51
CA ARG C 365 -20.38 -7.72 7.75
C ARG C 365 -20.56 -8.02 9.24
N LYS C 366 -21.57 -7.43 9.84
CA LYS C 366 -21.85 -7.67 11.25
C LYS C 366 -22.21 -9.13 11.48
N VAL C 367 -21.60 -9.73 12.50
CA VAL C 367 -21.85 -11.12 12.85
C VAL C 367 -22.68 -11.24 14.12
N GLY C 368 -22.76 -10.19 14.93
CA GLY C 368 -23.52 -10.24 16.16
C GLY C 368 -23.34 -8.94 16.92
N TYR C 369 -23.80 -8.94 18.16
CA TYR C 369 -23.67 -7.77 19.02
C TYR C 369 -23.26 -8.21 20.41
N TRP C 370 -22.83 -7.24 21.22
CA TRP C 370 -22.45 -7.47 22.59
C TRP C 370 -23.13 -6.44 23.48
N ASN C 371 -23.78 -6.91 24.54
CA ASN C 371 -24.44 -6.04 25.50
C ASN C 371 -24.10 -6.48 26.91
N ASP C 372 -24.27 -5.55 27.85
CA ASP C 372 -23.88 -5.79 29.23
C ASP C 372 -24.68 -6.90 29.90
N MET C 373 -25.89 -7.17 29.43
CA MET C 373 -26.76 -8.15 30.07
C MET C 373 -26.58 -9.55 29.49
N ASP C 374 -26.73 -9.70 28.18
CA ASP C 374 -26.65 -11.00 27.52
C ASP C 374 -25.26 -11.35 27.02
N LYS C 375 -24.26 -10.51 27.32
CA LYS C 375 -22.87 -10.74 26.92
C LYS C 375 -22.83 -10.75 25.40
N LEU C 376 -22.25 -11.76 24.76
CA LEU C 376 -22.12 -11.80 23.31
C LEU C 376 -23.25 -12.63 22.72
N VAL C 377 -24.04 -12.04 21.83
CA VAL C 377 -25.10 -12.72 21.10
C VAL C 377 -24.77 -12.61 19.62
N LEU C 378 -24.52 -13.75 18.99
CA LEU C 378 -24.13 -13.80 17.59
C LEU C 378 -25.32 -14.19 16.72
N ILE C 379 -25.31 -13.70 15.49
CA ILE C 379 -26.37 -14.01 14.54
C ILE C 379 -26.10 -15.35 13.88
N GLN C 380 -27.07 -16.25 13.94
CA GLN C 380 -26.93 -17.57 13.35
C GLN C 380 -28.04 -17.86 12.35
N PRO D 4 -31.10 9.75 -58.05
CA PRO D 4 -29.74 9.24 -58.17
C PRO D 4 -29.66 7.94 -58.98
N SER D 5 -29.06 8.01 -60.17
CA SER D 5 -28.91 6.85 -61.04
C SER D 5 -27.47 6.43 -61.26
N SER D 6 -26.52 7.35 -61.13
CA SER D 6 -25.09 7.05 -61.27
C SER D 6 -24.43 7.32 -59.93
N VAL D 7 -24.38 6.30 -59.09
CA VAL D 7 -23.83 6.43 -57.74
C VAL D 7 -22.35 6.09 -57.78
N GLN D 8 -21.52 7.04 -57.36
CA GLN D 8 -20.08 6.83 -57.32
C GLN D 8 -19.70 6.14 -56.03
N ILE D 9 -18.88 5.09 -56.13
CA ILE D 9 -18.32 4.41 -54.97
C ILE D 9 -16.80 4.31 -55.16
N GLY D 10 -16.10 4.00 -54.07
CA GLY D 10 -14.67 3.86 -54.08
C GLY D 10 -14.23 2.42 -53.93
N GLY D 11 -13.12 2.07 -54.57
CA GLY D 11 -12.57 0.74 -54.48
C GLY D 11 -11.08 0.74 -54.22
N LEU D 12 -10.65 0.06 -53.16
CA LEU D 12 -9.24 0.02 -52.79
C LEU D 12 -8.79 -1.43 -52.74
N PHE D 13 -7.86 -1.80 -53.61
CA PHE D 13 -7.35 -3.15 -53.68
C PHE D 13 -5.83 -3.13 -53.56
N ILE D 14 -5.27 -4.24 -53.10
CA ILE D 14 -3.83 -4.34 -52.87
C ILE D 14 -3.24 -5.41 -53.77
N ARG D 15 -1.94 -5.63 -53.66
CA ARG D 15 -1.25 -6.59 -54.52
C ARG D 15 -1.77 -8.00 -54.26
N ASN D 16 -1.65 -8.85 -55.29
CA ASN D 16 -2.09 -10.24 -55.24
C ASN D 16 -3.57 -10.37 -54.94
N THR D 17 -4.38 -9.51 -55.58
CA THR D 17 -5.83 -9.53 -55.45
C THR D 17 -6.49 -9.45 -56.81
N ASP D 18 -5.93 -10.17 -57.80
CA ASP D 18 -6.53 -10.17 -59.13
C ASP D 18 -7.89 -10.84 -59.14
N GLN D 19 -8.03 -11.98 -58.47
CA GLN D 19 -9.31 -12.68 -58.42
C GLN D 19 -10.37 -11.85 -57.71
N GLU D 20 -9.99 -11.20 -56.61
CA GLU D 20 -10.94 -10.37 -55.88
C GLU D 20 -11.41 -9.20 -56.72
N TYR D 21 -10.49 -8.55 -57.45
CA TYR D 21 -10.87 -7.44 -58.31
C TYR D 21 -11.79 -7.91 -59.43
N THR D 22 -11.51 -9.08 -60.01
CA THR D 22 -12.38 -9.60 -61.05
C THR D 22 -13.78 -9.90 -60.52
N ALA D 23 -13.87 -10.48 -59.33
CA ALA D 23 -15.17 -10.77 -58.74
C ALA D 23 -15.92 -9.48 -58.44
N PHE D 24 -15.22 -8.47 -57.93
CA PHE D 24 -15.86 -7.18 -57.67
C PHE D 24 -16.40 -6.57 -58.95
N ARG D 25 -15.62 -6.61 -60.03
CA ARG D 25 -16.08 -6.09 -61.32
C ARG D 25 -17.28 -6.86 -61.82
N LEU D 26 -17.27 -8.18 -61.69
CA LEU D 26 -18.39 -9.00 -62.15
C LEU D 26 -19.66 -8.69 -61.37
N ALA D 27 -19.55 -8.53 -60.05
CA ALA D 27 -20.73 -8.20 -59.25
C ALA D 27 -21.32 -6.86 -59.66
N ILE D 28 -20.47 -5.87 -59.91
CA ILE D 28 -20.95 -4.56 -60.36
C ILE D 28 -21.65 -4.69 -61.70
N PHE D 29 -21.09 -5.48 -62.61
CA PHE D 29 -21.68 -5.64 -63.93
C PHE D 29 -23.07 -6.29 -63.85
N LEU D 30 -23.20 -7.31 -63.01
CA LEU D 30 -24.52 -7.92 -62.82
C LEU D 30 -25.50 -6.93 -62.20
N HIS D 31 -25.04 -6.12 -61.25
CA HIS D 31 -25.89 -5.09 -60.69
C HIS D 31 -26.29 -4.06 -61.74
N ASN D 32 -25.45 -3.86 -62.75
CA ASN D 32 -25.79 -2.94 -63.83
C ASN D 32 -26.85 -3.51 -64.76
N THR D 33 -26.98 -4.83 -64.84
CA THR D 33 -27.91 -5.49 -65.74
C THR D 33 -28.97 -6.26 -64.95
N SER D 34 -29.47 -5.66 -63.87
CA SER D 34 -30.51 -6.25 -63.04
C SER D 34 -31.63 -5.25 -62.86
N PRO D 35 -32.58 -5.22 -63.80
CA PRO D 35 -33.66 -4.22 -63.72
C PRO D 35 -34.54 -4.38 -62.49
N ASN D 36 -35.13 -5.56 -62.32
CA ASN D 36 -36.02 -5.87 -61.21
C ASN D 36 -37.02 -4.75 -60.95
N ALA D 37 -37.02 -4.21 -59.73
CA ALA D 37 -37.90 -3.11 -59.38
C ALA D 37 -37.32 -1.78 -59.81
N ALA D 40 -34.94 2.57 -56.93
CA ALA D 40 -34.37 3.42 -57.97
C ALA D 40 -33.34 2.66 -58.79
N PRO D 41 -33.31 2.91 -60.10
CA PRO D 41 -32.30 2.27 -60.97
C PRO D 41 -30.95 2.96 -60.88
N PHE D 42 -30.25 2.76 -59.77
CA PHE D 42 -28.93 3.34 -59.60
C PHE D 42 -27.87 2.37 -60.09
N ASN D 43 -26.93 2.88 -60.87
CA ASN D 43 -25.81 2.09 -61.38
C ASN D 43 -24.56 2.44 -60.60
N LEU D 44 -23.89 1.43 -60.06
CA LEU D 44 -22.70 1.65 -59.26
C LEU D 44 -21.49 1.79 -60.16
N VAL D 45 -20.85 2.96 -60.13
CA VAL D 45 -19.62 3.21 -60.86
C VAL D 45 -18.48 3.25 -59.84
N PRO D 46 -17.52 2.33 -59.92
CA PRO D 46 -16.42 2.34 -58.95
C PRO D 46 -15.23 3.18 -59.40
N HIS D 47 -14.74 4.04 -58.52
CA HIS D 47 -13.47 4.73 -58.75
C HIS D 47 -12.32 3.94 -58.14
N VAL D 48 -12.14 2.73 -58.66
CA VAL D 48 -11.17 1.78 -58.10
C VAL D 48 -9.77 2.33 -58.23
N ASP D 49 -8.99 2.25 -57.16
CA ASP D 49 -7.60 2.69 -57.12
C ASP D 49 -6.76 1.55 -56.58
N ASN D 50 -6.32 0.66 -57.47
CA ASN D 50 -5.48 -0.45 -57.06
C ASN D 50 -4.09 0.06 -56.68
N ILE D 51 -3.57 -0.41 -55.55
CA ILE D 51 -2.25 -0.03 -55.06
C ILE D 51 -1.39 -1.28 -54.97
N GLU D 52 -0.14 -1.17 -55.42
CA GLU D 52 0.77 -2.32 -55.42
C GLU D 52 1.63 -2.38 -54.17
N THR D 53 2.11 -1.23 -53.70
CA THR D 53 3.01 -1.22 -52.54
C THR D 53 2.29 -1.71 -51.29
N ALA D 54 1.02 -1.34 -51.13
CA ALA D 54 0.20 -1.71 -49.98
C ALA D 54 0.76 -1.18 -48.65
N ASN D 55 1.58 -0.13 -48.71
CA ASN D 55 2.07 0.51 -47.51
C ASN D 55 1.13 1.63 -47.08
N SER D 56 1.41 2.21 -45.92
CA SER D 56 0.50 3.19 -45.33
C SER D 56 0.40 4.44 -46.20
N PHE D 57 1.51 4.86 -46.81
CA PHE D 57 1.49 6.08 -47.61
C PHE D 57 0.58 5.94 -48.83
N ALA D 58 0.67 4.80 -49.53
CA ALA D 58 -0.20 4.58 -50.68
C ALA D 58 -1.66 4.52 -50.28
N VAL D 59 -1.95 3.88 -49.14
CA VAL D 59 -3.33 3.80 -48.66
C VAL D 59 -3.88 5.20 -48.41
N THR D 60 -3.10 6.05 -47.73
CA THR D 60 -3.54 7.41 -47.47
C THR D 60 -3.74 8.19 -48.77
N ASN D 61 -2.81 8.05 -49.71
CA ASN D 61 -2.90 8.79 -50.97
C ASN D 61 -4.15 8.40 -51.74
N ALA D 62 -4.40 7.09 -51.89
CA ALA D 62 -5.58 6.64 -52.61
C ALA D 62 -6.86 7.03 -51.89
N PHE D 63 -6.87 6.94 -50.55
CA PHE D 63 -8.06 7.30 -49.79
C PHE D 63 -8.41 8.77 -49.95
N CYS D 64 -7.41 9.65 -49.90
CA CYS D 64 -7.68 11.07 -50.05
C CYS D 64 -8.14 11.39 -51.47
N SER D 65 -7.54 10.73 -52.47
CA SER D 65 -7.98 10.96 -53.85
C SER D 65 -9.43 10.53 -54.02
N GLN D 66 -9.81 9.38 -53.45
CA GLN D 66 -11.20 8.94 -53.51
C GLN D 66 -12.12 9.90 -52.77
N TYR D 67 -11.67 10.40 -51.60
CA TYR D 67 -12.47 11.35 -50.84
C TYR D 67 -12.72 12.62 -51.64
N SER D 68 -11.73 13.05 -52.43
CA SER D 68 -11.91 14.22 -53.29
C SER D 68 -13.04 14.02 -54.29
N ARG D 69 -13.40 12.78 -54.61
CA ARG D 69 -14.47 12.49 -55.54
C ARG D 69 -15.81 12.28 -54.88
N GLY D 70 -15.85 12.22 -53.54
CA GLY D 70 -17.11 12.06 -52.83
C GLY D 70 -17.82 10.76 -53.14
N VAL D 71 -17.25 9.64 -52.70
CA VAL D 71 -17.79 8.33 -53.07
C VAL D 71 -18.78 7.78 -52.04
N PHE D 72 -18.89 8.38 -50.86
CA PHE D 72 -19.90 8.04 -49.86
C PHE D 72 -19.61 6.70 -49.21
N ALA D 73 -18.65 5.95 -49.75
CA ALA D 73 -18.28 4.63 -49.27
C ALA D 73 -17.10 4.09 -50.08
N ILE D 74 -16.24 3.29 -49.47
CA ILE D 74 -15.13 2.66 -50.14
C ILE D 74 -15.12 1.17 -49.81
N PHE D 75 -15.02 0.35 -50.84
CA PHE D 75 -14.81 -1.10 -50.66
C PHE D 75 -13.32 -1.36 -50.67
N GLY D 76 -12.74 -1.58 -49.49
CA GLY D 76 -11.30 -1.66 -49.36
C GLY D 76 -10.78 -3.01 -48.91
N LEU D 77 -9.50 -3.25 -49.18
CA LEU D 77 -8.79 -4.42 -48.67
C LEU D 77 -7.50 -3.96 -48.04
N TYR D 78 -7.20 -4.48 -46.85
CA TYR D 78 -6.02 -4.05 -46.11
C TYR D 78 -5.29 -5.25 -45.54
N ASP D 79 -4.04 -5.01 -45.14
CA ASP D 79 -3.20 -5.99 -44.47
C ASP D 79 -2.82 -5.46 -43.09
N LYS D 80 -1.90 -6.16 -42.42
CA LYS D 80 -1.49 -5.77 -41.07
C LYS D 80 -0.85 -4.39 -41.05
N ARG D 81 -0.25 -3.96 -42.16
CA ARG D 81 0.49 -2.70 -42.21
C ARG D 81 -0.39 -1.52 -42.61
N SER D 82 -1.64 -1.75 -42.99
CA SER D 82 -2.51 -0.69 -43.47
C SER D 82 -3.86 -0.63 -42.77
N VAL D 83 -4.18 -1.59 -41.91
CA VAL D 83 -5.48 -1.60 -41.25
C VAL D 83 -5.64 -0.37 -40.36
N HIS D 84 -4.60 -0.02 -39.61
CA HIS D 84 -4.70 1.08 -38.65
C HIS D 84 -4.82 2.44 -39.34
N THR D 85 -4.48 2.53 -40.62
CA THR D 85 -4.63 3.77 -41.37
C THR D 85 -6.00 3.89 -42.03
N LEU D 86 -6.41 2.85 -42.76
CA LEU D 86 -7.69 2.90 -43.44
C LEU D 86 -8.85 3.01 -42.46
N THR D 87 -8.84 2.19 -41.41
CA THR D 87 -9.92 2.23 -40.42
C THR D 87 -9.97 3.57 -39.69
N SER D 88 -8.81 4.13 -39.34
CA SER D 88 -8.77 5.41 -38.64
C SER D 88 -9.34 6.53 -39.50
N PHE D 89 -8.94 6.59 -40.77
CA PHE D 89 -9.46 7.63 -41.65
C PHE D 89 -10.97 7.48 -41.85
N CYS D 90 -11.45 6.26 -42.04
CA CYS D 90 -12.88 6.05 -42.27
C CYS D 90 -13.68 6.38 -41.01
N SER D 91 -13.16 6.04 -39.83
CA SER D 91 -13.86 6.37 -38.60
C SER D 91 -13.89 7.87 -38.36
N ALA D 92 -12.79 8.57 -38.65
CA ALA D 92 -12.74 10.01 -38.42
C ALA D 92 -13.51 10.80 -39.47
N LEU D 93 -13.51 10.33 -40.71
CA LEU D 93 -14.14 11.07 -41.80
C LEU D 93 -15.59 10.62 -42.04
N HIS D 94 -16.11 9.72 -41.21
CA HIS D 94 -17.51 9.33 -41.24
C HIS D 94 -17.92 8.65 -42.55
N ILE D 95 -16.99 7.92 -43.16
CA ILE D 95 -17.27 7.14 -44.36
C ILE D 95 -17.23 5.65 -43.99
N SER D 96 -18.30 4.94 -44.35
CA SER D 96 -18.37 3.50 -44.08
C SER D 96 -17.31 2.76 -44.88
N LEU D 97 -16.73 1.73 -44.27
CA LEU D 97 -15.62 0.98 -44.85
C LEU D 97 -15.99 -0.50 -44.88
N ILE D 98 -16.31 -1.01 -46.06
CA ILE D 98 -16.64 -2.42 -46.23
C ILE D 98 -15.38 -3.16 -46.67
N THR D 99 -14.93 -4.12 -45.85
CA THR D 99 -13.68 -4.83 -46.12
C THR D 99 -13.90 -6.33 -45.98
N PRO D 100 -13.51 -7.13 -46.97
CA PRO D 100 -13.50 -8.59 -46.81
C PRO D 100 -12.23 -9.17 -46.21
N SER D 101 -11.35 -8.33 -45.66
CA SER D 101 -10.10 -8.80 -45.08
C SER D 101 -10.32 -9.27 -43.64
N PHE D 102 -9.24 -9.48 -42.92
CA PHE D 102 -9.32 -10.02 -41.57
C PHE D 102 -10.06 -9.03 -40.66
N PRO D 103 -10.92 -9.53 -39.77
CA PRO D 103 -11.59 -8.64 -38.82
C PRO D 103 -10.63 -8.06 -37.80
N THR D 104 -10.99 -6.91 -37.26
CA THR D 104 -10.19 -6.22 -36.26
C THR D 104 -10.78 -6.49 -34.88
N GLU D 105 -9.96 -7.00 -33.97
CA GLU D 105 -10.40 -7.30 -32.61
C GLU D 105 -10.44 -6.03 -31.76
N GLU D 107 -13.86 -2.70 -30.26
CA GLU D 107 -14.81 -1.67 -30.66
C GLU D 107 -14.32 -0.91 -31.89
N SER D 108 -15.23 -0.65 -32.82
CA SER D 108 -14.89 0.04 -34.05
C SER D 108 -16.15 0.67 -34.62
N GLN D 109 -15.94 1.65 -35.52
CA GLN D 109 -17.04 2.39 -36.12
C GLN D 109 -16.82 2.51 -37.63
N PHE D 110 -17.93 2.64 -38.36
CA PHE D 110 -17.91 2.88 -39.81
C PHE D 110 -17.17 1.79 -40.56
N VAL D 111 -17.19 0.56 -40.04
CA VAL D 111 -16.49 -0.56 -40.66
C VAL D 111 -17.44 -1.74 -40.73
N LEU D 112 -17.41 -2.46 -41.85
CA LEU D 112 -18.16 -3.69 -42.03
C LEU D 112 -17.20 -4.78 -42.46
N GLN D 113 -16.87 -5.68 -41.54
CA GLN D 113 -15.95 -6.78 -41.82
C GLN D 113 -16.75 -7.96 -42.32
N LEU D 114 -16.67 -8.21 -43.63
CA LEU D 114 -17.45 -9.30 -44.23
C LEU D 114 -16.92 -10.67 -43.84
N ARG D 115 -15.62 -10.78 -43.62
CA ARG D 115 -15.03 -12.07 -43.28
C ARG D 115 -15.41 -12.44 -41.86
N PRO D 116 -16.00 -13.63 -41.64
CA PRO D 116 -16.34 -14.04 -40.28
C PRO D 116 -15.10 -14.33 -39.45
N SER D 117 -15.23 -14.17 -38.14
CA SER D 117 -14.13 -14.42 -37.22
C SER D 117 -13.86 -15.92 -37.15
N LEU D 118 -12.69 -16.34 -37.61
CA LEU D 118 -12.33 -17.75 -37.62
C LEU D 118 -11.92 -18.26 -36.25
N ARG D 119 -11.77 -17.38 -35.27
CA ARG D 119 -11.30 -17.79 -33.95
C ARG D 119 -12.23 -18.80 -33.31
N GLY D 120 -13.54 -18.52 -33.34
CA GLY D 120 -14.49 -19.39 -32.67
C GLY D 120 -14.55 -20.78 -33.26
N ALA D 121 -14.58 -20.87 -34.59
CA ALA D 121 -14.63 -22.17 -35.24
C ALA D 121 -13.39 -23.01 -34.96
N LEU D 122 -12.21 -22.39 -35.02
CA LEU D 122 -10.97 -23.12 -34.76
C LEU D 122 -10.93 -23.63 -33.32
N LEU D 123 -11.33 -22.80 -32.36
CA LEU D 123 -11.34 -23.23 -30.97
C LEU D 123 -12.29 -24.39 -30.74
N SER D 124 -13.48 -24.34 -31.35
CA SER D 124 -14.44 -25.43 -31.20
C SER D 124 -13.92 -26.72 -31.81
N LEU D 125 -13.28 -26.64 -32.98
CA LEU D 125 -12.72 -27.82 -33.61
C LEU D 125 -11.62 -28.44 -32.76
N LEU D 126 -10.75 -27.60 -32.19
CA LEU D 126 -9.69 -28.12 -31.32
C LEU D 126 -10.27 -28.81 -30.09
N ASP D 127 -11.32 -28.23 -29.51
CA ASP D 127 -11.97 -28.84 -28.35
C ASP D 127 -12.58 -30.19 -28.72
N HIS D 128 -13.23 -30.27 -29.88
CA HIS D 128 -13.86 -31.52 -30.29
C HIS D 128 -12.82 -32.61 -30.53
N TYR D 129 -11.71 -32.26 -31.17
CA TYR D 129 -10.67 -33.24 -31.45
C TYR D 129 -9.78 -33.54 -30.25
N GLU D 130 -9.99 -32.85 -29.13
CA GLU D 130 -9.28 -33.11 -27.89
C GLU D 130 -7.77 -32.98 -28.09
N TRP D 131 -7.36 -31.99 -28.86
CA TRP D 131 -5.94 -31.75 -29.09
C TRP D 131 -5.29 -31.14 -27.86
N ASN D 132 -4.16 -31.68 -27.44
CA ASN D 132 -3.41 -31.20 -26.28
C ASN D 132 -2.06 -30.61 -26.65
N CYS D 133 -1.31 -31.28 -27.53
CA CYS D 133 -0.02 -30.78 -27.99
C CYS D 133 -0.02 -30.73 -29.51
N PHE D 134 0.39 -29.61 -30.06
CA PHE D 134 0.45 -29.43 -31.51
C PHE D 134 1.39 -28.27 -31.82
N VAL D 135 1.61 -28.05 -33.11
CA VAL D 135 2.40 -26.93 -33.59
C VAL D 135 1.47 -25.95 -34.30
N PHE D 136 1.94 -24.71 -34.42
CA PHE D 136 1.12 -23.60 -34.90
C PHE D 136 1.88 -22.84 -35.98
N LEU D 137 2.21 -23.53 -37.08
CA LEU D 137 2.82 -22.86 -38.22
C LEU D 137 1.91 -21.73 -38.68
N TYR D 138 2.37 -20.50 -38.52
CA TYR D 138 1.52 -19.34 -38.75
C TYR D 138 2.35 -18.18 -39.29
N ASP D 139 1.65 -17.19 -39.82
CA ASP D 139 2.23 -15.91 -40.21
C ASP D 139 1.44 -14.79 -39.54
N THR D 140 1.91 -13.56 -39.72
CA THR D 140 1.29 -12.40 -39.10
C THR D 140 0.56 -11.53 -40.10
N ASP D 141 0.36 -12.01 -41.33
CA ASP D 141 -0.24 -11.18 -42.37
C ASP D 141 -1.66 -10.77 -42.01
N ARG D 142 -2.44 -11.69 -41.46
CA ARG D 142 -3.84 -11.42 -41.09
C ARG D 142 -3.99 -10.94 -39.65
N GLY D 143 -2.89 -10.71 -38.95
CA GLY D 143 -2.94 -10.17 -37.61
C GLY D 143 -2.83 -11.25 -36.54
N TYR D 144 -2.62 -10.78 -35.31
CA TYR D 144 -2.44 -11.67 -34.16
C TYR D 144 -3.78 -11.86 -33.42
N SER D 145 -4.77 -12.35 -34.17
CA SER D 145 -6.06 -12.66 -33.58
C SER D 145 -6.21 -14.14 -33.27
N ILE D 146 -5.86 -15.01 -34.22
CA ILE D 146 -5.90 -16.44 -33.97
C ILE D 146 -4.80 -16.85 -33.01
N LEU D 147 -3.60 -16.28 -33.19
CA LEU D 147 -2.46 -16.66 -32.36
C LEU D 147 -2.71 -16.36 -30.89
N GLN D 148 -3.21 -15.15 -30.60
CA GLN D 148 -3.47 -14.78 -29.22
C GLN D 148 -4.50 -15.69 -28.58
N ALA D 149 -5.57 -16.01 -29.33
CA ALA D 149 -6.59 -16.90 -28.80
C ALA D 149 -6.05 -18.29 -28.53
N ILE D 150 -5.22 -18.82 -29.44
CA ILE D 150 -4.65 -20.14 -29.23
C ILE D 150 -3.74 -20.14 -28.01
N MET D 151 -2.90 -19.12 -27.87
CA MET D 151 -2.01 -19.06 -26.72
C MET D 151 -2.79 -18.90 -25.42
N GLU D 152 -3.82 -18.06 -25.43
CA GLU D 152 -4.62 -17.86 -24.23
C GLU D 152 -5.39 -19.14 -23.86
N LYS D 153 -5.96 -19.81 -24.88
CA LYS D 153 -6.65 -21.07 -24.62
C LYS D 153 -5.70 -22.13 -24.10
N ALA D 154 -4.49 -22.18 -24.67
CA ALA D 154 -3.49 -23.13 -24.18
C ALA D 154 -3.11 -22.86 -22.74
N GLY D 155 -2.94 -21.58 -22.39
CA GLY D 155 -2.61 -21.24 -21.02
C GLY D 155 -3.72 -21.61 -20.05
N GLN D 156 -4.97 -21.42 -20.43
CA GLN D 156 -6.10 -21.77 -19.59
C GLN D 156 -6.40 -23.26 -19.60
N ASN D 157 -5.81 -24.03 -20.51
CA ASN D 157 -6.05 -25.46 -20.58
C ASN D 157 -4.79 -26.30 -20.42
N GLY D 158 -3.63 -25.68 -20.22
CA GLY D 158 -2.40 -26.42 -20.02
C GLY D 158 -1.95 -27.21 -21.23
N TRP D 159 -1.99 -26.61 -22.41
CA TRP D 159 -1.58 -27.27 -23.63
C TRP D 159 -0.08 -27.12 -23.86
N HIS D 160 0.50 -28.08 -24.57
CA HIS D 160 1.90 -28.05 -24.96
C HIS D 160 1.98 -27.58 -26.41
N VAL D 161 1.79 -26.28 -26.60
CA VAL D 161 1.76 -25.67 -27.92
C VAL D 161 3.15 -25.20 -28.31
N SER D 162 3.46 -25.29 -29.59
CA SER D 162 4.74 -24.81 -30.14
C SER D 162 4.42 -23.87 -31.31
N ALA D 163 4.37 -22.57 -31.03
CA ALA D 163 4.06 -21.59 -32.05
C ALA D 163 5.31 -21.31 -32.89
N ILE D 164 5.18 -21.44 -34.20
CA ILE D 164 6.30 -21.31 -35.14
C ILE D 164 5.91 -20.29 -36.20
N CYS D 165 6.61 -19.16 -36.21
CA CYS D 165 6.45 -18.18 -37.27
C CYS D 165 7.19 -18.64 -38.52
N VAL D 166 6.55 -18.48 -39.67
CA VAL D 166 7.16 -18.93 -40.92
C VAL D 166 7.26 -17.78 -41.91
N GLU D 167 7.33 -16.55 -41.39
CA GLU D 167 7.55 -15.40 -42.25
C GLU D 167 8.99 -15.38 -42.73
N ASN D 168 9.19 -14.96 -43.98
CA ASN D 168 10.51 -14.84 -44.58
C ASN D 168 11.27 -16.16 -44.54
N PHE D 169 10.59 -17.23 -44.97
CA PHE D 169 11.16 -18.57 -45.01
C PHE D 169 11.43 -18.98 -46.45
N ASN D 170 12.62 -19.51 -46.69
CA ASN D 170 12.99 -20.09 -47.98
C ASN D 170 13.04 -21.61 -47.85
N ASP D 171 13.34 -22.27 -48.98
CA ASP D 171 13.32 -23.73 -49.02
C ASP D 171 14.23 -24.32 -47.95
N VAL D 172 15.37 -23.69 -47.70
CA VAL D 172 16.26 -24.14 -46.62
C VAL D 172 15.56 -23.98 -45.27
N SER D 173 14.85 -22.86 -45.09
CA SER D 173 14.15 -22.64 -43.82
C SER D 173 13.07 -23.68 -43.58
N TYR D 174 12.28 -23.99 -44.60
CA TYR D 174 11.25 -25.02 -44.45
C TYR D 174 11.88 -26.38 -44.18
N ARG D 175 12.99 -26.69 -44.87
CA ARG D 175 13.67 -27.95 -44.64
C ARG D 175 14.20 -28.05 -43.21
N GLN D 176 14.80 -26.95 -42.71
CA GLN D 176 15.30 -26.94 -41.34
C GLN D 176 14.16 -27.06 -40.35
N LEU D 177 13.05 -26.36 -40.60
CA LEU D 177 11.89 -26.44 -39.72
C LEU D 177 11.31 -27.85 -39.71
N LEU D 178 11.23 -28.49 -40.89
CA LEU D 178 10.71 -29.85 -40.97
C LEU D 178 11.60 -30.82 -40.23
N GLU D 179 12.92 -30.67 -40.34
CA GLU D 179 13.84 -31.55 -39.62
C GLU D 179 13.68 -31.38 -38.11
N GLU D 180 13.52 -30.15 -37.64
CA GLU D 180 13.31 -29.91 -36.22
C GLU D 180 12.01 -30.55 -35.74
N LEU D 181 10.95 -30.44 -36.55
CA LEU D 181 9.68 -31.06 -36.19
C LEU D 181 9.81 -32.58 -36.14
N ASP D 182 10.55 -33.17 -37.09
CA ASP D 182 10.78 -34.61 -37.06
C ASP D 182 11.56 -35.01 -35.81
N ARG D 183 12.56 -34.21 -35.42
CA ARG D 183 13.29 -34.47 -34.19
C ARG D 183 12.36 -34.41 -32.98
N ARG D 184 11.45 -33.44 -32.96
CA ARG D 184 10.46 -33.36 -31.90
C ARG D 184 9.31 -34.35 -32.09
N GLN D 185 9.22 -34.98 -33.26
CA GLN D 185 8.20 -35.98 -33.55
C GLN D 185 6.79 -35.42 -33.35
N GLU D 186 6.59 -34.18 -33.79
CA GLU D 186 5.27 -33.56 -33.69
C GLU D 186 4.33 -34.18 -34.72
N LYS D 187 3.12 -34.56 -34.25
CA LYS D 187 2.16 -35.27 -35.09
C LYS D 187 0.98 -34.41 -35.50
N LYS D 188 0.64 -33.37 -34.74
CA LYS D 188 -0.54 -32.55 -34.98
C LYS D 188 -0.11 -31.15 -35.37
N PHE D 189 -0.64 -30.67 -36.50
CA PHE D 189 -0.25 -29.39 -37.09
C PHE D 189 -1.47 -28.50 -37.23
N VAL D 190 -1.28 -27.21 -36.99
CA VAL D 190 -2.28 -26.19 -37.31
C VAL D 190 -1.59 -25.16 -38.20
N ILE D 191 -2.13 -24.94 -39.39
CA ILE D 191 -1.51 -24.10 -40.41
C ILE D 191 -2.39 -22.88 -40.63
N ASP D 192 -1.84 -21.70 -40.38
CA ASP D 192 -2.55 -20.43 -40.54
C ASP D 192 -1.64 -19.47 -41.32
N CYS D 193 -1.74 -19.48 -42.64
CA CYS D 193 -0.89 -18.66 -43.48
C CYS D 193 -1.68 -18.15 -44.67
N GLU D 194 -1.05 -17.28 -45.45
CA GLU D 194 -1.64 -16.80 -46.68
C GLU D 194 -1.69 -17.93 -47.71
N ILE D 195 -2.51 -17.73 -48.74
CA ILE D 195 -2.81 -18.79 -49.69
C ILE D 195 -1.53 -19.27 -50.38
N GLU D 196 -0.71 -18.32 -50.84
CA GLU D 196 0.54 -18.70 -51.50
C GLU D 196 1.46 -19.44 -50.54
N ARG D 197 1.53 -18.99 -49.29
CA ARG D 197 2.34 -19.70 -48.30
C ARG D 197 1.77 -21.08 -48.00
N LEU D 198 0.45 -21.24 -48.08
CA LEU D 198 -0.15 -22.56 -47.90
C LEU D 198 0.33 -23.54 -48.97
N GLN D 199 0.36 -23.10 -50.23
CA GLN D 199 0.87 -23.96 -51.29
C GLN D 199 2.33 -24.32 -51.05
N ASN D 200 3.14 -23.34 -50.63
CA ASN D 200 4.55 -23.61 -50.37
C ASN D 200 4.72 -24.63 -49.25
N ILE D 201 3.96 -24.45 -48.16
CA ILE D 201 4.06 -25.37 -47.03
C ILE D 201 3.58 -26.76 -47.42
N LEU D 202 2.46 -26.84 -48.15
CA LEU D 202 1.91 -28.13 -48.53
C LEU D 202 2.84 -28.88 -49.49
N GLU D 203 3.41 -28.18 -50.47
CA GLU D 203 4.31 -28.84 -51.41
C GLU D 203 5.59 -29.29 -50.71
N GLN D 204 6.11 -28.48 -49.79
CA GLN D 204 7.31 -28.89 -49.05
C GLN D 204 7.02 -30.09 -48.17
N ILE D 205 5.85 -30.14 -47.54
CA ILE D 205 5.49 -31.25 -46.68
C ILE D 205 5.35 -32.54 -47.49
N VAL D 206 4.67 -32.47 -48.64
CA VAL D 206 4.48 -33.66 -49.46
C VAL D 206 5.80 -34.13 -50.04
N SER D 207 6.75 -33.21 -50.27
CA SER D 207 8.05 -33.61 -50.79
C SER D 207 8.89 -34.27 -49.71
N VAL D 208 8.86 -33.73 -48.49
CA VAL D 208 9.73 -34.25 -47.43
C VAL D 208 9.21 -35.59 -46.92
N GLY D 209 7.91 -35.84 -47.05
CA GLY D 209 7.37 -37.14 -46.71
C GLY D 209 6.52 -37.21 -45.44
N LYS D 210 5.73 -36.18 -45.18
CA LYS D 210 4.75 -36.18 -44.11
C LYS D 210 3.35 -35.90 -44.63
N HIS D 211 3.00 -36.53 -45.75
CA HIS D 211 1.68 -36.38 -46.36
C HIS D 211 0.78 -37.57 -46.07
N VAL D 212 1.14 -38.42 -45.11
CA VAL D 212 0.37 -39.63 -44.80
C VAL D 212 -0.85 -39.25 -43.95
N LYS D 213 -1.79 -40.20 -43.83
CA LYS D 213 -2.99 -39.95 -43.04
C LYS D 213 -2.73 -39.96 -41.55
N GLY D 214 -1.59 -40.48 -41.10
CA GLY D 214 -1.29 -40.50 -39.68
C GLY D 214 -1.12 -39.10 -39.10
N TYR D 215 -0.54 -38.20 -39.88
CA TYR D 215 -0.34 -36.83 -39.43
C TYR D 215 -1.62 -36.03 -39.65
N HIS D 216 -2.04 -35.29 -38.63
CA HIS D 216 -3.27 -34.51 -38.67
C HIS D 216 -2.94 -33.05 -38.93
N TYR D 217 -3.52 -32.48 -39.99
CA TYR D 217 -3.29 -31.10 -40.37
C TYR D 217 -4.60 -30.35 -40.36
N ILE D 218 -4.65 -29.26 -39.60
CA ILE D 218 -5.81 -28.37 -39.57
C ILE D 218 -5.45 -27.12 -40.36
N ILE D 219 -6.20 -26.82 -41.41
CA ILE D 219 -5.96 -25.66 -42.26
C ILE D 219 -6.87 -24.54 -41.79
N ALA D 220 -6.29 -23.52 -41.16
CA ALA D 220 -7.06 -22.43 -40.56
C ALA D 220 -7.34 -21.38 -41.62
N ASN D 221 -8.34 -21.65 -42.45
CA ASN D 221 -8.80 -20.70 -43.45
C ASN D 221 -10.23 -21.04 -43.83
N LEU D 222 -10.85 -20.12 -44.58
CA LEU D 222 -12.22 -20.30 -45.05
C LEU D 222 -12.28 -20.78 -46.49
N GLY D 223 -11.13 -21.08 -47.09
CA GLY D 223 -11.08 -21.50 -48.48
C GLY D 223 -10.55 -22.91 -48.65
N PHE D 224 -11.01 -23.83 -47.80
CA PHE D 224 -10.48 -25.19 -47.80
C PHE D 224 -10.59 -25.83 -49.18
N LYS D 225 -11.73 -25.68 -49.84
CA LYS D 225 -11.89 -26.23 -51.18
C LYS D 225 -11.21 -25.41 -52.26
N ASP D 226 -10.78 -24.19 -51.93
CA ASP D 226 -10.10 -23.34 -52.90
C ASP D 226 -8.65 -23.73 -53.14
N ILE D 227 -8.10 -24.63 -52.33
CA ILE D 227 -6.72 -25.06 -52.43
C ILE D 227 -6.69 -26.55 -52.75
N SER D 228 -5.87 -26.94 -53.72
CA SER D 228 -5.81 -28.32 -54.19
C SER D 228 -5.03 -29.17 -53.21
N LEU D 229 -5.66 -30.24 -52.70
CA LEU D 229 -5.03 -31.17 -51.78
C LEU D 229 -5.03 -32.59 -52.34
N GLU D 230 -4.94 -32.72 -53.66
CA GLU D 230 -5.09 -34.03 -54.30
C GLU D 230 -4.02 -35.01 -53.86
N ARG D 231 -2.81 -34.52 -53.57
CA ARG D 231 -1.73 -35.40 -53.16
C ARG D 231 -1.99 -36.08 -51.83
N PHE D 232 -2.77 -35.43 -50.95
CA PHE D 232 -2.97 -35.98 -49.62
C PHE D 232 -3.90 -37.19 -49.62
N ILE D 233 -4.81 -37.28 -50.60
CA ILE D 233 -5.69 -38.46 -50.67
C ILE D 233 -4.86 -39.72 -50.89
N HIS D 234 -3.92 -39.67 -51.84
CA HIS D 234 -3.05 -40.82 -52.06
C HIS D 234 -2.17 -41.08 -50.84
N GLY D 235 -1.67 -40.02 -50.22
CA GLY D 235 -0.84 -40.16 -49.03
C GLY D 235 -1.65 -40.27 -47.76
N ASN D 238 -5.59 -37.48 -42.81
CA ASN D 238 -6.37 -36.70 -41.85
C ASN D 238 -6.09 -35.21 -41.99
N VAL D 239 -6.87 -34.54 -42.83
CA VAL D 239 -6.76 -33.10 -43.03
C VAL D 239 -8.14 -32.49 -42.87
N THR D 240 -8.26 -31.51 -41.98
CA THR D 240 -9.52 -30.85 -41.70
C THR D 240 -9.42 -29.37 -42.07
N GLY D 241 -10.55 -28.78 -42.44
CA GLY D 241 -10.57 -27.38 -42.80
C GLY D 241 -11.97 -26.82 -42.73
N PHE D 242 -12.07 -25.51 -42.94
CA PHE D 242 -13.33 -24.79 -42.88
C PHE D 242 -13.67 -24.23 -44.25
N GLN D 243 -14.92 -24.42 -44.67
CA GLN D 243 -15.43 -23.87 -45.92
C GLN D 243 -16.56 -22.89 -45.60
N LEU D 244 -16.47 -21.69 -46.16
CA LEU D 244 -17.43 -20.64 -45.82
C LEU D 244 -18.66 -20.66 -46.72
N VAL D 245 -18.46 -20.80 -48.03
CA VAL D 245 -19.54 -20.70 -49.00
C VAL D 245 -19.96 -22.11 -49.41
N ASP D 246 -21.27 -22.34 -49.45
CA ASP D 246 -21.81 -23.62 -49.87
C ASP D 246 -22.02 -23.63 -51.38
N PHE D 247 -21.60 -24.70 -52.03
CA PHE D 247 -21.70 -24.84 -53.48
C PHE D 247 -23.00 -25.49 -53.92
N ASN D 248 -23.91 -25.77 -53.00
CA ASN D 248 -25.15 -26.48 -53.28
C ASN D 248 -26.36 -25.59 -53.01
N THR D 249 -26.29 -24.33 -53.44
CA THR D 249 -27.40 -23.40 -53.29
C THR D 249 -27.72 -22.79 -54.65
N PRO D 250 -28.99 -22.38 -54.87
CA PRO D 250 -29.35 -21.82 -56.17
C PRO D 250 -28.56 -20.57 -56.56
N MET D 251 -28.22 -19.71 -55.59
CA MET D 251 -27.54 -18.46 -55.93
C MET D 251 -26.09 -18.70 -56.34
N VAL D 252 -25.39 -19.62 -55.66
CA VAL D 252 -24.04 -19.94 -56.09
C VAL D 252 -24.06 -20.67 -57.42
N THR D 253 -25.14 -21.39 -57.71
CA THR D 253 -25.30 -22.02 -59.02
C THR D 253 -25.39 -20.97 -60.11
N LYS D 254 -26.14 -19.89 -59.87
CA LYS D 254 -26.17 -18.79 -60.82
C LYS D 254 -24.80 -18.15 -60.99
N LEU D 255 -24.07 -17.97 -59.89
CA LEU D 255 -22.73 -17.40 -60.00
C LEU D 255 -21.82 -18.31 -60.81
N MET D 256 -21.94 -19.63 -60.64
CA MET D 256 -21.11 -20.55 -61.40
C MET D 256 -21.45 -20.54 -62.88
N ASP D 257 -22.74 -20.63 -63.22
CA ASP D 257 -23.09 -20.70 -64.63
C ASP D 257 -22.91 -19.36 -65.34
N ARG D 258 -22.75 -18.27 -64.59
CA ARG D 258 -22.27 -17.01 -65.15
C ARG D 258 -20.75 -16.89 -65.10
N TRP D 259 -20.09 -17.65 -64.23
CA TRP D 259 -18.64 -17.61 -64.12
C TRP D 259 -17.96 -18.40 -65.24
N LYS D 260 -18.68 -19.33 -65.88
CA LYS D 260 -18.09 -20.13 -66.94
C LYS D 260 -17.72 -19.29 -68.16
N LYS D 261 -18.24 -18.07 -68.26
CA LYS D 261 -17.85 -17.18 -69.35
C LYS D 261 -16.38 -16.83 -69.23
N LEU D 262 -15.55 -17.42 -70.09
CA LEU D 262 -14.09 -17.33 -69.96
C LEU D 262 -13.57 -16.12 -70.75
N ASP D 263 -13.93 -14.94 -70.25
CA ASP D 263 -13.39 -13.69 -70.78
C ASP D 263 -12.17 -13.27 -69.96
N GLN D 264 -11.17 -14.15 -69.95
CA GLN D 264 -9.96 -13.91 -69.17
C GLN D 264 -9.21 -12.68 -69.66
N ARG D 265 -9.44 -12.25 -70.91
CA ARG D 265 -8.83 -11.00 -71.38
C ARG D 265 -9.33 -9.81 -70.58
N GLU D 266 -10.61 -9.82 -70.21
CA GLU D 266 -11.20 -8.74 -69.43
C GLU D 266 -11.50 -9.13 -67.99
N TYR D 267 -11.55 -10.43 -67.68
CA TYR D 267 -11.84 -10.92 -66.33
C TYR D 267 -10.77 -11.92 -65.95
N PRO D 268 -9.58 -11.45 -65.54
CA PRO D 268 -8.51 -12.38 -65.17
C PRO D 268 -8.87 -13.21 -63.95
N GLY D 269 -8.40 -14.46 -63.95
CA GLY D 269 -8.66 -15.37 -62.86
C GLY D 269 -9.97 -16.14 -62.95
N SER D 270 -10.81 -15.84 -63.94
CA SER D 270 -12.11 -16.50 -64.07
C SER D 270 -11.99 -17.97 -64.49
N GLU D 271 -10.79 -18.42 -64.88
CA GLU D 271 -10.62 -19.80 -65.31
C GLU D 271 -10.83 -20.80 -64.17
N THR D 272 -10.72 -20.37 -62.92
CA THR D 272 -10.87 -21.23 -61.77
C THR D 272 -12.09 -20.83 -60.96
N PRO D 273 -12.67 -21.76 -60.18
CA PRO D 273 -13.79 -21.40 -59.33
C PRO D 273 -13.39 -20.32 -58.35
N PRO D 274 -14.31 -19.41 -58.01
CA PRO D 274 -13.94 -18.27 -57.17
C PRO D 274 -13.48 -18.70 -55.79
N LYS D 275 -12.49 -17.99 -55.26
CA LYS D 275 -12.01 -18.24 -53.92
C LYS D 275 -12.95 -17.61 -52.89
N TYR D 276 -12.71 -17.93 -51.62
CA TYR D 276 -13.58 -17.42 -50.56
C TYR D 276 -13.53 -15.91 -50.48
N THR D 277 -12.37 -15.30 -50.76
CA THR D 277 -12.29 -13.84 -50.78
C THR D 277 -13.12 -13.26 -51.91
N SER D 278 -13.15 -13.93 -53.06
CA SER D 278 -13.97 -13.47 -54.17
C SER D 278 -15.46 -13.49 -53.80
N ALA D 279 -15.90 -14.55 -53.13
CA ALA D 279 -17.29 -14.61 -52.68
C ALA D 279 -17.61 -13.49 -51.71
N LEU D 280 -16.68 -13.18 -50.80
CA LEU D 280 -16.89 -12.09 -49.85
C LEU D 280 -16.99 -10.74 -50.58
N THR D 281 -16.16 -10.53 -51.61
CA THR D 281 -16.24 -9.30 -52.38
C THR D 281 -17.58 -9.20 -53.09
N TYR D 282 -18.05 -10.30 -53.68
CA TYR D 282 -19.37 -10.30 -54.33
C TYR D 282 -20.46 -9.97 -53.33
N ASP D 283 -20.40 -10.57 -52.14
CA ASP D 283 -21.39 -10.31 -51.10
C ASP D 283 -21.36 -8.85 -50.64
N GLY D 284 -20.17 -8.26 -50.57
CA GLY D 284 -20.08 -6.85 -50.20
C GLY D 284 -20.76 -5.94 -51.21
N VAL D 285 -20.66 -6.26 -52.49
CA VAL D 285 -21.37 -5.50 -53.52
C VAL D 285 -22.87 -5.56 -53.28
N LEU D 286 -23.39 -6.76 -52.99
CA LEU D 286 -24.82 -6.90 -52.70
C LEU D 286 -25.22 -6.09 -51.46
N VAL D 287 -24.36 -6.07 -50.43
CA VAL D 287 -24.67 -5.30 -49.23
C VAL D 287 -24.78 -3.82 -49.57
N MET D 288 -23.84 -3.30 -50.36
CA MET D 288 -23.89 -1.89 -50.75
C MET D 288 -25.12 -1.60 -51.60
N ALA D 289 -25.45 -2.49 -52.53
CA ALA D 289 -26.64 -2.31 -53.35
C ALA D 289 -27.91 -2.32 -52.51
N GLU D 290 -28.01 -3.28 -51.58
CA GLU D 290 -29.21 -3.38 -50.75
C GLU D 290 -29.39 -2.18 -49.84
N THR D 291 -28.29 -1.68 -49.26
CA THR D 291 -28.40 -0.54 -48.35
C THR D 291 -28.69 0.76 -49.10
N PHE D 292 -28.22 0.89 -50.34
CA PHE D 292 -28.60 2.04 -51.15
C PHE D 292 -30.08 2.01 -51.46
N ARG D 293 -30.64 0.83 -51.72
CA ARG D 293 -32.08 0.69 -51.88
C ARG D 293 -32.80 1.10 -50.61
N SER D 294 -32.26 0.74 -49.45
CA SER D 294 -32.89 1.11 -48.18
C SER D 294 -32.88 2.62 -47.98
N LEU D 295 -31.74 3.27 -48.27
CA LEU D 295 -31.68 4.73 -48.15
C LEU D 295 -32.65 5.41 -49.11
N ARG D 296 -32.72 4.91 -50.35
CA ARG D 296 -33.67 5.48 -51.30
C ARG D 296 -35.10 5.26 -50.85
N ARG D 297 -35.38 4.09 -50.26
CA ARG D 297 -36.73 3.82 -49.76
C ARG D 297 -37.08 4.78 -48.63
N GLN D 298 -36.13 5.08 -47.76
CA GLN D 298 -36.36 6.00 -46.65
C GLN D 298 -36.41 7.46 -47.10
N LYS D 299 -36.32 7.71 -48.41
CA LYS D 299 -36.39 9.06 -48.97
C LYS D 299 -35.34 9.98 -48.36
N ILE D 300 -34.13 9.47 -48.19
CA ILE D 300 -33.00 10.24 -47.69
C ILE D 300 -32.09 10.55 -48.86
N ASP D 301 -32.06 11.82 -49.27
CA ASP D 301 -31.25 12.23 -50.41
C ASP D 301 -29.79 12.34 -49.96
N ILE D 302 -29.00 11.33 -50.32
CA ILE D 302 -27.60 11.28 -49.92
C ILE D 302 -26.78 12.19 -50.83
N SER D 303 -26.07 13.14 -50.23
CA SER D 303 -25.24 14.07 -50.98
C SER D 303 -24.18 14.65 -50.04
N ARG D 304 -22.98 14.84 -50.58
CA ARG D 304 -21.80 15.35 -49.86
C ARG D 304 -21.81 15.12 -48.35
N GLY D 309 -15.72 18.30 -50.03
CA GLY D 309 -14.63 18.51 -49.10
C GLY D 309 -13.36 17.78 -49.49
N ASP D 310 -12.31 18.00 -48.72
CA ASP D 310 -11.02 17.36 -48.98
C ASP D 310 -10.45 16.83 -47.67
N CYS D 311 -9.58 15.83 -47.79
CA CYS D 311 -8.94 15.24 -46.62
C CYS D 311 -7.95 16.22 -45.99
N LEU D 312 -7.63 15.96 -44.73
CA LEU D 312 -6.69 16.78 -43.96
C LEU D 312 -7.12 18.24 -43.92
N ALA D 313 -8.42 18.46 -43.75
CA ALA D 313 -8.98 19.82 -43.70
C ALA D 313 -8.54 20.54 -42.43
N PRO D 315 -11.50 20.54 -39.45
CA PRO D 315 -10.42 19.60 -39.14
C PRO D 315 -10.82 18.15 -39.35
N ALA D 316 -12.11 17.86 -39.21
CA ALA D 316 -12.64 16.52 -39.39
C ALA D 316 -13.62 16.39 -40.54
N ALA D 317 -14.33 17.45 -40.89
CA ALA D 317 -15.34 17.43 -41.94
C ALA D 317 -16.35 16.31 -41.74
N PRO D 318 -17.15 16.36 -40.68
CA PRO D 318 -18.10 15.29 -40.42
C PRO D 318 -19.20 15.24 -41.48
N TRP D 319 -19.71 14.03 -41.71
CA TRP D 319 -20.80 13.80 -42.66
C TRP D 319 -22.06 13.51 -41.87
N GLY D 320 -23.03 14.42 -41.95
CA GLY D 320 -24.26 14.25 -41.20
C GLY D 320 -25.04 13.01 -41.63
N GLN D 321 -25.13 12.77 -42.93
CA GLN D 321 -25.80 11.57 -43.43
C GLN D 321 -24.98 10.31 -43.23
N GLY D 322 -23.71 10.44 -42.85
CA GLY D 322 -22.87 9.27 -42.68
C GLY D 322 -23.30 8.37 -41.53
N ILE D 323 -23.81 8.96 -40.45
CA ILE D 323 -24.17 8.16 -39.28
C ILE D 323 -25.38 7.27 -39.59
N ASP D 324 -26.42 7.84 -40.19
CA ASP D 324 -27.59 7.05 -40.53
C ASP D 324 -27.26 6.02 -41.60
N MET D 325 -26.44 6.41 -42.58
CA MET D 325 -26.00 5.46 -43.60
C MET D 325 -25.19 4.32 -42.98
N GLU D 326 -24.30 4.65 -42.04
CA GLU D 326 -23.53 3.61 -41.35
C GLU D 326 -24.44 2.66 -40.59
N ARG D 327 -25.47 3.19 -39.92
CA ARG D 327 -26.39 2.33 -39.18
C ARG D 327 -27.17 1.42 -40.12
N THR D 328 -27.58 1.94 -41.28
CA THR D 328 -28.30 1.11 -42.25
C THR D 328 -27.43 -0.05 -42.74
N LEU D 329 -26.15 0.21 -42.98
CA LEU D 329 -25.23 -0.88 -43.30
C LEU D 329 -25.18 -1.91 -42.17
N LYS D 330 -25.10 -1.44 -40.93
CA LYS D 330 -24.96 -2.34 -39.79
C LYS D 330 -26.24 -3.10 -39.46
N GLN D 331 -27.37 -2.75 -40.06
CA GLN D 331 -28.62 -3.46 -39.82
C GLN D 331 -29.13 -4.22 -41.05
N VAL D 332 -28.28 -4.44 -42.05
CA VAL D 332 -28.71 -5.17 -43.23
C VAL D 332 -28.74 -6.67 -42.91
N ARG D 333 -29.63 -7.40 -43.59
CA ARG D 333 -29.75 -8.84 -43.40
C ARG D 333 -30.24 -9.44 -44.71
N ILE D 334 -29.32 -10.05 -45.46
CA ILE D 334 -29.63 -10.65 -46.75
C ILE D 334 -29.17 -12.10 -46.73
N GLN D 335 -29.46 -12.81 -47.82
CA GLN D 335 -29.00 -14.17 -48.03
C GLN D 335 -28.02 -14.15 -49.21
N GLY D 336 -26.72 -14.08 -48.89
CA GLY D 336 -25.69 -14.04 -49.89
C GLY D 336 -24.91 -15.33 -49.98
N LEU D 337 -23.78 -15.25 -50.69
CA LEU D 337 -22.94 -16.43 -50.90
C LEU D 337 -22.48 -17.03 -49.57
N THR D 338 -22.22 -16.17 -48.58
CA THR D 338 -21.81 -16.63 -47.26
C THR D 338 -22.99 -16.84 -46.31
N GLY D 339 -24.18 -17.10 -46.85
CA GLY D 339 -25.33 -17.39 -46.03
C GLY D 339 -26.06 -16.17 -45.53
N ASN D 340 -26.51 -16.21 -44.27
CA ASN D 340 -27.27 -15.12 -43.67
C ASN D 340 -26.32 -13.98 -43.35
N VAL D 341 -26.14 -13.07 -44.31
CA VAL D 341 -25.25 -11.93 -44.14
C VAL D 341 -25.95 -10.91 -43.24
N GLN D 342 -25.49 -10.81 -42.00
CA GLN D 342 -26.04 -9.84 -41.06
C GLN D 342 -24.92 -9.38 -40.14
N PHE D 343 -24.96 -8.10 -39.76
CA PHE D 343 -23.94 -7.50 -38.91
C PHE D 343 -24.57 -7.01 -37.62
N ASP D 344 -23.79 -7.05 -36.55
CA ASP D 344 -24.21 -6.52 -35.26
C ASP D 344 -23.88 -5.02 -35.22
N HIS D 345 -23.98 -4.42 -34.04
CA HIS D 345 -23.70 -3.00 -33.89
C HIS D 345 -22.21 -2.69 -33.87
N TYR D 346 -21.35 -3.71 -33.86
CA TYR D 346 -19.90 -3.50 -33.88
C TYR D 346 -19.29 -3.66 -35.26
N GLY D 347 -20.09 -4.01 -36.28
CA GLY D 347 -19.59 -4.19 -37.62
C GLY D 347 -19.15 -5.61 -37.94
N ARG D 348 -19.07 -6.49 -36.95
CA ARG D 348 -18.65 -7.85 -37.19
C ARG D 348 -19.78 -8.65 -37.85
N ARG D 349 -19.50 -9.90 -38.18
CA ARG D 349 -20.49 -10.78 -38.78
C ARG D 349 -21.22 -11.57 -37.70
N VAL D 350 -22.54 -11.64 -37.80
CA VAL D 350 -23.36 -12.39 -36.87
C VAL D 350 -24.33 -13.25 -37.67
N ASN D 351 -24.83 -14.30 -37.02
CA ASN D 351 -25.77 -15.24 -37.64
C ASN D 351 -25.18 -15.86 -38.91
N TYR D 352 -23.96 -16.39 -38.78
CA TYR D 352 -23.25 -17.00 -39.88
C TYR D 352 -22.88 -18.43 -39.52
N THR D 353 -22.68 -19.25 -40.55
CA THR D 353 -22.28 -20.64 -40.37
C THR D 353 -21.26 -21.03 -41.43
N MET D 354 -20.45 -22.02 -41.11
CA MET D 354 -19.44 -22.53 -42.03
C MET D 354 -19.32 -24.04 -41.86
N ASP D 355 -19.13 -24.74 -42.96
CA ASP D 355 -19.03 -26.20 -42.93
C ASP D 355 -17.63 -26.64 -42.56
N VAL D 356 -17.54 -27.80 -41.92
CA VAL D 356 -16.27 -28.40 -41.54
C VAL D 356 -16.06 -29.62 -42.41
N PHE D 357 -15.03 -29.58 -43.25
CA PHE D 357 -14.72 -30.66 -44.18
C PHE D 357 -13.48 -31.42 -43.74
N GLU D 358 -13.59 -32.73 -43.66
CA GLU D 358 -12.47 -33.61 -43.38
C GLU D 358 -12.18 -34.45 -44.61
N LEU D 359 -10.90 -34.55 -44.98
CA LEU D 359 -10.53 -35.24 -46.21
C LEU D 359 -10.65 -36.75 -46.03
N LYS D 360 -11.22 -37.41 -47.05
CA LYS D 360 -11.36 -38.86 -47.03
C LYS D 360 -10.83 -39.47 -48.32
N SER D 361 -11.00 -40.78 -48.47
CA SER D 361 -10.52 -41.47 -49.67
C SER D 361 -11.21 -40.95 -50.93
N THR D 362 -12.52 -40.74 -50.86
CA THR D 362 -13.25 -40.21 -51.99
C THR D 362 -13.04 -38.72 -52.20
N GLY D 363 -12.42 -38.04 -51.24
CA GLY D 363 -12.21 -36.61 -51.33
C GLY D 363 -12.68 -35.91 -50.08
N PRO D 364 -12.94 -34.60 -50.19
CA PRO D 364 -13.48 -33.87 -49.05
C PRO D 364 -14.88 -34.34 -48.70
N ARG D 365 -15.12 -34.48 -47.40
CA ARG D 365 -16.42 -34.88 -46.89
C ARG D 365 -16.85 -33.94 -45.78
N LYS D 366 -18.12 -33.58 -45.77
CA LYS D 366 -18.65 -32.70 -44.73
C LYS D 366 -18.96 -33.49 -43.48
N VAL D 367 -18.29 -33.15 -42.39
CA VAL D 367 -18.53 -33.81 -41.10
C VAL D 367 -19.58 -33.05 -40.31
N GLY D 368 -19.48 -31.73 -40.29
CA GLY D 368 -20.43 -30.91 -39.57
C GLY D 368 -20.32 -29.47 -40.01
N TYR D 369 -20.95 -28.59 -39.24
CA TYR D 369 -20.88 -27.17 -39.49
C TYR D 369 -20.87 -26.41 -38.17
N TRP D 370 -20.29 -25.22 -38.21
CA TRP D 370 -20.09 -24.39 -37.03
C TRP D 370 -20.81 -23.07 -37.22
N ASN D 371 -21.61 -22.68 -36.23
CA ASN D 371 -22.29 -21.39 -36.26
C ASN D 371 -22.17 -20.75 -34.88
N ASP D 372 -22.41 -19.44 -34.83
CA ASP D 372 -22.16 -18.66 -33.62
C ASP D 372 -23.17 -18.92 -32.52
N MET D 373 -24.28 -19.60 -32.80
CA MET D 373 -25.28 -19.86 -31.77
C MET D 373 -25.27 -21.30 -31.24
N ASP D 374 -24.93 -22.28 -32.07
CA ASP D 374 -24.87 -23.66 -31.63
C ASP D 374 -23.45 -24.21 -31.59
N LYS D 375 -22.44 -23.36 -31.76
CA LYS D 375 -21.03 -23.75 -31.78
C LYS D 375 -20.86 -24.79 -32.88
N LEU D 376 -20.20 -25.92 -32.62
CA LEU D 376 -19.96 -26.94 -33.64
C LEU D 376 -20.91 -28.11 -33.43
N VAL D 377 -21.62 -28.48 -34.48
CA VAL D 377 -22.53 -29.63 -34.48
C VAL D 377 -22.11 -30.57 -35.60
N LEU D 378 -21.96 -31.85 -35.27
CA LEU D 378 -21.44 -32.83 -36.20
C LEU D 378 -22.53 -33.82 -36.61
N ILE D 379 -22.45 -34.26 -37.85
CA ILE D 379 -23.42 -35.21 -38.39
C ILE D 379 -23.07 -36.61 -37.89
N GLN D 380 -24.05 -37.29 -37.29
CA GLN D 380 -23.85 -38.63 -36.77
C GLN D 380 -25.10 -39.46 -37.04
N ASP D 381 -24.92 -40.77 -37.06
CA ASP D 381 -26.03 -41.70 -37.30
C ASP D 381 -26.49 -42.34 -35.99
#